data_5JH9
#
_entry.id   5JH9
#
_cell.length_a   140.428
_cell.length_b   140.428
_cell.length_c   348.922
_cell.angle_alpha   90.00
_cell.angle_beta   90.00
_cell.angle_gamma   120.00
#
_symmetry.space_group_name_H-M   'H 3'
#
loop_
_entity.id
_entity.type
_entity.pdbx_description
1 polymer 'Vacuolar aminopeptidase 1'
2 non-polymer 'ZINC ION'
3 non-polymer 'CACODYLATE ION'
4 water water
#
_entity_poly.entity_id   1
_entity_poly.type   'polypeptide(L)'
_entity_poly.pdbx_seq_one_letter_code
;GPMEEQREILEQSKKTLQMLTVEPSKNNQIANEEKEKKENENSWCILEHNYEDIAQEFIDFIYKNPTTYHVVSFFAELLD
KHNFKYLSEKSNWQDSIGEDGGKFYTIRNGTNLSAFILGKNWRAEKGVGVIGSHVDALTVKLKPVSFKDTAEGYGRIAVA
PYGGTLNELWLDRDLGIGGRLLYKKKGTNEIKSALVDSTPLPVCRIPSLAPHFGKPAEGPFDKEDQTIPVIGFPTPDEEG
NEPPTDDEKKSPLFGKHCIHLLRYVAKLAGVEVSELIQMDLDLFDVQKGTIGGIGKHFLFAPRLDDRLCSFAAMIALICY
AKDVNTEESDLFSTVTLYDNEEIGSLTRQGAKGGLLESVVERSSSAFTKKPVDLHTVWANSIILSADVNHLYNPNFPEVY
LKNHFPVPNVGITLSLDPNGHMATDVVGTALVEELARRNGDKVQYFQIKNNSRSGGTIGPSLASQTGARTIDLGIAQLSM
HSIRAATGSKDVGLGVKFFNGFFKHWRSVYDEFGEL
;
_entity_poly.pdbx_strand_id   A,B,C,D
#
loop_
_chem_comp.id
_chem_comp.type
_chem_comp.name
_chem_comp.formula
CAC non-polymer 'CACODYLATE ION' 'C2 H6 As O2 -1'
ZN non-polymer 'ZINC ION' 'Zn 2'
#
# COMPACT_ATOMS: atom_id res chain seq x y z
N LYS A 35 -9.00 67.52 -13.58
CA LYS A 35 -8.22 66.55 -14.40
C LYS A 35 -8.19 65.16 -13.78
N GLU A 36 -7.91 65.09 -12.48
CA GLU A 36 -7.90 63.84 -11.73
C GLU A 36 -9.32 63.27 -11.56
N LYS A 37 -10.28 64.15 -11.30
CA LYS A 37 -11.70 63.76 -11.17
C LYS A 37 -12.30 63.29 -12.51
N LYS A 38 -11.90 63.92 -13.60
CA LYS A 38 -12.29 63.50 -14.95
C LYS A 38 -11.67 62.16 -15.35
N GLU A 39 -10.44 61.90 -14.90
CA GLU A 39 -9.76 60.62 -15.14
C GLU A 39 -10.37 59.47 -14.34
N ASN A 40 -10.78 59.74 -13.10
CA ASN A 40 -11.44 58.74 -12.24
C ASN A 40 -12.82 58.35 -12.77
N GLU A 41 -13.59 59.34 -13.22
CA GLU A 41 -14.91 59.10 -13.84
C GLU A 41 -14.81 58.25 -15.11
N ASN A 42 -13.78 58.47 -15.91
CA ASN A 42 -13.54 57.71 -17.14
C ASN A 42 -13.21 56.23 -16.89
N SER A 43 -12.38 55.96 -15.88
CA SER A 43 -11.94 54.60 -15.54
C SER A 43 -13.03 53.79 -14.84
N TRP A 44 -13.65 54.39 -13.83
CA TRP A 44 -14.71 53.71 -13.06
C TRP A 44 -16.01 53.54 -13.84
N CYS A 45 -16.43 54.59 -14.56
CA CYS A 45 -17.73 54.59 -15.26
C CYS A 45 -17.65 54.37 -16.78
N ILE A 46 -16.47 54.00 -17.28
CA ILE A 46 -16.23 53.66 -18.71
C ILE A 46 -16.77 54.76 -19.65
N LEU A 47 -16.47 56.01 -19.31
CA LEU A 47 -16.90 57.17 -20.10
C LEU A 47 -15.96 57.42 -21.29
N GLU A 48 -14.66 57.13 -21.10
CA GLU A 48 -13.65 57.28 -22.16
C GLU A 48 -13.27 55.94 -22.84
N HIS A 49 -14.15 54.93 -22.73
CA HIS A 49 -13.92 53.59 -23.30
C HIS A 49 -12.67 52.89 -22.74
N ASN A 50 -12.54 52.89 -21.41
CA ASN A 50 -11.44 52.22 -20.69
C ASN A 50 -11.97 51.06 -19.84
N TYR A 51 -11.83 49.84 -20.38
CA TYR A 51 -12.31 48.62 -19.73
C TYR A 51 -11.24 47.91 -18.87
N GLU A 52 -9.98 48.25 -19.07
CA GLU A 52 -8.87 47.64 -18.34
C GLU A 52 -8.89 48.00 -16.86
N ASP A 53 -9.03 49.29 -16.56
CA ASP A 53 -8.98 49.79 -15.17
C ASP A 53 -10.10 49.21 -14.31
N ILE A 54 -11.33 49.23 -14.80
CA ILE A 54 -12.47 48.70 -14.05
C ILE A 54 -12.33 47.19 -13.82
N ALA A 55 -11.78 46.47 -14.80
CA ALA A 55 -11.47 45.05 -14.62
C ALA A 55 -10.45 44.84 -13.50
N GLN A 56 -9.42 45.69 -13.45
CA GLN A 56 -8.44 45.63 -12.35
C GLN A 56 -9.03 45.94 -10.99
N GLU A 57 -9.91 46.94 -10.92
CA GLU A 57 -10.59 47.29 -9.67
C GLU A 57 -11.46 46.14 -9.15
N PHE A 58 -12.11 45.42 -10.07
CA PHE A 58 -12.90 44.25 -9.68
C PHE A 58 -12.01 43.16 -9.08
N ILE A 59 -10.90 42.87 -9.74
CA ILE A 59 -9.89 41.91 -9.25
C ILE A 59 -9.39 42.31 -7.86
N ASP A 60 -9.04 43.59 -7.71
CA ASP A 60 -8.59 44.12 -6.41
C ASP A 60 -9.67 43.96 -5.34
N PHE A 61 -10.91 44.30 -5.71
CA PHE A 61 -12.08 44.17 -4.82
C PHE A 61 -12.26 42.73 -4.29
N ILE A 62 -12.26 41.75 -5.19
CA ILE A 62 -12.41 40.34 -4.83
C ILE A 62 -11.27 39.88 -3.89
N TYR A 63 -10.05 40.27 -4.22
CA TYR A 63 -8.86 39.88 -3.46
C TYR A 63 -8.85 40.51 -2.06
N LYS A 64 -9.21 41.78 -1.99
CA LYS A 64 -9.19 42.53 -0.72
C LYS A 64 -10.42 42.28 0.18
N ASN A 65 -11.46 41.63 -0.34
CA ASN A 65 -12.70 41.39 0.39
C ASN A 65 -13.21 39.97 0.22
N PRO A 66 -12.54 38.99 0.87
CA PRO A 66 -12.82 37.56 0.61
C PRO A 66 -14.17 37.04 1.12
N THR A 67 -14.63 37.55 2.26
CA THR A 67 -15.90 37.12 2.83
C THR A 67 -17.03 38.10 2.53
N THR A 68 -18.26 37.62 2.69
CA THR A 68 -19.46 38.42 2.50
C THR A 68 -19.44 39.66 3.39
N TYR A 69 -18.98 39.49 4.63
CA TYR A 69 -18.81 40.60 5.57
C TYR A 69 -17.90 41.69 4.98
N HIS A 70 -16.75 41.28 4.45
CA HIS A 70 -15.83 42.23 3.81
C HIS A 70 -16.45 42.92 2.61
N VAL A 71 -17.20 42.17 1.80
CA VAL A 71 -17.85 42.72 0.60
C VAL A 71 -18.87 43.81 0.96
N VAL A 72 -19.70 43.54 1.97
CA VAL A 72 -20.68 44.52 2.44
C VAL A 72 -19.99 45.74 3.06
N SER A 73 -18.92 45.51 3.80
CA SER A 73 -18.10 46.59 4.37
C SER A 73 -17.45 47.46 3.30
N PHE A 74 -16.95 46.83 2.23
CA PHE A 74 -16.40 47.56 1.07
C PHE A 74 -17.44 48.49 0.45
N PHE A 75 -18.62 47.96 0.15
CA PHE A 75 -19.70 48.77 -0.43
C PHE A 75 -20.20 49.85 0.52
N ALA A 76 -20.18 49.60 1.83
CA ALA A 76 -20.55 50.62 2.82
C ALA A 76 -19.58 51.80 2.80
N GLU A 77 -18.27 51.50 2.85
CA GLU A 77 -17.22 52.53 2.72
C GLU A 77 -17.30 53.30 1.41
N LEU A 78 -17.61 52.59 0.32
CA LEU A 78 -17.77 53.20 -0.99
C LEU A 78 -18.95 54.17 -1.01
N LEU A 79 -20.09 53.73 -0.50
CA LEU A 79 -21.28 54.56 -0.38
C LEU A 79 -21.04 55.83 0.47
N ASP A 80 -20.28 55.68 1.56
CA ASP A 80 -19.92 56.81 2.44
C ASP A 80 -19.12 57.87 1.69
N LYS A 81 -18.14 57.42 0.92
CA LYS A 81 -17.30 58.29 0.10
C LYS A 81 -18.08 59.04 -1.01
N HIS A 82 -19.20 58.49 -1.45
CA HIS A 82 -20.07 59.16 -2.43
C HIS A 82 -21.36 59.74 -1.80
N ASN A 83 -21.28 60.14 -0.52
CA ASN A 83 -22.32 60.93 0.15
C ASN A 83 -23.69 60.26 0.34
N PHE A 84 -23.69 58.93 0.43
CA PHE A 84 -24.87 58.19 0.89
C PHE A 84 -24.86 58.14 2.42
N LYS A 85 -26.01 58.37 3.04
CA LYS A 85 -26.15 58.38 4.50
C LYS A 85 -26.61 57.01 5.01
N TYR A 86 -25.86 56.44 5.96
CA TYR A 86 -26.24 55.19 6.59
C TYR A 86 -27.46 55.41 7.49
N LEU A 87 -28.48 54.57 7.34
CA LEU A 87 -29.64 54.53 8.22
C LEU A 87 -29.72 53.17 8.89
N SER A 88 -29.85 53.16 10.22
CA SER A 88 -29.97 51.93 10.99
C SER A 88 -31.38 51.37 10.90
N GLU A 89 -31.48 50.06 10.64
CA GLU A 89 -32.75 49.32 10.72
C GLU A 89 -33.45 49.40 12.07
N LYS A 90 -32.67 49.51 13.15
CA LYS A 90 -33.22 49.49 14.51
C LYS A 90 -33.94 50.77 14.94
N SER A 91 -33.82 51.85 14.17
CA SER A 91 -34.54 53.11 14.46
C SER A 91 -35.51 53.49 13.36
N ASN A 92 -36.61 54.14 13.75
CA ASN A 92 -37.58 54.67 12.81
C ASN A 92 -36.96 55.77 11.93
N TRP A 93 -37.23 55.71 10.63
CA TRP A 93 -36.59 56.60 9.66
C TRP A 93 -37.28 57.96 9.42
N GLN A 94 -38.40 58.23 10.09
CA GLN A 94 -39.17 59.47 9.85
C GLN A 94 -38.38 60.76 10.14
N ASP A 95 -37.53 60.73 11.17
CA ASP A 95 -36.66 61.87 11.50
C ASP A 95 -35.38 61.94 10.65
N SER A 96 -35.08 60.90 9.86
CA SER A 96 -33.88 60.84 9.02
C SER A 96 -34.11 61.16 7.55
N ILE A 97 -35.28 60.79 7.03
CA ILE A 97 -35.68 61.10 5.65
C ILE A 97 -36.83 62.11 5.69
N GLY A 98 -36.72 63.16 4.88
CA GLY A 98 -37.71 64.23 4.80
C GLY A 98 -38.27 64.40 3.40
N GLU A 99 -38.82 65.59 3.13
CA GLU A 99 -39.44 65.91 1.85
C GLU A 99 -38.47 65.96 0.67
N ASP A 100 -37.21 66.31 0.96
CA ASP A 100 -36.17 66.39 -0.07
C ASP A 100 -35.61 65.04 -0.55
N GLY A 101 -35.92 63.96 0.18
CA GLY A 101 -35.40 62.63 -0.15
C GLY A 101 -33.90 62.60 0.07
N GLY A 102 -33.17 61.90 -0.81
CA GLY A 102 -31.72 61.88 -0.77
C GLY A 102 -31.11 60.53 -1.12
N LYS A 103 -29.82 60.39 -0.77
CA LYS A 103 -29.05 59.19 -1.03
C LYS A 103 -28.77 58.49 0.30
N PHE A 104 -29.20 57.23 0.42
CA PHE A 104 -29.12 56.49 1.68
C PHE A 104 -28.74 55.02 1.48
N TYR A 105 -28.30 54.37 2.56
CA TYR A 105 -28.20 52.91 2.58
C TYR A 105 -28.42 52.35 3.97
N THR A 106 -28.75 51.05 4.02
CA THR A 106 -28.92 50.33 5.27
C THR A 106 -28.32 48.93 5.16
N ILE A 107 -28.03 48.32 6.29
CA ILE A 107 -27.41 46.99 6.36
C ILE A 107 -28.13 46.14 7.40
N ARG A 108 -28.41 44.88 7.04
CA ARG A 108 -28.96 43.88 7.96
C ARG A 108 -27.95 42.73 8.13
N ASN A 109 -27.70 42.34 9.39
CA ASN A 109 -26.85 41.18 9.72
C ASN A 109 -25.37 41.32 9.31
N GLY A 110 -24.95 42.51 8.86
CA GLY A 110 -23.64 42.71 8.25
C GLY A 110 -23.41 42.07 6.88
N THR A 111 -24.43 41.49 6.28
CA THR A 111 -24.30 40.73 5.02
C THR A 111 -25.41 40.98 3.97
N ASN A 112 -26.29 41.94 4.24
CA ASN A 112 -27.44 42.23 3.40
C ASN A 112 -27.55 43.76 3.40
N LEU A 113 -27.34 44.37 2.23
CA LEU A 113 -27.19 45.82 2.12
C LEU A 113 -28.12 46.35 1.03
N SER A 114 -28.80 47.46 1.33
CA SER A 114 -29.64 48.15 0.34
C SER A 114 -29.24 49.61 0.26
N ALA A 115 -28.82 50.04 -0.93
CA ALA A 115 -28.48 51.43 -1.19
C ALA A 115 -29.57 52.02 -2.08
N PHE A 116 -30.03 53.23 -1.76
CA PHE A 116 -31.09 53.85 -2.54
C PHE A 116 -31.01 55.36 -2.70
N ILE A 117 -31.55 55.82 -3.83
CA ILE A 117 -31.62 57.23 -4.19
C ILE A 117 -33.10 57.59 -4.32
N LEU A 118 -33.56 58.52 -3.50
CA LEU A 118 -34.96 58.94 -3.48
C LEU A 118 -35.04 60.40 -3.90
N GLY A 119 -35.64 60.64 -5.06
CA GLY A 119 -35.80 61.99 -5.60
C GLY A 119 -36.94 62.72 -4.90
N LYS A 120 -36.74 64.02 -4.69
CA LYS A 120 -37.72 64.93 -4.07
C LYS A 120 -39.09 64.90 -4.78
N ASN A 121 -39.08 64.72 -6.10
CA ASN A 121 -40.30 64.73 -6.89
C ASN A 121 -40.84 63.34 -7.22
N TRP A 122 -40.42 62.32 -6.47
CA TRP A 122 -40.93 60.97 -6.64
C TRP A 122 -42.38 60.85 -6.14
N ARG A 123 -43.16 60.02 -6.83
CA ARG A 123 -44.51 59.66 -6.41
C ARG A 123 -44.70 58.18 -6.71
N ALA A 124 -45.75 57.60 -6.12
CA ALA A 124 -46.02 56.16 -6.20
C ALA A 124 -46.06 55.62 -7.62
N GLU A 125 -46.66 56.38 -8.54
CA GLU A 125 -46.82 55.94 -9.93
C GLU A 125 -45.50 55.87 -10.74
N LYS A 126 -44.45 56.55 -10.27
CA LYS A 126 -43.12 56.41 -10.85
C LYS A 126 -42.49 55.04 -10.57
N GLY A 127 -42.88 54.41 -9.47
CA GLY A 127 -42.39 53.09 -9.10
C GLY A 127 -40.97 53.14 -8.57
N VAL A 128 -40.30 52.00 -8.61
CA VAL A 128 -38.92 51.85 -8.17
C VAL A 128 -38.14 51.10 -9.24
N GLY A 129 -36.92 51.56 -9.52
CA GLY A 129 -35.96 50.85 -10.37
C GLY A 129 -34.97 50.11 -9.49
N VAL A 130 -35.05 48.78 -9.49
CA VAL A 130 -34.28 47.92 -8.58
C VAL A 130 -33.32 47.02 -9.34
N ILE A 131 -32.08 46.92 -8.85
CA ILE A 131 -31.20 45.79 -9.20
C ILE A 131 -30.99 44.98 -7.92
N GLY A 132 -31.37 43.71 -7.97
CA GLY A 132 -31.17 42.78 -6.86
C GLY A 132 -30.12 41.74 -7.22
N SER A 133 -29.07 41.66 -6.40
CA SER A 133 -27.98 40.69 -6.60
C SER A 133 -27.64 40.01 -5.27
N HIS A 134 -26.78 39.00 -5.29
CA HIS A 134 -26.33 38.38 -4.04
C HIS A 134 -24.81 38.48 -3.83
N VAL A 135 -24.43 38.71 -2.58
CA VAL A 135 -23.02 38.86 -2.18
C VAL A 135 -22.44 37.63 -1.49
N ASP A 136 -23.28 36.61 -1.20
CA ASP A 136 -22.76 35.32 -0.73
C ASP A 136 -22.17 34.56 -1.90
N ALA A 137 -21.15 33.78 -1.61
CA ALA A 137 -20.51 32.92 -2.58
C ALA A 137 -20.16 31.60 -1.92
N LEU A 138 -20.12 30.54 -2.71
CA LEU A 138 -19.68 29.24 -2.20
C LEU A 138 -18.39 29.41 -1.40
N THR A 139 -18.34 28.80 -0.23
CA THR A 139 -17.17 28.89 0.62
C THR A 139 -17.13 27.69 1.55
N VAL A 140 -16.18 27.73 2.47
CA VAL A 140 -16.02 26.72 3.50
C VAL A 140 -16.01 27.48 4.82
N LYS A 141 -16.82 27.01 5.77
CA LYS A 141 -17.01 27.67 7.05
C LYS A 141 -16.32 26.87 8.13
N LEU A 142 -15.65 27.56 9.06
CA LEU A 142 -15.23 26.90 10.30
C LEU A 142 -16.46 26.42 11.04
N LYS A 143 -16.39 25.21 11.58
CA LYS A 143 -17.47 24.69 12.43
C LYS A 143 -17.46 25.45 13.75
N PRO A 144 -18.62 25.50 14.46
CA PRO A 144 -18.72 26.15 15.78
C PRO A 144 -17.61 25.72 16.74
N VAL A 145 -17.23 24.45 16.68
CA VAL A 145 -16.04 23.94 17.34
C VAL A 145 -15.14 23.45 16.21
N SER A 146 -14.08 24.21 15.92
CA SER A 146 -13.15 23.83 14.85
C SER A 146 -12.07 22.87 15.36
N PHE A 147 -11.99 22.68 16.68
CA PHE A 147 -10.91 21.91 17.28
C PHE A 147 -10.90 20.45 16.81
N LYS A 148 -9.71 19.99 16.42
CA LYS A 148 -9.44 18.58 16.12
C LYS A 148 -8.16 18.15 16.83
N ASP A 149 -8.14 16.93 17.34
CA ASP A 149 -6.92 16.38 17.93
C ASP A 149 -5.84 16.33 16.85
N THR A 150 -4.58 16.56 17.24
CA THR A 150 -3.48 16.42 16.28
C THR A 150 -3.44 14.98 15.77
N ALA A 151 -3.17 14.82 14.48
CA ALA A 151 -3.18 13.53 13.81
C ALA A 151 -1.76 13.24 13.34
N GLU A 152 -1.05 12.41 14.11
CA GLU A 152 0.38 12.15 13.90
C GLU A 152 1.22 13.43 13.79
N GLY A 153 0.86 14.45 14.58
CA GLY A 153 1.53 15.74 14.57
C GLY A 153 0.90 16.83 13.72
N TYR A 154 0.02 16.46 12.77
CA TYR A 154 -0.63 17.44 11.91
C TYR A 154 -1.76 18.16 12.62
N GLY A 155 -1.74 19.49 12.58
CA GLY A 155 -2.88 20.31 12.96
C GLY A 155 -3.90 20.37 11.82
N ARG A 156 -5.17 20.15 12.15
CA ARG A 156 -6.30 20.28 11.23
C ARG A 156 -7.44 21.05 11.89
N ILE A 157 -8.34 21.61 11.08
CA ILE A 157 -9.53 22.32 11.59
C ILE A 157 -10.79 21.70 11.02
N ALA A 158 -11.81 21.61 11.87
CA ALA A 158 -13.10 21.10 11.48
C ALA A 158 -13.87 22.24 10.81
N VAL A 159 -14.35 21.95 9.60
CA VAL A 159 -15.03 22.90 8.74
C VAL A 159 -16.26 22.25 8.11
N ALA A 160 -17.12 23.10 7.54
CA ALA A 160 -18.34 22.67 6.88
C ALA A 160 -18.45 23.39 5.55
N PRO A 161 -19.04 22.72 4.53
CA PRO A 161 -19.24 23.40 3.26
C PRO A 161 -20.43 24.36 3.34
N TYR A 162 -20.26 25.54 2.75
CA TYR A 162 -21.37 26.46 2.48
C TYR A 162 -21.68 26.33 0.99
N GLY A 163 -22.79 25.64 0.66
CA GLY A 163 -23.04 25.22 -0.72
C GLY A 163 -22.10 24.12 -1.16
N GLY A 164 -21.95 23.92 -2.47
CA GLY A 164 -21.27 22.74 -3.03
C GLY A 164 -19.75 22.79 -3.11
N THR A 165 -19.10 23.10 -2.00
CA THR A 165 -17.64 23.16 -1.92
C THR A 165 -17.09 21.84 -1.37
N LEU A 166 -15.78 21.79 -1.06
CA LEU A 166 -15.12 20.59 -0.54
C LEU A 166 -15.19 19.42 -1.54
N ASN A 167 -15.04 19.76 -2.82
CA ASN A 167 -14.97 18.80 -3.92
C ASN A 167 -13.54 18.83 -4.47
N GLU A 168 -13.32 18.17 -5.60
CA GLU A 168 -11.98 18.09 -6.17
C GLU A 168 -11.38 19.45 -6.54
N LEU A 169 -12.22 20.44 -6.85
CA LEU A 169 -11.74 21.77 -7.22
C LEU A 169 -11.19 22.56 -6.03
N TRP A 170 -11.58 22.18 -4.81
CA TRP A 170 -11.05 22.79 -3.58
C TRP A 170 -9.77 22.13 -3.04
N LEU A 171 -9.35 21.01 -3.64
CA LEU A 171 -8.11 20.34 -3.24
C LEU A 171 -6.90 21.09 -3.77
N ASP A 172 -5.83 21.12 -2.99
CA ASP A 172 -4.55 21.67 -3.43
C ASP A 172 -4.64 23.15 -3.87
N ARG A 173 -5.43 23.92 -3.13
CA ARG A 173 -5.60 25.35 -3.34
C ARG A 173 -5.10 26.03 -2.08
N ASP A 174 -4.47 27.20 -2.23
CA ASP A 174 -3.96 27.97 -1.10
C ASP A 174 -5.13 28.69 -0.41
N LEU A 175 -5.47 28.27 0.81
CA LEU A 175 -6.64 28.78 1.53
C LEU A 175 -6.29 29.71 2.68
N GLY A 176 -6.78 30.95 2.58
CA GLY A 176 -6.68 31.92 3.66
C GLY A 176 -7.88 31.76 4.58
N ILE A 177 -7.82 32.43 5.72
CA ILE A 177 -8.88 32.41 6.71
C ILE A 177 -9.30 33.85 7.01
N GLY A 178 -10.59 34.06 7.19
CA GLY A 178 -11.11 35.41 7.44
C GLY A 178 -12.60 35.43 7.72
N GLY A 179 -13.08 36.58 8.20
CA GLY A 179 -14.49 36.75 8.53
C GLY A 179 -14.68 37.61 9.77
N ARG A 180 -15.76 37.34 10.50
CA ARG A 180 -16.18 38.15 11.65
C ARG A 180 -15.80 37.51 12.98
N LEU A 181 -15.12 38.26 13.83
CA LEU A 181 -14.90 37.94 15.25
C LEU A 181 -15.84 38.80 16.07
N LEU A 182 -16.48 38.22 17.08
CA LEU A 182 -17.18 38.97 18.11
C LEU A 182 -16.28 38.97 19.34
N TYR A 183 -16.10 40.15 19.95
CA TYR A 183 -15.26 40.28 21.13
C TYR A 183 -15.86 41.23 22.17
N LYS A 184 -15.38 41.10 23.41
CA LYS A 184 -15.78 41.95 24.52
C LYS A 184 -14.53 42.40 25.26
N LYS A 185 -14.23 43.70 25.18
CA LYS A 185 -13.02 44.25 25.81
C LYS A 185 -13.05 44.00 27.32
N LYS A 186 -11.89 43.68 27.86
CA LYS A 186 -11.76 43.26 29.25
C LYS A 186 -12.21 44.41 30.17
N GLY A 187 -13.05 44.09 31.15
CA GLY A 187 -13.65 45.09 32.04
C GLY A 187 -14.81 45.88 31.44
N THR A 188 -15.41 45.39 30.36
CA THR A 188 -16.63 45.99 29.77
C THR A 188 -17.63 44.88 29.46
N ASN A 189 -18.88 45.27 29.18
CA ASN A 189 -19.95 44.30 28.85
C ASN A 189 -20.35 44.25 27.37
N GLU A 190 -19.92 45.24 26.58
CA GLU A 190 -20.39 45.38 25.19
C GLU A 190 -19.74 44.36 24.26
N ILE A 191 -20.54 43.78 23.36
CA ILE A 191 -20.05 42.86 22.33
C ILE A 191 -19.86 43.65 21.04
N LYS A 192 -18.61 43.68 20.56
CA LYS A 192 -18.27 44.39 19.33
C LYS A 192 -17.81 43.42 18.25
N SER A 193 -17.66 43.94 17.04
CA SER A 193 -17.33 43.16 15.86
C SER A 193 -16.01 43.63 15.24
N ALA A 194 -15.19 42.68 14.79
CA ALA A 194 -14.00 42.98 14.01
C ALA A 194 -13.93 42.02 12.82
N LEU A 195 -13.51 42.52 11.67
CA LEU A 195 -13.23 41.68 10.51
C LEU A 195 -11.75 41.35 10.47
N VAL A 196 -11.43 40.09 10.13
CA VAL A 196 -10.04 39.63 10.00
C VAL A 196 -9.83 38.96 8.65
N ASP A 197 -8.58 38.91 8.20
CA ASP A 197 -8.21 38.35 6.90
C ASP A 197 -6.72 37.99 6.94
N SER A 198 -6.39 36.72 6.71
CA SER A 198 -4.98 36.26 6.70
C SER A 198 -4.21 36.65 5.42
N THR A 199 -4.94 37.03 4.36
CA THR A 199 -4.35 37.35 3.04
C THR A 199 -3.13 38.27 3.21
N PRO A 200 -1.99 37.94 2.56
CA PRO A 200 -1.73 36.86 1.60
C PRO A 200 -1.40 35.46 2.16
N LEU A 201 -1.35 35.29 3.49
CA LEU A 201 -0.95 34.01 4.08
C LEU A 201 -2.02 32.94 3.89
N PRO A 202 -1.71 31.86 3.13
CA PRO A 202 -2.64 30.73 3.16
C PRO A 202 -2.38 29.88 4.41
N VAL A 203 -3.31 29.95 5.37
CA VAL A 203 -3.15 29.24 6.64
C VAL A 203 -3.36 27.73 6.53
N CYS A 204 -3.99 27.27 5.46
CA CYS A 204 -4.25 25.85 5.31
C CYS A 204 -4.46 25.44 3.86
N ARG A 205 -4.63 24.13 3.68
CA ARG A 205 -4.72 23.51 2.38
C ARG A 205 -5.37 22.15 2.59
N ILE A 206 -6.21 21.74 1.64
CA ILE A 206 -6.88 20.43 1.69
C ILE A 206 -6.07 19.53 0.73
N PRO A 207 -5.23 18.63 1.29
CA PRO A 207 -4.29 17.88 0.43
C PRO A 207 -4.90 16.65 -0.28
N SER A 208 -4.80 16.64 -1.61
CA SER A 208 -5.15 15.44 -2.37
C SER A 208 -4.18 14.31 -2.03
N LEU A 209 -4.64 13.07 -2.17
CA LEU A 209 -3.82 11.91 -1.98
C LEU A 209 -3.12 11.60 -3.28
N ALA A 210 -1.83 11.26 -3.21
CA ALA A 210 -1.08 10.94 -4.40
C ALA A 210 -1.73 9.77 -5.16
N PRO A 211 -1.82 9.84 -6.50
CA PRO A 211 -2.44 8.76 -7.28
C PRO A 211 -1.70 7.41 -7.23
N HIS A 212 -0.46 7.45 -6.72
CA HIS A 212 0.39 6.28 -6.51
C HIS A 212 -0.31 5.22 -5.67
N PHE A 213 -1.09 5.66 -4.69
CA PHE A 213 -1.82 4.75 -3.79
C PHE A 213 -3.02 4.01 -4.42
N GLY A 214 -3.42 4.39 -5.64
CA GLY A 214 -4.44 3.65 -6.39
C GLY A 214 -5.86 4.09 -6.07
N LYS A 215 -6.75 3.12 -5.86
CA LYS A 215 -8.18 3.40 -5.70
C LYS A 215 -8.56 4.41 -4.61
N PRO A 216 -7.88 4.38 -3.44
CA PRO A 216 -8.14 5.41 -2.42
C PRO A 216 -7.96 6.86 -2.91
N ALA A 217 -7.08 7.08 -3.88
CA ALA A 217 -6.84 8.41 -4.44
C ALA A 217 -7.88 8.85 -5.49
N GLU A 218 -8.85 8.00 -5.83
CA GLU A 218 -9.90 8.36 -6.79
C GLU A 218 -11.08 8.99 -6.09
N GLY A 219 -11.53 10.13 -6.59
CA GLY A 219 -12.68 10.83 -6.04
C GLY A 219 -13.97 10.15 -6.47
N PRO A 220 -15.12 10.62 -5.96
CA PRO A 220 -15.31 11.75 -5.04
C PRO A 220 -14.92 11.42 -3.60
N PHE A 221 -14.62 12.46 -2.84
CA PHE A 221 -14.09 12.32 -1.49
C PHE A 221 -15.11 12.71 -0.45
N ASP A 222 -15.06 12.05 0.71
CA ASP A 222 -16.00 12.29 1.80
C ASP A 222 -15.75 13.68 2.39
N LYS A 223 -16.82 14.48 2.45
CA LYS A 223 -16.74 15.88 2.90
C LYS A 223 -16.45 16.06 4.38
N GLU A 224 -16.73 15.03 5.19
CA GLU A 224 -16.47 15.07 6.64
C GLU A 224 -15.10 14.48 7.00
N ASP A 225 -14.76 13.35 6.40
CA ASP A 225 -13.59 12.55 6.80
C ASP A 225 -12.34 12.73 5.93
N GLN A 226 -12.51 13.19 4.68
CA GLN A 226 -11.40 13.24 3.72
C GLN A 226 -10.98 14.63 3.26
N THR A 227 -11.92 15.55 3.10
CA THR A 227 -11.60 16.91 2.67
C THR A 227 -11.48 17.85 3.87
N ILE A 228 -10.47 17.60 4.70
CA ILE A 228 -10.24 18.35 5.94
C ILE A 228 -9.00 19.25 5.77
N PRO A 229 -9.14 20.56 6.06
CA PRO A 229 -7.97 21.43 5.90
C PRO A 229 -6.85 21.12 6.89
N VAL A 230 -5.62 21.11 6.38
CA VAL A 230 -4.43 20.91 7.20
C VAL A 230 -3.84 22.29 7.45
N ILE A 231 -3.82 22.69 8.71
CA ILE A 231 -3.45 24.04 9.11
C ILE A 231 -1.99 24.17 9.58
N GLY A 232 -1.40 23.07 10.07
CA GLY A 232 0.00 23.11 10.49
C GLY A 232 0.60 21.79 10.90
N PHE A 233 1.84 21.87 11.37
CA PHE A 233 2.54 20.75 11.97
C PHE A 233 3.47 21.32 13.05
N PRO A 234 2.91 21.64 14.24
CA PRO A 234 3.68 22.36 15.26
C PRO A 234 4.76 21.51 15.95
N THR A 235 5.86 22.17 16.32
CA THR A 235 6.94 21.55 17.08
C THR A 235 6.82 21.93 18.56
N PRO A 236 7.62 21.29 19.44
CA PRO A 236 7.78 21.79 20.81
C PRO A 236 8.83 22.89 20.89
N GLU A 242 3.99 27.56 23.22
CA GLU A 242 3.69 27.80 24.62
C GLU A 242 2.28 27.32 24.95
N PRO A 243 2.07 26.73 26.14
CA PRO A 243 0.74 26.25 26.53
C PRO A 243 -0.20 27.41 26.94
N PRO A 244 -1.51 27.14 27.11
CA PRO A 244 -2.46 28.22 27.44
C PRO A 244 -2.18 28.90 28.77
N THR A 245 -2.21 30.24 28.79
CA THR A 245 -2.10 31.01 30.03
C THR A 245 -3.46 31.05 30.71
N ASP A 246 -3.47 31.39 31.99
CA ASP A 246 -4.71 31.50 32.75
C ASP A 246 -5.69 32.52 32.18
N ASP A 247 -5.18 33.63 31.65
CA ASP A 247 -6.02 34.63 30.98
C ASP A 247 -6.68 34.06 29.71
N GLU A 248 -5.89 33.38 28.88
CA GLU A 248 -6.41 32.77 27.64
C GLU A 248 -7.55 31.78 27.90
N LYS A 249 -7.45 31.04 29.01
CA LYS A 249 -8.50 30.11 29.46
C LYS A 249 -9.83 30.79 29.86
N LYS A 250 -9.78 32.08 30.20
CA LYS A 250 -11.00 32.87 30.47
C LYS A 250 -11.85 33.12 29.20
N SER A 251 -11.29 32.91 28.02
CA SER A 251 -12.05 33.00 26.76
C SER A 251 -13.19 31.99 26.70
N PRO A 252 -14.42 32.45 26.39
CA PRO A 252 -15.49 31.52 26.02
C PRO A 252 -15.16 30.56 24.86
N LEU A 253 -14.25 31.00 23.97
CA LEU A 253 -13.78 30.16 22.86
C LEU A 253 -12.65 29.19 23.19
N PHE A 254 -12.11 29.24 24.41
CA PHE A 254 -11.10 28.28 24.82
C PHE A 254 -11.70 26.88 24.88
N GLY A 255 -11.02 25.92 24.25
CA GLY A 255 -11.53 24.57 24.12
C GLY A 255 -12.36 24.33 22.86
N LYS A 256 -12.90 25.39 22.27
CA LYS A 256 -13.69 25.30 21.02
C LYS A 256 -12.82 25.44 19.77
N HIS A 257 -11.70 26.14 19.89
CA HIS A 257 -10.73 26.29 18.82
C HIS A 257 -9.33 26.13 19.37
N CYS A 258 -8.44 25.57 18.54
CA CYS A 258 -7.01 25.47 18.81
C CYS A 258 -6.42 26.80 19.30
N ILE A 259 -5.64 26.77 20.38
CA ILE A 259 -5.05 27.99 20.94
C ILE A 259 -4.15 28.74 19.94
N HIS A 260 -3.47 28.01 19.05
CA HIS A 260 -2.69 28.64 17.97
C HIS A 260 -3.62 29.49 17.10
N LEU A 261 -4.76 28.92 16.71
CA LEU A 261 -5.75 29.65 15.91
C LEU A 261 -6.31 30.88 16.65
N LEU A 262 -6.68 30.70 17.92
CA LEU A 262 -7.24 31.79 18.72
C LEU A 262 -6.28 32.97 18.85
N ARG A 263 -5.02 32.67 19.17
CA ARG A 263 -3.97 33.68 19.20
C ARG A 263 -3.81 34.41 17.88
N TYR A 264 -3.88 33.66 16.77
CA TYR A 264 -3.67 34.23 15.45
C TYR A 264 -4.74 35.24 15.07
N VAL A 265 -6.01 34.84 15.17
CA VAL A 265 -7.14 35.75 14.90
C VAL A 265 -7.24 36.90 15.91
N ALA A 266 -6.83 36.65 17.15
CA ALA A 266 -6.74 37.73 18.17
C ALA A 266 -5.70 38.79 17.76
N LYS A 267 -4.52 38.33 17.34
CA LYS A 267 -3.48 39.22 16.82
C LYS A 267 -3.95 40.00 15.58
N LEU A 268 -4.64 39.34 14.64
CA LEU A 268 -5.15 40.03 13.44
C LEU A 268 -6.14 41.15 13.78
N ALA A 269 -7.01 40.91 14.77
CA ALA A 269 -8.01 41.90 15.20
C ALA A 269 -7.49 42.93 16.21
N GLY A 270 -6.33 42.67 16.81
CA GLY A 270 -5.78 43.55 17.84
C GLY A 270 -6.57 43.48 19.14
N VAL A 271 -6.89 42.26 19.57
CA VAL A 271 -7.59 42.03 20.84
C VAL A 271 -6.91 40.89 21.57
N GLU A 272 -7.29 40.67 22.83
CA GLU A 272 -6.79 39.54 23.62
C GLU A 272 -7.62 38.29 23.35
N VAL A 273 -7.00 37.13 23.57
CA VAL A 273 -7.65 35.82 23.40
C VAL A 273 -8.84 35.71 24.36
N SER A 274 -8.62 36.12 25.61
CA SER A 274 -9.65 36.19 26.65
C SER A 274 -10.91 36.97 26.26
N GLU A 275 -10.77 37.93 25.34
CA GLU A 275 -11.86 38.80 24.93
C GLU A 275 -12.72 38.23 23.79
N LEU A 276 -12.25 37.17 23.12
CA LEU A 276 -13.01 36.56 22.01
C LEU A 276 -14.22 35.82 22.57
N ILE A 277 -15.42 36.17 22.11
CA ILE A 277 -16.64 35.44 22.51
C ILE A 277 -17.14 34.47 21.42
N GLN A 278 -17.04 34.85 20.15
CA GLN A 278 -17.49 34.00 19.03
C GLN A 278 -16.84 34.39 17.70
N MET A 279 -17.03 33.55 16.69
CA MET A 279 -16.55 33.88 15.35
C MET A 279 -17.26 33.13 14.23
N ASP A 280 -17.29 33.79 13.07
CA ASP A 280 -17.88 33.28 11.84
C ASP A 280 -16.81 33.45 10.76
N LEU A 281 -16.02 32.42 10.54
CA LEU A 281 -14.85 32.49 9.66
C LEU A 281 -14.99 31.59 8.43
N ASP A 282 -14.56 32.11 7.29
CA ASP A 282 -14.47 31.36 6.03
C ASP A 282 -13.04 30.91 5.78
N LEU A 283 -12.91 29.85 4.99
CA LEU A 283 -11.70 29.56 4.24
C LEU A 283 -11.98 29.84 2.76
N PHE A 284 -11.00 30.44 2.08
CA PHE A 284 -11.19 30.91 0.71
C PHE A 284 -9.86 30.90 -0.03
N ASP A 285 -9.94 30.86 -1.35
CA ASP A 285 -8.76 30.89 -2.20
C ASP A 285 -8.11 32.26 -2.12
N VAL A 286 -6.84 32.30 -1.73
CA VAL A 286 -6.07 33.55 -1.70
C VAL A 286 -5.34 33.85 -3.02
N GLN A 287 -5.52 33.02 -4.06
CA GLN A 287 -4.94 33.35 -5.37
C GLN A 287 -5.63 34.57 -5.93
N LYS A 288 -4.86 35.64 -6.10
CA LYS A 288 -5.37 36.90 -6.66
C LYS A 288 -5.81 36.68 -8.10
N GLY A 289 -6.90 37.35 -8.48
CA GLY A 289 -7.40 37.29 -9.85
C GLY A 289 -6.43 37.91 -10.83
N THR A 290 -6.64 37.62 -12.11
CA THR A 290 -5.75 38.13 -13.15
C THR A 290 -6.43 38.17 -14.51
N ILE A 291 -5.99 39.10 -15.35
CA ILE A 291 -6.36 39.12 -16.75
C ILE A 291 -5.56 37.98 -17.41
N GLY A 292 -6.21 37.24 -18.30
CA GLY A 292 -5.61 36.08 -18.95
C GLY A 292 -6.15 35.82 -20.34
N GLY A 293 -5.68 34.74 -20.95
CA GLY A 293 -5.86 34.50 -22.37
C GLY A 293 -4.70 35.08 -23.15
N ILE A 294 -4.38 34.49 -24.29
CA ILE A 294 -3.26 34.96 -25.12
C ILE A 294 -3.46 36.39 -25.64
N GLY A 295 -4.72 36.76 -25.91
CA GLY A 295 -5.09 38.14 -26.25
C GLY A 295 -5.70 38.95 -25.12
N LYS A 296 -5.52 38.51 -23.87
CA LYS A 296 -6.07 39.17 -22.67
C LYS A 296 -7.60 39.38 -22.72
N HIS A 297 -8.31 38.42 -23.32
CA HIS A 297 -9.77 38.45 -23.42
C HIS A 297 -10.49 37.98 -22.16
N PHE A 298 -9.78 37.35 -21.23
CA PHE A 298 -10.40 36.76 -20.05
C PHE A 298 -9.97 37.41 -18.74
N LEU A 299 -10.79 37.22 -17.72
CA LEU A 299 -10.49 37.57 -16.33
C LEU A 299 -10.73 36.30 -15.52
N PHE A 300 -9.69 35.84 -14.83
CA PHE A 300 -9.77 34.67 -13.96
C PHE A 300 -9.80 35.13 -12.51
N ALA A 301 -10.81 34.72 -11.76
CA ALA A 301 -10.95 35.17 -10.37
C ALA A 301 -11.90 34.28 -9.58
N PRO A 302 -11.69 34.19 -8.25
CA PRO A 302 -12.57 33.41 -7.40
C PRO A 302 -13.86 34.16 -7.07
N ARG A 303 -14.92 33.42 -6.74
CA ARG A 303 -16.14 33.97 -6.13
C ARG A 303 -16.90 34.96 -7.03
N LEU A 304 -16.93 34.66 -8.32
CA LEU A 304 -17.64 35.50 -9.29
C LEU A 304 -19.15 35.48 -9.05
N ASP A 305 -19.67 34.32 -8.70
CA ASP A 305 -21.08 34.13 -8.38
C ASP A 305 -21.39 34.60 -6.94
N ASP A 306 -21.97 35.78 -6.70
CA ASP A 306 -22.48 36.75 -7.67
C ASP A 306 -21.89 38.13 -7.35
N ARG A 307 -20.64 38.15 -6.89
CA ARG A 307 -19.96 39.41 -6.64
C ARG A 307 -19.65 40.15 -7.95
N LEU A 308 -19.60 39.41 -9.07
CA LEU A 308 -19.49 40.01 -10.39
C LEU A 308 -20.61 40.99 -10.72
N CYS A 309 -21.87 40.53 -10.67
CA CYS A 309 -23.02 41.45 -10.91
C CYS A 309 -23.20 42.46 -9.77
N SER A 310 -22.95 42.04 -8.53
CA SER A 310 -23.10 42.94 -7.37
C SER A 310 -22.19 44.15 -7.48
N PHE A 311 -20.93 43.91 -7.83
CA PHE A 311 -19.96 44.97 -8.08
C PHE A 311 -20.39 45.86 -9.24
N ALA A 312 -20.69 45.25 -10.39
CA ALA A 312 -21.12 46.00 -11.57
C ALA A 312 -22.35 46.87 -11.33
N ALA A 313 -23.35 46.33 -10.63
CA ALA A 313 -24.56 47.09 -10.28
C ALA A 313 -24.28 48.24 -9.32
N MET A 314 -23.41 48.00 -8.34
CA MET A 314 -23.11 49.00 -7.32
C MET A 314 -22.29 50.15 -7.88
N ILE A 315 -21.29 49.83 -8.71
CA ILE A 315 -20.49 50.86 -9.39
C ILE A 315 -21.38 51.64 -10.36
N ALA A 316 -22.28 50.96 -11.06
CA ALA A 316 -23.25 51.62 -11.93
C ALA A 316 -24.13 52.61 -11.16
N LEU A 317 -24.59 52.21 -9.97
CA LEU A 317 -25.40 53.10 -9.13
C LEU A 317 -24.63 54.34 -8.69
N ILE A 318 -23.36 54.16 -8.32
CA ILE A 318 -22.51 55.26 -7.87
C ILE A 318 -22.23 56.23 -9.03
N CYS A 319 -21.93 55.68 -10.21
CA CYS A 319 -21.73 56.48 -11.43
C CYS A 319 -22.95 57.31 -11.80
N TYR A 320 -24.11 56.64 -11.82
CA TYR A 320 -25.40 57.30 -12.03
C TYR A 320 -25.67 58.39 -10.97
N ALA A 321 -25.41 58.07 -9.70
CA ALA A 321 -25.66 58.99 -8.59
C ALA A 321 -24.84 60.28 -8.65
N LYS A 322 -23.65 60.23 -9.26
CA LYS A 322 -22.78 61.40 -9.43
C LYS A 322 -23.46 62.56 -10.16
N ASP A 323 -24.31 62.25 -11.15
CA ASP A 323 -25.02 63.26 -11.94
C ASP A 323 -26.51 63.43 -11.57
N VAL A 324 -26.97 62.72 -10.53
CA VAL A 324 -28.35 62.86 -10.04
C VAL A 324 -28.42 63.89 -8.93
N ASN A 325 -29.18 64.95 -9.18
CA ASN A 325 -29.59 65.89 -8.14
C ASN A 325 -30.91 65.39 -7.59
N THR A 326 -30.92 64.99 -6.31
CA THR A 326 -32.13 64.46 -5.67
C THR A 326 -33.20 65.53 -5.40
N GLU A 327 -32.81 66.81 -5.41
CA GLU A 327 -33.77 67.92 -5.35
C GLU A 327 -34.63 67.98 -6.62
N GLU A 328 -34.07 67.60 -7.77
CA GLU A 328 -34.76 67.66 -9.06
C GLU A 328 -35.32 66.32 -9.56
N SER A 329 -34.86 65.20 -9.00
CA SER A 329 -35.25 63.87 -9.50
C SER A 329 -36.68 63.45 -9.11
N ASP A 330 -37.33 62.73 -10.01
CA ASP A 330 -38.65 62.13 -9.77
C ASP A 330 -38.60 60.59 -9.67
N LEU A 331 -37.40 60.02 -9.45
CA LEU A 331 -37.18 58.57 -9.44
C LEU A 331 -36.79 58.04 -8.07
N PHE A 332 -37.01 56.74 -7.88
CA PHE A 332 -36.58 55.97 -6.71
C PHE A 332 -35.73 54.82 -7.28
N SER A 333 -34.43 54.84 -7.01
CA SER A 333 -33.50 53.81 -7.53
C SER A 333 -32.81 53.06 -6.40
N THR A 334 -32.60 51.75 -6.57
CA THR A 334 -31.89 50.95 -5.57
C THR A 334 -31.11 49.77 -6.15
N VAL A 335 -29.97 49.50 -5.52
CA VAL A 335 -29.28 48.22 -5.62
C VAL A 335 -29.41 47.60 -4.23
N THR A 336 -29.97 46.40 -4.17
CA THR A 336 -30.07 45.64 -2.93
C THR A 336 -29.28 44.34 -3.09
N LEU A 337 -28.41 44.06 -2.11
CA LEU A 337 -27.48 42.92 -2.14
C LEU A 337 -27.85 41.96 -1.02
N TYR A 338 -28.13 40.71 -1.38
CA TYR A 338 -28.62 39.70 -0.43
C TYR A 338 -27.58 38.66 -0.05
N ASP A 339 -27.78 38.08 1.12
CA ASP A 339 -27.00 36.93 1.60
C ASP A 339 -27.81 35.66 1.32
N ASN A 340 -27.17 34.50 1.48
CA ASN A 340 -27.85 33.21 1.51
C ASN A 340 -28.63 32.77 0.25
N GLU A 341 -28.37 33.40 -0.89
CA GLU A 341 -28.99 32.97 -2.16
C GLU A 341 -28.56 31.57 -2.57
N GLU A 342 -27.30 31.21 -2.29
CA GLU A 342 -26.76 29.89 -2.67
C GLU A 342 -27.39 28.74 -1.87
N ILE A 343 -28.01 29.06 -0.72
CA ILE A 343 -28.72 28.08 0.10
C ILE A 343 -30.26 28.28 0.07
N GLY A 344 -30.76 29.04 -0.89
CA GLY A 344 -32.20 29.13 -1.18
C GLY A 344 -32.93 30.37 -0.70
N SER A 345 -32.21 31.35 -0.14
CA SER A 345 -32.74 32.69 0.19
C SER A 345 -33.72 32.80 1.36
N LEU A 346 -34.05 31.69 2.04
CA LEU A 346 -34.99 31.70 3.17
C LEU A 346 -34.27 31.93 4.50
N THR A 347 -33.72 33.14 4.65
CA THR A 347 -33.20 33.67 5.92
C THR A 347 -33.62 35.13 5.99
N ARG A 348 -33.48 35.76 7.15
CA ARG A 348 -33.78 37.19 7.28
C ARG A 348 -32.88 38.08 6.39
N GLN A 349 -31.66 37.63 6.14
CA GLN A 349 -30.69 38.38 5.32
C GLN A 349 -30.70 37.98 3.84
N GLY A 350 -31.55 37.03 3.46
CA GLY A 350 -31.72 36.61 2.06
C GLY A 350 -32.90 37.30 1.44
N ALA A 351 -33.11 37.06 0.14
CA ALA A 351 -34.17 37.71 -0.64
C ALA A 351 -35.56 37.57 -0.03
N LYS A 352 -35.86 36.41 0.56
CA LYS A 352 -37.16 36.16 1.18
C LYS A 352 -37.36 36.91 2.50
N GLY A 353 -36.27 37.43 3.08
CA GLY A 353 -36.34 38.28 4.27
C GLY A 353 -36.86 39.70 4.05
N GLY A 354 -36.93 40.14 2.80
CA GLY A 354 -37.70 41.32 2.45
C GLY A 354 -37.08 42.68 2.72
N LEU A 355 -35.75 42.80 2.69
CA LEU A 355 -35.09 44.09 2.91
C LEU A 355 -35.51 45.16 1.88
N LEU A 356 -35.64 44.74 0.62
CA LEU A 356 -36.05 45.65 -0.47
C LEU A 356 -37.41 46.27 -0.15
N GLU A 357 -38.37 45.41 0.14
CA GLU A 357 -39.75 45.81 0.46
C GLU A 357 -39.78 46.71 1.70
N SER A 358 -39.00 46.36 2.72
CA SER A 358 -38.92 47.18 3.93
C SER A 358 -38.35 48.56 3.62
N VAL A 359 -37.24 48.61 2.88
CA VAL A 359 -36.61 49.87 2.47
C VAL A 359 -37.59 50.80 1.74
N VAL A 360 -38.33 50.24 0.77
CA VAL A 360 -39.30 51.02 0.00
C VAL A 360 -40.45 51.48 0.90
N GLU A 361 -40.94 50.61 1.79
CA GLU A 361 -42.05 50.98 2.69
C GLU A 361 -41.64 52.06 3.70
N ARG A 362 -40.50 51.87 4.35
CA ARG A 362 -39.99 52.83 5.34
C ARG A 362 -39.60 54.18 4.72
N SER A 363 -38.91 54.13 3.58
CA SER A 363 -38.52 55.35 2.86
C SER A 363 -39.73 56.18 2.45
N SER A 364 -40.70 55.52 1.84
CA SER A 364 -41.87 56.20 1.30
C SER A 364 -42.81 56.74 2.40
N SER A 365 -42.90 56.05 3.53
CA SER A 365 -43.66 56.54 4.70
C SER A 365 -43.01 57.78 5.32
N ALA A 366 -41.69 57.75 5.47
CA ALA A 366 -40.93 58.89 6.01
C ALA A 366 -40.95 60.09 5.06
N PHE A 367 -40.86 59.80 3.77
CA PHE A 367 -40.78 60.80 2.69
C PHE A 367 -42.02 61.68 2.57
N THR A 368 -43.20 61.05 2.52
CA THR A 368 -44.48 61.74 2.35
C THR A 368 -45.20 62.04 3.68
N LYS A 369 -44.83 61.32 4.75
CA LYS A 369 -45.48 61.46 6.07
C LYS A 369 -47.01 61.28 6.00
N LYS A 370 -47.43 60.41 5.09
CA LYS A 370 -48.84 60.22 4.74
C LYS A 370 -48.97 58.83 4.10
N PRO A 371 -50.21 58.30 3.97
CA PRO A 371 -50.35 56.93 3.45
C PRO A 371 -49.88 56.74 1.99
N VAL A 372 -48.99 55.78 1.76
CA VAL A 372 -48.48 55.45 0.43
C VAL A 372 -49.08 54.13 -0.04
N ASP A 373 -49.55 54.10 -1.28
CA ASP A 373 -50.13 52.92 -1.90
C ASP A 373 -49.00 52.09 -2.48
N LEU A 374 -48.47 51.17 -1.67
CA LEU A 374 -47.32 50.34 -2.05
C LEU A 374 -47.63 49.36 -3.19
N HIS A 375 -48.91 48.99 -3.34
CA HIS A 375 -49.35 48.17 -4.47
C HIS A 375 -49.20 48.92 -5.80
N THR A 376 -49.61 50.20 -5.82
CA THR A 376 -49.37 51.06 -6.98
C THR A 376 -47.86 51.24 -7.23
N VAL A 377 -47.07 51.41 -6.16
CA VAL A 377 -45.61 51.56 -6.28
C VAL A 377 -45.03 50.35 -7.04
N TRP A 378 -45.31 49.14 -6.54
CA TRP A 378 -44.72 47.94 -7.14
C TRP A 378 -45.30 47.59 -8.52
N ALA A 379 -46.56 47.93 -8.76
CA ALA A 379 -47.17 47.74 -10.09
C ALA A 379 -46.46 48.55 -11.20
N ASN A 380 -45.87 49.69 -10.83
CA ASN A 380 -45.11 50.53 -11.77
C ASN A 380 -43.58 50.33 -11.73
N SER A 381 -43.11 49.26 -11.07
CA SER A 381 -41.69 49.05 -10.83
C SER A 381 -41.10 48.05 -11.81
N ILE A 382 -39.77 48.10 -11.95
CA ILE A 382 -39.00 47.09 -12.65
C ILE A 382 -37.89 46.61 -11.71
N ILE A 383 -37.78 45.28 -11.56
CA ILE A 383 -36.70 44.67 -10.79
C ILE A 383 -35.80 43.91 -11.75
N LEU A 384 -34.54 44.30 -11.82
CA LEU A 384 -33.54 43.45 -12.47
C LEU A 384 -32.99 42.52 -11.40
N SER A 385 -33.25 41.23 -11.56
CA SER A 385 -32.61 40.20 -10.77
C SER A 385 -31.30 39.88 -11.47
N ALA A 386 -30.23 40.54 -11.00
CA ALA A 386 -28.92 40.44 -11.65
C ALA A 386 -28.08 39.35 -10.98
N ASP A 387 -28.06 38.17 -11.62
CA ASP A 387 -27.25 37.05 -11.15
C ASP A 387 -26.48 36.46 -12.33
N VAL A 388 -25.23 36.10 -12.09
CA VAL A 388 -24.39 35.50 -13.14
C VAL A 388 -25.06 34.27 -13.79
N ASN A 389 -24.91 34.16 -15.10
CA ASN A 389 -25.39 32.99 -15.87
C ASN A 389 -24.17 32.36 -16.57
N HIS A 390 -24.40 31.41 -17.47
CA HIS A 390 -23.33 30.53 -17.95
C HIS A 390 -22.87 30.88 -19.35
N LEU A 391 -21.60 31.29 -19.46
CA LEU A 391 -20.93 31.38 -20.76
C LEU A 391 -20.89 30.01 -21.42
N TYR A 392 -21.02 30.01 -22.73
CA TYR A 392 -20.79 28.82 -23.54
C TYR A 392 -19.40 28.26 -23.22
N ASN A 393 -19.34 26.97 -22.91
CA ASN A 393 -18.10 26.27 -22.68
C ASN A 393 -17.92 25.37 -23.91
N PRO A 394 -16.92 25.68 -24.76
CA PRO A 394 -16.75 24.95 -26.01
C PRO A 394 -16.33 23.49 -25.85
N ASN A 395 -15.96 23.09 -24.63
CA ASN A 395 -15.65 21.69 -24.35
C ASN A 395 -16.85 20.84 -23.97
N PHE A 396 -18.01 21.47 -23.75
CA PHE A 396 -19.26 20.77 -23.41
C PHE A 396 -20.42 21.31 -24.25
N PRO A 397 -20.30 21.29 -25.59
CA PRO A 397 -21.35 21.84 -26.46
C PRO A 397 -22.73 21.19 -26.26
N GLU A 398 -22.74 19.91 -25.89
CA GLU A 398 -23.97 19.15 -25.66
C GLU A 398 -24.92 19.67 -24.57
N VAL A 399 -24.45 20.54 -23.67
CA VAL A 399 -25.34 21.08 -22.61
C VAL A 399 -25.77 22.53 -22.85
N TYR A 400 -25.38 23.12 -23.97
CA TYR A 400 -25.77 24.50 -24.30
C TYR A 400 -26.79 24.51 -25.42
N LEU A 401 -27.82 25.33 -25.24
CA LEU A 401 -28.91 25.44 -26.20
C LEU A 401 -28.50 26.36 -27.35
N LYS A 402 -28.55 25.85 -28.58
CA LYS A 402 -28.23 26.63 -29.78
C LYS A 402 -29.12 27.87 -29.86
N ASN A 403 -28.50 29.00 -30.23
CA ASN A 403 -29.14 30.33 -30.24
C ASN A 403 -29.51 30.90 -28.87
N HIS A 404 -29.16 30.21 -27.79
CA HIS A 404 -29.51 30.64 -26.43
C HIS A 404 -28.32 30.45 -25.49
N PHE A 405 -27.12 30.82 -25.94
CA PHE A 405 -25.96 30.92 -25.06
C PHE A 405 -25.21 32.22 -25.30
N PRO A 406 -24.63 32.80 -24.24
CA PRO A 406 -23.79 33.98 -24.39
C PRO A 406 -22.32 33.64 -24.64
N VAL A 407 -21.59 34.61 -25.17
CA VAL A 407 -20.14 34.51 -25.39
C VAL A 407 -19.46 35.69 -24.70
N PRO A 408 -18.13 35.61 -24.49
CA PRO A 408 -17.47 36.69 -23.72
C PRO A 408 -17.41 38.05 -24.43
N ASN A 409 -17.35 39.11 -23.63
CA ASN A 409 -17.07 40.48 -24.09
C ASN A 409 -18.06 41.08 -25.08
N VAL A 410 -19.33 40.69 -24.99
CA VAL A 410 -20.38 41.20 -25.87
C VAL A 410 -21.35 42.12 -25.11
N GLY A 411 -21.86 41.64 -23.98
CA GLY A 411 -22.81 42.41 -23.18
C GLY A 411 -23.61 41.55 -22.22
N ILE A 412 -24.60 42.17 -21.58
CA ILE A 412 -25.42 41.51 -20.57
C ILE A 412 -26.24 40.36 -21.17
N THR A 413 -26.48 39.31 -20.38
CA THR A 413 -27.23 38.14 -20.83
C THR A 413 -28.56 37.98 -20.08
N LEU A 414 -29.67 37.96 -20.82
CA LEU A 414 -30.99 37.63 -20.27
C LEU A 414 -31.06 36.13 -19.97
N SER A 415 -31.55 35.79 -18.78
CA SER A 415 -31.85 34.41 -18.41
C SER A 415 -33.33 34.18 -18.65
N LEU A 416 -33.64 33.21 -19.50
CA LEU A 416 -35.01 32.92 -19.93
C LEU A 416 -35.35 31.50 -19.54
N ASP A 417 -36.53 31.28 -18.99
CA ASP A 417 -36.98 29.95 -18.62
C ASP A 417 -38.51 29.85 -18.57
N PRO A 418 -39.10 28.92 -19.35
CA PRO A 418 -40.56 28.83 -19.38
C PRO A 418 -41.19 28.09 -18.17
N ASN A 419 -40.39 27.54 -17.27
CA ASN A 419 -40.91 26.78 -16.11
C ASN A 419 -40.62 27.40 -14.74
N GLY A 420 -40.48 28.73 -14.69
CA GLY A 420 -40.41 29.46 -13.42
C GLY A 420 -39.09 29.50 -12.67
N HIS A 421 -38.02 28.96 -13.24
CA HIS A 421 -36.70 29.09 -12.64
C HIS A 421 -36.20 30.55 -12.69
N MET A 422 -36.63 31.28 -13.71
CA MET A 422 -36.35 32.71 -13.86
C MET A 422 -37.69 33.45 -13.97
N ALA A 423 -37.72 34.69 -13.50
CA ALA A 423 -38.94 35.52 -13.50
C ALA A 423 -39.16 36.27 -14.83
N THR A 424 -38.17 36.24 -15.72
CA THR A 424 -38.23 36.93 -17.02
C THR A 424 -39.47 36.57 -17.85
N ASP A 425 -40.15 37.59 -18.39
CA ASP A 425 -41.30 37.39 -19.28
C ASP A 425 -41.10 38.15 -20.61
N VAL A 426 -42.09 38.05 -21.50
CA VAL A 426 -42.03 38.71 -22.83
C VAL A 426 -41.84 40.24 -22.77
N VAL A 427 -42.56 40.92 -21.87
CA VAL A 427 -42.46 42.39 -21.75
C VAL A 427 -41.08 42.79 -21.21
N GLY A 428 -40.59 42.07 -20.21
CA GLY A 428 -39.26 42.32 -19.64
C GLY A 428 -38.13 42.12 -20.64
N THR A 429 -38.24 41.09 -21.47
CA THR A 429 -37.30 40.86 -22.57
C THR A 429 -37.31 42.06 -23.53
N ALA A 430 -38.49 42.42 -24.01
CA ALA A 430 -38.67 43.57 -24.92
C ALA A 430 -38.15 44.87 -24.31
N LEU A 431 -38.44 45.08 -23.03
CA LEU A 431 -37.95 46.24 -22.29
C LEU A 431 -36.43 46.31 -22.28
N VAL A 432 -35.79 45.21 -21.90
CA VAL A 432 -34.31 45.14 -21.87
C VAL A 432 -33.72 45.33 -23.26
N GLU A 433 -34.34 44.72 -24.28
CA GLU A 433 -33.89 44.88 -25.66
C GLU A 433 -34.10 46.32 -26.16
N GLU A 434 -35.22 46.94 -25.79
CA GLU A 434 -35.48 48.35 -26.11
C GLU A 434 -34.45 49.27 -25.44
N LEU A 435 -34.23 49.04 -24.15
CA LEU A 435 -33.25 49.77 -23.35
C LEU A 435 -31.84 49.71 -23.95
N ALA A 436 -31.44 48.51 -24.36
CA ALA A 436 -30.11 48.28 -24.96
C ALA A 436 -29.95 48.96 -26.32
N ARG A 437 -30.99 48.90 -27.15
CA ARG A 437 -31.00 49.62 -28.44
C ARG A 437 -30.82 51.13 -28.24
N ARG A 438 -31.47 51.68 -27.21
CA ARG A 438 -31.35 53.11 -26.88
C ARG A 438 -29.97 53.49 -26.36
N ASN A 439 -29.44 52.69 -25.44
CA ASN A 439 -28.17 52.98 -24.78
C ASN A 439 -26.96 52.46 -25.57
N GLY A 440 -27.19 51.68 -26.63
CA GLY A 440 -26.12 51.14 -27.46
C GLY A 440 -25.41 49.96 -26.81
N ASP A 441 -26.17 49.13 -26.09
CA ASP A 441 -25.66 47.91 -25.47
C ASP A 441 -26.06 46.73 -26.33
N LYS A 442 -25.32 45.62 -26.20
CA LYS A 442 -25.69 44.35 -26.81
C LYS A 442 -26.33 43.48 -25.74
N VAL A 443 -27.30 42.67 -26.15
CA VAL A 443 -27.99 41.74 -25.23
C VAL A 443 -27.87 40.31 -25.76
N GLN A 444 -27.60 39.37 -24.87
CA GLN A 444 -27.49 37.95 -25.20
C GLN A 444 -28.58 37.17 -24.48
N TYR A 445 -28.76 35.92 -24.88
CA TYR A 445 -29.74 35.02 -24.26
C TYR A 445 -29.05 33.83 -23.59
N PHE A 446 -29.61 33.40 -22.45
CA PHE A 446 -29.38 32.07 -21.91
C PHE A 446 -30.71 31.37 -21.62
N GLN A 447 -30.82 30.14 -22.11
CA GLN A 447 -31.92 29.24 -21.75
C GLN A 447 -31.39 27.80 -21.82
N ILE A 448 -31.85 26.94 -20.91
CA ILE A 448 -31.42 25.54 -20.89
C ILE A 448 -32.03 24.75 -22.05
N LYS A 449 -31.37 23.66 -22.43
CA LYS A 449 -31.95 22.69 -23.36
C LYS A 449 -33.11 21.96 -22.67
N ASN A 450 -34.08 21.49 -23.46
CA ASN A 450 -35.27 20.82 -22.90
C ASN A 450 -34.94 19.55 -22.11
N ASN A 451 -33.86 18.87 -22.50
CA ASN A 451 -33.36 17.68 -21.80
C ASN A 451 -32.29 17.97 -20.74
N SER A 452 -32.15 19.22 -20.32
CA SER A 452 -31.11 19.64 -19.38
C SER A 452 -31.74 20.05 -18.04
N ARG A 453 -31.02 20.81 -17.23
CA ARG A 453 -31.44 21.18 -15.86
C ARG A 453 -31.12 22.65 -15.64
N SER A 454 -31.99 23.33 -14.89
CA SER A 454 -31.80 24.74 -14.56
C SER A 454 -31.70 24.96 -13.05
N GLY A 455 -30.81 25.88 -12.67
CA GLY A 455 -30.79 26.45 -11.33
C GLY A 455 -31.83 27.56 -11.22
N GLY A 456 -32.09 27.99 -9.99
CA GLY A 456 -33.03 29.09 -9.71
C GLY A 456 -32.31 30.28 -9.09
N THR A 457 -32.91 31.46 -9.25
CA THR A 457 -32.36 32.72 -8.72
C THR A 457 -33.34 33.32 -7.71
N ILE A 458 -32.98 34.48 -7.15
CA ILE A 458 -33.91 35.27 -6.31
C ILE A 458 -35.06 35.93 -7.10
N GLY A 459 -35.00 35.93 -8.43
CA GLY A 459 -35.97 36.65 -9.27
C GLY A 459 -37.42 36.33 -9.01
N PRO A 460 -37.80 35.04 -9.09
CA PRO A 460 -39.16 34.61 -8.75
C PRO A 460 -39.62 35.03 -7.34
N SER A 461 -38.72 34.93 -6.36
CA SER A 461 -39.02 35.40 -4.99
C SER A 461 -39.34 36.89 -4.93
N LEU A 462 -38.50 37.71 -5.55
CA LEU A 462 -38.73 39.16 -5.58
C LEU A 462 -40.01 39.55 -6.32
N ALA A 463 -40.24 38.89 -7.46
CA ALA A 463 -41.44 39.12 -8.26
C ALA A 463 -42.73 38.85 -7.48
N SER A 464 -42.79 37.72 -6.76
CA SER A 464 -44.03 37.40 -6.03
C SER A 464 -44.19 38.20 -4.75
N GLN A 465 -43.09 38.49 -4.07
CA GLN A 465 -43.11 39.29 -2.83
C GLN A 465 -43.57 40.73 -3.08
N THR A 466 -43.17 41.31 -4.22
CA THR A 466 -43.53 42.67 -4.57
C THR A 466 -44.74 42.78 -5.49
N GLY A 467 -44.94 41.79 -6.36
CA GLY A 467 -45.91 41.90 -7.45
C GLY A 467 -45.39 42.69 -8.65
N ALA A 468 -44.11 43.06 -8.65
CA ALA A 468 -43.52 43.88 -9.71
C ALA A 468 -42.93 43.01 -10.81
N ARG A 469 -42.95 43.50 -12.04
CA ARG A 469 -42.30 42.83 -13.16
C ARG A 469 -40.82 42.73 -12.85
N THR A 470 -40.30 41.50 -12.94
CA THR A 470 -38.92 41.19 -12.59
C THR A 470 -38.24 40.50 -13.77
N ILE A 471 -37.02 40.94 -14.07
CA ILE A 471 -36.27 40.48 -15.23
C ILE A 471 -34.99 39.83 -14.73
N ASP A 472 -34.81 38.55 -15.05
CA ASP A 472 -33.59 37.84 -14.67
C ASP A 472 -32.55 38.01 -15.77
N LEU A 473 -31.39 38.51 -15.39
CA LEU A 473 -30.27 38.69 -16.31
C LEU A 473 -28.94 38.73 -15.54
N GLY A 474 -27.83 38.82 -16.27
CA GLY A 474 -26.54 38.98 -15.61
C GLY A 474 -25.36 38.88 -16.53
N ILE A 475 -24.19 38.96 -15.92
CA ILE A 475 -22.92 38.84 -16.63
C ILE A 475 -22.58 37.35 -16.67
N ALA A 476 -22.42 36.79 -17.87
CA ALA A 476 -22.13 35.36 -18.02
C ALA A 476 -20.70 35.04 -17.62
N GLN A 477 -20.49 33.81 -17.13
CA GLN A 477 -19.17 33.33 -16.73
C GLN A 477 -18.99 31.86 -17.03
N LEU A 478 -17.73 31.45 -17.17
CA LEU A 478 -17.38 30.04 -17.20
C LEU A 478 -17.24 29.52 -15.78
N SER A 479 -17.44 28.22 -15.61
CA SER A 479 -17.04 27.49 -14.41
C SER A 479 -17.67 27.99 -13.10
N MET A 480 -18.96 28.33 -13.17
CA MET A 480 -19.71 28.77 -11.99
C MET A 480 -19.60 27.71 -10.89
N HIS A 481 -19.39 28.17 -9.66
CA HIS A 481 -19.18 27.32 -8.48
C HIS A 481 -17.80 26.64 -8.37
N SER A 482 -16.89 26.86 -9.31
CA SER A 482 -15.50 26.47 -9.09
C SER A 482 -14.92 27.40 -8.03
N ILE A 483 -13.78 27.00 -7.49
CA ILE A 483 -13.04 27.86 -6.58
C ILE A 483 -12.42 29.04 -7.34
N ARG A 484 -12.21 28.89 -8.64
CA ARG A 484 -11.66 29.94 -9.48
C ARG A 484 -12.33 29.93 -10.85
N ALA A 485 -13.13 30.96 -11.11
CA ALA A 485 -13.97 31.03 -12.31
C ALA A 485 -13.38 31.98 -13.35
N ALA A 486 -14.08 32.17 -14.46
CA ALA A 486 -13.63 33.05 -15.54
C ALA A 486 -14.80 33.75 -16.23
N THR A 487 -14.55 34.98 -16.66
CA THR A 487 -15.47 35.74 -17.51
C THR A 487 -14.64 36.53 -18.51
N GLY A 488 -15.30 37.33 -19.35
CA GLY A 488 -14.62 38.20 -20.28
C GLY A 488 -13.96 39.36 -19.56
N SER A 489 -12.79 39.80 -20.05
CA SER A 489 -12.04 40.91 -19.44
C SER A 489 -12.75 42.26 -19.62
N LYS A 490 -13.59 42.39 -20.64
CA LYS A 490 -14.42 43.58 -20.84
C LYS A 490 -15.79 43.51 -20.17
N ASP A 491 -16.20 42.34 -19.68
CA ASP A 491 -17.57 42.12 -19.19
C ASP A 491 -17.92 42.87 -17.89
N VAL A 492 -16.93 43.17 -17.05
CA VAL A 492 -17.17 43.99 -15.87
C VAL A 492 -17.63 45.37 -16.33
N GLY A 493 -16.84 45.97 -17.21
CA GLY A 493 -17.14 47.30 -17.77
C GLY A 493 -18.42 47.37 -18.58
N LEU A 494 -18.66 46.36 -19.41
CA LEU A 494 -19.91 46.23 -20.19
C LEU A 494 -21.13 46.10 -19.28
N GLY A 495 -20.97 45.35 -18.19
CA GLY A 495 -21.99 45.23 -17.18
C GLY A 495 -22.32 46.56 -16.53
N VAL A 496 -21.29 47.30 -16.16
CA VAL A 496 -21.47 48.62 -15.52
C VAL A 496 -22.19 49.57 -16.48
N LYS A 497 -21.77 49.58 -17.75
CA LYS A 497 -22.40 50.41 -18.77
C LYS A 497 -23.90 50.10 -18.92
N PHE A 498 -24.26 48.81 -18.94
CA PHE A 498 -25.68 48.41 -19.09
C PHE A 498 -26.56 48.84 -17.89
N PHE A 499 -26.06 48.60 -16.68
CA PHE A 499 -26.80 48.94 -15.46
C PHE A 499 -26.94 50.45 -15.25
N ASN A 500 -25.90 51.20 -15.63
CA ASN A 500 -25.96 52.66 -15.65
C ASN A 500 -27.05 53.15 -16.62
N GLY A 501 -27.10 52.51 -17.79
CA GLY A 501 -28.14 52.76 -18.78
C GLY A 501 -29.54 52.45 -18.26
N PHE A 502 -29.66 51.34 -17.52
CA PHE A 502 -30.91 50.99 -16.85
C PHE A 502 -31.39 52.09 -15.91
N PHE A 503 -30.53 52.56 -15.01
CA PHE A 503 -30.93 53.61 -14.06
C PHE A 503 -31.31 54.92 -14.76
N LYS A 504 -30.61 55.26 -15.83
CA LYS A 504 -30.90 56.47 -16.61
C LYS A 504 -32.23 56.41 -17.37
N HIS A 505 -32.52 55.27 -18.01
CA HIS A 505 -33.59 55.21 -19.02
C HIS A 505 -34.73 54.19 -18.79
N TRP A 506 -34.71 53.42 -17.70
CA TRP A 506 -35.73 52.37 -17.52
C TRP A 506 -37.16 52.96 -17.49
N ARG A 507 -37.32 54.08 -16.79
CA ARG A 507 -38.65 54.70 -16.60
C ARG A 507 -39.21 55.11 -17.95
N SER A 508 -38.41 55.87 -18.70
CA SER A 508 -38.76 56.31 -20.05
C SER A 508 -39.11 55.16 -20.98
N VAL A 509 -38.29 54.10 -20.97
CA VAL A 509 -38.50 52.95 -21.84
C VAL A 509 -39.77 52.18 -21.45
N TYR A 510 -39.98 51.97 -20.15
CA TYR A 510 -41.16 51.26 -19.66
C TYR A 510 -42.47 52.01 -19.95
N ASP A 511 -42.40 53.34 -20.02
CA ASP A 511 -43.56 54.17 -20.40
C ASP A 511 -44.04 53.93 -21.85
N GLU A 512 -43.17 53.40 -22.71
CA GLU A 512 -43.57 52.97 -24.06
C GLU A 512 -44.61 51.85 -24.05
N PHE A 513 -44.58 51.00 -23.02
CA PHE A 513 -45.49 49.86 -22.90
C PHE A 513 -46.86 50.20 -22.34
N GLY A 514 -47.00 51.37 -21.70
CA GLY A 514 -48.21 51.74 -20.98
C GLY A 514 -49.39 52.04 -21.87
N GLU B 33 30.58 43.50 1.41
CA GLU B 33 31.40 42.82 0.36
C GLU B 33 31.85 41.43 0.83
N GLU B 34 32.75 41.39 1.81
CA GLU B 34 33.24 40.14 2.40
C GLU B 34 32.19 39.53 3.35
N LYS B 35 31.51 40.39 4.10
CA LYS B 35 30.41 39.98 4.98
C LYS B 35 29.19 39.47 4.19
N GLU B 36 28.92 40.09 3.04
CA GLU B 36 27.86 39.63 2.13
C GLU B 36 28.16 38.26 1.52
N LYS B 37 29.44 38.00 1.24
CA LYS B 37 29.89 36.69 0.74
C LYS B 37 29.75 35.58 1.80
N LYS B 38 30.07 35.91 3.05
CA LYS B 38 29.88 35.00 4.18
C LYS B 38 28.39 34.75 4.46
N GLU B 39 27.59 35.80 4.39
CA GLU B 39 26.13 35.72 4.56
C GLU B 39 25.44 34.96 3.41
N ASN B 40 25.98 35.09 2.19
CA ASN B 40 25.48 34.35 1.02
C ASN B 40 25.68 32.84 1.17
N GLU B 41 26.90 32.44 1.55
CA GLU B 41 27.19 31.03 1.86
C GLU B 41 26.30 30.48 2.96
N ASN B 42 26.05 31.30 3.98
CA ASN B 42 25.19 30.92 5.12
C ASN B 42 23.73 30.69 4.71
N SER B 43 23.21 31.50 3.79
CA SER B 43 21.82 31.35 3.30
C SER B 43 21.65 30.14 2.39
N TRP B 44 22.49 30.04 1.37
CA TRP B 44 22.42 28.94 0.39
C TRP B 44 22.77 27.56 0.98
N CYS B 45 23.81 27.52 1.82
CA CYS B 45 24.30 26.26 2.41
C CYS B 45 23.88 26.04 3.88
N ILE B 46 22.93 26.85 4.37
CA ILE B 46 22.30 26.72 5.70
C ILE B 46 23.33 26.52 6.84
N LEU B 47 24.37 27.37 6.82
CA LEU B 47 25.45 27.31 7.82
C LEU B 47 25.11 28.06 9.12
N GLU B 48 24.20 29.04 9.03
CA GLU B 48 23.74 29.80 10.20
C GLU B 48 22.31 29.41 10.65
N HIS B 49 21.90 28.18 10.34
CA HIS B 49 20.53 27.69 10.58
C HIS B 49 19.44 28.59 9.95
N ASN B 50 19.70 29.07 8.74
CA ASN B 50 18.74 29.87 7.96
C ASN B 50 18.08 29.02 6.89
N TYR B 51 16.88 28.53 7.22
CA TYR B 51 16.10 27.66 6.32
C TYR B 51 15.14 28.46 5.44
N GLU B 52 14.77 29.68 5.86
CA GLU B 52 13.79 30.51 5.13
C GLU B 52 14.29 30.99 3.76
N ASP B 53 15.55 31.43 3.69
CA ASP B 53 16.11 31.94 2.42
C ASP B 53 16.17 30.87 1.34
N ILE B 54 16.65 29.68 1.69
CA ILE B 54 16.76 28.59 0.72
C ILE B 54 15.37 28.11 0.27
N ALA B 55 14.39 28.15 1.16
CA ALA B 55 12.99 27.89 0.80
C ALA B 55 12.49 28.87 -0.28
N GLN B 56 12.81 30.16 -0.12
CA GLN B 56 12.44 31.18 -1.12
C GLN B 56 13.18 31.04 -2.46
N GLU B 57 14.48 30.73 -2.41
CA GLU B 57 15.25 30.50 -3.63
C GLU B 57 14.65 29.34 -4.45
N PHE B 58 14.21 28.28 -3.75
CA PHE B 58 13.52 27.16 -4.40
C PHE B 58 12.22 27.57 -5.08
N ILE B 59 11.40 28.34 -4.37
CA ILE B 59 10.15 28.90 -4.90
C ILE B 59 10.43 29.73 -6.15
N ASP B 60 11.39 30.65 -6.04
CA ASP B 60 11.80 31.48 -7.19
C ASP B 60 12.31 30.63 -8.35
N PHE B 61 13.10 29.60 -8.03
CA PHE B 61 13.62 28.65 -9.02
C PHE B 61 12.48 27.96 -9.78
N ILE B 62 11.49 27.45 -9.06
CA ILE B 62 10.34 26.76 -9.68
C ILE B 62 9.53 27.72 -10.58
N TYR B 63 9.29 28.92 -10.07
CA TYR B 63 8.53 29.96 -10.77
C TYR B 63 9.23 30.46 -12.03
N LYS B 64 10.54 30.69 -11.96
CA LYS B 64 11.30 31.21 -13.10
C LYS B 64 11.70 30.16 -14.14
N ASN B 65 11.55 28.87 -13.81
CA ASN B 65 11.99 27.79 -14.68
C ASN B 65 10.92 26.72 -14.82
N PRO B 66 9.82 27.06 -15.53
CA PRO B 66 8.65 26.18 -15.56
C PRO B 66 8.83 24.85 -16.30
N THR B 67 9.70 24.80 -17.30
CA THR B 67 9.91 23.59 -18.11
C THR B 67 11.25 22.92 -17.81
N THR B 68 11.35 21.66 -18.24
CA THR B 68 12.58 20.89 -18.04
C THR B 68 13.79 21.60 -18.68
N TYR B 69 13.58 22.13 -19.90
CA TYR B 69 14.58 22.95 -20.58
C TYR B 69 15.06 24.12 -19.74
N HIS B 70 14.14 24.84 -19.09
CA HIS B 70 14.52 25.96 -18.21
C HIS B 70 15.32 25.50 -17.00
N VAL B 71 14.90 24.38 -16.40
CA VAL B 71 15.55 23.84 -15.19
C VAL B 71 17.00 23.46 -15.46
N VAL B 72 17.23 22.71 -16.53
CA VAL B 72 18.58 22.32 -16.93
C VAL B 72 19.43 23.56 -17.27
N SER B 73 18.82 24.53 -17.95
CA SER B 73 19.49 25.80 -18.25
C SER B 73 19.87 26.59 -16.98
N PHE B 74 18.97 26.61 -16.01
CA PHE B 74 19.24 27.24 -14.69
C PHE B 74 20.46 26.61 -14.02
N PHE B 75 20.46 25.28 -13.92
CA PHE B 75 21.60 24.57 -13.30
C PHE B 75 22.90 24.73 -14.08
N ALA B 76 22.81 24.75 -15.42
CA ALA B 76 23.98 25.00 -16.27
C ALA B 76 24.63 26.35 -15.99
N GLU B 77 23.79 27.39 -15.86
CA GLU B 77 24.26 28.74 -15.52
C GLU B 77 24.80 28.83 -14.10
N LEU B 78 24.14 28.15 -13.16
CA LEU B 78 24.61 28.04 -11.78
C LEU B 78 26.01 27.42 -11.73
N LEU B 79 26.18 26.30 -12.44
CA LEU B 79 27.46 25.60 -12.54
C LEU B 79 28.58 26.47 -13.14
N ASP B 80 28.25 27.26 -14.16
CA ASP B 80 29.20 28.22 -14.77
C ASP B 80 29.68 29.25 -13.74
N LYS B 81 28.75 29.77 -12.94
CA LYS B 81 29.07 30.77 -11.92
C LYS B 81 29.95 30.23 -10.80
N HIS B 82 29.93 28.92 -10.55
CA HIS B 82 30.83 28.27 -9.58
C HIS B 82 31.98 27.48 -10.23
N ASN B 83 32.37 27.89 -11.43
CA ASN B 83 33.62 27.43 -12.10
C ASN B 83 33.63 25.97 -12.56
N PHE B 84 32.45 25.42 -12.88
CA PHE B 84 32.38 24.13 -13.57
C PHE B 84 32.52 24.38 -15.07
N LYS B 85 33.37 23.59 -15.73
CA LYS B 85 33.62 23.72 -17.16
C LYS B 85 32.67 22.81 -17.95
N TYR B 86 31.95 23.39 -18.92
CA TYR B 86 31.06 22.61 -19.78
C TYR B 86 31.89 21.75 -20.75
N LEU B 87 31.49 20.49 -20.90
CA LEU B 87 32.09 19.56 -21.86
C LEU B 87 31.01 19.04 -22.79
N SER B 88 31.21 19.15 -24.10
CA SER B 88 30.25 18.62 -25.06
C SER B 88 30.35 17.10 -25.14
N GLU B 89 29.19 16.44 -25.15
CA GLU B 89 29.10 15.00 -25.46
C GLU B 89 29.62 14.64 -26.84
N LYS B 90 29.49 15.56 -27.79
CA LYS B 90 29.83 15.31 -29.19
C LYS B 90 31.33 15.20 -29.50
N SER B 91 32.20 15.61 -28.56
CA SER B 91 33.66 15.51 -28.75
C SER B 91 34.32 14.71 -27.64
N ASN B 92 35.40 14.01 -27.99
CA ASN B 92 36.19 13.23 -27.05
C ASN B 92 36.80 14.13 -25.97
N TRP B 93 36.83 13.66 -24.72
CA TRP B 93 37.24 14.47 -23.57
C TRP B 93 38.72 14.38 -23.17
N GLN B 94 39.54 13.63 -23.91
CA GLN B 94 40.95 13.39 -23.55
C GLN B 94 41.78 14.68 -23.43
N ASP B 95 41.47 15.67 -24.28
CA ASP B 95 42.13 16.98 -24.25
C ASP B 95 41.56 17.98 -23.21
N SER B 96 40.35 17.74 -22.73
CA SER B 96 39.65 18.67 -21.82
C SER B 96 39.78 18.34 -20.32
N ILE B 97 40.12 17.10 -20.00
CA ILE B 97 40.33 16.66 -18.62
C ILE B 97 41.73 16.07 -18.54
N GLY B 98 42.52 16.59 -17.59
CA GLY B 98 43.91 16.15 -17.38
C GLY B 98 44.13 15.62 -15.99
N GLU B 99 45.40 15.42 -15.64
CA GLU B 99 45.79 14.75 -14.39
C GLU B 99 45.36 15.47 -13.11
N ASP B 100 45.15 16.78 -13.18
CA ASP B 100 44.62 17.56 -12.05
C ASP B 100 43.11 17.42 -11.80
N GLY B 101 42.39 16.78 -12.73
CA GLY B 101 40.93 16.64 -12.60
C GLY B 101 40.26 17.99 -12.63
N GLY B 102 39.20 18.16 -11.85
CA GLY B 102 38.51 19.45 -11.76
C GLY B 102 37.01 19.32 -11.68
N LYS B 103 36.32 20.39 -12.04
CA LYS B 103 34.89 20.52 -11.90
C LYS B 103 34.30 20.69 -13.30
N PHE B 104 33.42 19.78 -13.68
CA PHE B 104 32.88 19.75 -15.04
C PHE B 104 31.38 19.45 -15.06
N TYR B 105 30.77 19.68 -16.22
CA TYR B 105 29.44 19.16 -16.50
C TYR B 105 29.21 18.96 -17.99
N THR B 106 28.21 18.15 -18.33
CA THR B 106 27.76 17.97 -19.70
C THR B 106 26.23 17.91 -19.74
N ILE B 107 25.68 18.09 -20.94
CA ILE B 107 24.23 18.12 -21.15
C ILE B 107 23.89 17.26 -22.37
N ARG B 108 22.83 16.44 -22.23
CA ARG B 108 22.27 15.68 -23.35
C ARG B 108 20.84 16.15 -23.61
N ASN B 109 20.54 16.46 -24.87
CA ASN B 109 19.19 16.82 -25.32
C ASN B 109 18.61 18.11 -24.71
N GLY B 110 19.44 18.89 -24.02
CA GLY B 110 18.98 20.03 -23.22
C GLY B 110 18.15 19.71 -21.99
N THR B 111 17.92 18.43 -21.69
CA THR B 111 17.04 18.02 -20.58
C THR B 111 17.66 17.01 -19.59
N ASN B 112 18.93 16.65 -19.80
CA ASN B 112 19.59 15.59 -19.06
C ASN B 112 21.02 16.10 -18.79
N LEU B 113 21.32 16.37 -17.53
CA LEU B 113 22.55 17.06 -17.13
C LEU B 113 23.32 16.24 -16.09
N SER B 114 24.64 16.22 -16.20
CA SER B 114 25.52 15.58 -15.23
C SER B 114 26.65 16.53 -14.86
N ALA B 115 26.71 16.94 -13.59
CA ALA B 115 27.81 17.75 -13.06
C ALA B 115 28.71 16.85 -12.22
N PHE B 116 30.02 17.07 -12.27
CA PHE B 116 30.93 16.24 -11.50
C PHE B 116 32.24 16.90 -11.11
N ILE B 117 32.82 16.38 -10.02
CA ILE B 117 34.05 16.87 -9.44
C ILE B 117 35.01 15.69 -9.35
N LEU B 118 36.15 15.80 -10.02
CA LEU B 118 37.11 14.70 -10.11
C LEU B 118 38.42 15.11 -9.43
N GLY B 119 38.84 14.32 -8.44
CA GLY B 119 40.03 14.64 -7.65
C GLY B 119 41.31 14.18 -8.32
N LYS B 120 42.38 14.95 -8.13
CA LYS B 120 43.71 14.60 -8.65
C LYS B 120 44.19 13.24 -8.14
N ASN B 121 43.85 12.91 -6.90
CA ASN B 121 44.25 11.65 -6.28
C ASN B 121 43.20 10.54 -6.31
N TRP B 122 42.16 10.70 -7.13
CA TRP B 122 41.15 9.66 -7.26
C TRP B 122 41.75 8.42 -7.91
N ARG B 123 41.33 7.26 -7.42
CA ARG B 123 41.67 5.98 -8.02
C ARG B 123 40.37 5.20 -8.15
N ALA B 124 40.37 4.17 -9.00
CA ALA B 124 39.19 3.31 -9.21
C ALA B 124 38.56 2.81 -7.90
N GLU B 125 39.41 2.43 -6.95
CA GLU B 125 39.00 1.86 -5.67
C GLU B 125 38.23 2.83 -4.74
N LYS B 126 38.36 4.13 -4.99
CA LYS B 126 37.58 5.14 -4.23
C LYS B 126 36.11 5.21 -4.68
N GLY B 127 35.83 4.73 -5.88
CA GLY B 127 34.46 4.71 -6.40
C GLY B 127 33.96 6.10 -6.71
N VAL B 128 32.64 6.22 -6.80
CA VAL B 128 31.96 7.48 -7.12
C VAL B 128 30.79 7.68 -6.14
N GLY B 129 30.65 8.91 -5.65
CA GLY B 129 29.51 9.32 -4.83
C GLY B 129 28.51 10.02 -5.72
N VAL B 130 27.41 9.34 -6.04
CA VAL B 130 26.41 9.80 -7.00
C VAL B 130 25.09 10.17 -6.30
N ILE B 131 24.47 11.26 -6.75
CA ILE B 131 23.06 11.54 -6.49
C ILE B 131 22.35 11.61 -7.83
N GLY B 132 21.38 10.72 -8.03
CA GLY B 132 20.58 10.69 -9.24
C GLY B 132 19.15 11.13 -8.97
N SER B 133 18.69 12.10 -9.75
CA SER B 133 17.34 12.66 -9.62
C SER B 133 16.78 12.91 -11.00
N HIS B 134 15.49 13.25 -11.07
CA HIS B 134 14.89 13.61 -12.35
C HIS B 134 14.34 15.04 -12.36
N VAL B 135 14.45 15.67 -13.53
CA VAL B 135 14.05 17.06 -13.72
C VAL B 135 12.76 17.22 -14.52
N ASP B 136 12.26 16.14 -15.11
CA ASP B 136 10.94 16.18 -15.74
C ASP B 136 9.87 16.14 -14.66
N ALA B 137 8.75 16.81 -14.94
CA ALA B 137 7.60 16.82 -14.05
C ALA B 137 6.33 16.66 -14.88
N LEU B 138 5.28 16.15 -14.25
CA LEU B 138 3.97 16.05 -14.93
C LEU B 138 3.61 17.41 -15.54
N THR B 139 3.25 17.41 -16.82
CA THR B 139 2.88 18.64 -17.52
C THR B 139 1.90 18.33 -18.66
N VAL B 140 1.60 19.34 -19.46
CA VAL B 140 0.75 19.22 -20.64
C VAL B 140 1.57 19.77 -21.80
N LYS B 141 1.66 19.00 -22.88
CA LYS B 141 2.46 19.36 -24.05
C LYS B 141 1.52 19.82 -25.14
N LEU B 142 1.92 20.85 -25.88
CA LEU B 142 1.22 21.16 -27.13
C LEU B 142 1.42 20.01 -28.11
N LYS B 143 0.36 19.66 -28.84
CA LYS B 143 0.48 18.64 -29.89
C LYS B 143 1.35 19.20 -31.03
N PRO B 144 1.98 18.29 -31.82
CA PRO B 144 2.75 18.71 -33.01
C PRO B 144 2.01 19.71 -33.90
N VAL B 145 0.69 19.50 -34.04
CA VAL B 145 -0.23 20.46 -34.61
C VAL B 145 -1.20 20.84 -33.50
N SER B 146 -1.03 22.03 -32.93
CA SER B 146 -1.92 22.53 -31.88
C SER B 146 -3.19 23.19 -32.45
N PHE B 147 -3.23 23.41 -33.76
CA PHE B 147 -4.33 24.15 -34.38
C PHE B 147 -5.67 23.46 -34.18
N LYS B 148 -6.62 24.20 -33.62
CA LYS B 148 -8.03 23.82 -33.59
C LYS B 148 -8.83 24.90 -34.27
N ASP B 149 -9.91 24.49 -34.96
CA ASP B 149 -10.86 25.44 -35.54
C ASP B 149 -11.55 26.18 -34.38
N THR B 150 -11.92 27.44 -34.60
CA THR B 150 -12.64 28.18 -33.57
C THR B 150 -14.00 27.52 -33.34
N ALA B 151 -14.42 27.48 -32.08
CA ALA B 151 -15.64 26.80 -31.66
C ALA B 151 -16.57 27.86 -31.06
N GLU B 152 -17.52 28.32 -31.87
CA GLU B 152 -18.41 29.45 -31.53
C GLU B 152 -17.62 30.70 -31.11
N GLY B 153 -16.48 30.93 -31.77
CA GLY B 153 -15.62 32.08 -31.48
C GLY B 153 -14.48 31.83 -30.50
N TYR B 154 -14.55 30.74 -29.73
CA TYR B 154 -13.48 30.41 -28.78
C TYR B 154 -12.25 29.86 -29.50
N GLY B 155 -11.10 30.38 -29.13
CA GLY B 155 -9.81 29.82 -29.51
C GLY B 155 -9.42 28.75 -28.51
N ARG B 156 -9.02 27.58 -29.02
CA ARG B 156 -8.51 26.48 -28.20
C ARG B 156 -7.23 25.93 -28.83
N ILE B 157 -6.45 25.19 -28.04
CA ILE B 157 -5.25 24.51 -28.54
C ILE B 157 -5.29 23.00 -28.25
N ALA B 158 -4.84 22.22 -29.23
CA ALA B 158 -4.74 20.77 -29.12
C ALA B 158 -3.47 20.43 -28.32
N VAL B 159 -3.66 19.70 -27.23
CA VAL B 159 -2.59 19.35 -26.30
C VAL B 159 -2.66 17.87 -25.93
N ALA B 160 -1.60 17.39 -25.27
CA ALA B 160 -1.49 16.00 -24.83
C ALA B 160 -0.92 15.96 -23.43
N PRO B 161 -1.35 14.98 -22.61
CA PRO B 161 -0.80 14.88 -21.25
C PRO B 161 0.58 14.24 -21.22
N TYR B 162 1.46 14.79 -20.40
CA TYR B 162 2.75 14.15 -20.11
C TYR B 162 2.64 13.58 -18.70
N GLY B 163 2.49 12.26 -18.59
CA GLY B 163 2.11 11.61 -17.34
C GLY B 163 0.63 11.87 -17.04
N GLY B 164 0.23 11.70 -15.77
CA GLY B 164 -1.19 11.72 -15.38
C GLY B 164 -1.78 13.10 -15.11
N THR B 165 -1.74 13.97 -16.12
CA THR B 165 -2.31 15.32 -16.05
C THR B 165 -3.66 15.35 -16.76
N LEU B 166 -4.22 16.55 -16.95
CA LEU B 166 -5.53 16.74 -17.58
C LEU B 166 -6.64 16.01 -16.83
N ASN B 167 -6.54 16.03 -15.51
CA ASN B 167 -7.56 15.52 -14.60
C ASN B 167 -8.21 16.72 -13.90
N GLU B 168 -9.02 16.46 -12.88
CA GLU B 168 -9.74 17.53 -12.19
C GLU B 168 -8.85 18.55 -11.47
N LEU B 169 -7.63 18.15 -11.10
CA LEU B 169 -6.69 19.08 -10.47
C LEU B 169 -6.14 20.11 -11.48
N TRP B 170 -6.15 19.75 -12.77
CA TRP B 170 -5.75 20.66 -13.83
C TRP B 170 -6.87 21.62 -14.30
N LEU B 171 -8.11 21.39 -13.87
CA LEU B 171 -9.21 22.29 -14.20
C LEU B 171 -9.13 23.60 -13.41
N ASP B 172 -9.48 24.71 -14.08
CA ASP B 172 -9.61 26.02 -13.45
C ASP B 172 -8.31 26.51 -12.79
N ARG B 173 -7.21 26.26 -13.50
CA ARG B 173 -5.87 26.69 -13.09
C ARG B 173 -5.35 27.66 -14.14
N ASP B 174 -4.64 28.68 -13.69
CA ASP B 174 -4.03 29.67 -14.58
C ASP B 174 -2.81 29.04 -15.28
N LEU B 175 -2.91 28.78 -16.57
CA LEU B 175 -1.83 28.09 -17.32
C LEU B 175 -1.04 29.00 -18.25
N GLY B 176 0.27 29.10 -17.98
CA GLY B 176 1.21 29.77 -18.87
C GLY B 176 1.71 28.81 -19.92
N ILE B 177 2.44 29.34 -20.90
CA ILE B 177 3.03 28.53 -21.98
C ILE B 177 4.51 28.82 -22.03
N GLY B 178 5.30 27.79 -22.35
CA GLY B 178 6.75 27.94 -22.38
C GLY B 178 7.47 26.69 -22.81
N GLY B 179 8.76 26.84 -23.11
CA GLY B 179 9.59 25.73 -23.57
C GLY B 179 10.51 26.14 -24.69
N ARG B 180 10.80 25.20 -25.58
CA ARG B 180 11.84 25.34 -26.60
C ARG B 180 11.25 25.61 -27.98
N LEU B 181 11.72 26.70 -28.61
CA LEU B 181 11.51 26.98 -30.03
C LEU B 181 12.78 26.62 -30.79
N LEU B 182 12.65 26.00 -31.95
CA LEU B 182 13.75 25.85 -32.89
C LEU B 182 13.53 26.86 -34.02
N TYR B 183 14.58 27.62 -34.35
CA TYR B 183 14.48 28.65 -35.39
C TYR B 183 15.72 28.69 -36.29
N LYS B 184 15.54 29.27 -37.48
CA LYS B 184 16.60 29.46 -38.46
C LYS B 184 16.56 30.90 -38.94
N LYS B 185 17.56 31.70 -38.54
CA LYS B 185 17.64 33.09 -38.97
C LYS B 185 17.71 33.21 -40.49
N LYS B 186 17.03 34.22 -41.04
CA LYS B 186 17.02 34.47 -42.48
C LYS B 186 18.44 34.67 -43.00
N GLY B 187 18.72 34.06 -44.16
CA GLY B 187 20.05 34.11 -44.75
C GLY B 187 21.11 33.31 -44.01
N THR B 188 20.70 32.28 -43.29
CA THR B 188 21.62 31.33 -42.65
C THR B 188 21.07 29.91 -42.79
N ASN B 189 21.93 28.93 -42.58
CA ASN B 189 21.54 27.52 -42.47
C ASN B 189 21.75 26.93 -41.06
N GLU B 190 21.79 27.80 -40.05
CA GLU B 190 21.93 27.38 -38.66
C GLU B 190 20.55 27.24 -38.01
N ILE B 191 20.27 26.05 -37.47
CA ILE B 191 19.10 25.83 -36.63
C ILE B 191 19.54 26.09 -35.20
N LYS B 192 18.94 27.08 -34.56
CA LYS B 192 19.24 27.42 -33.16
C LYS B 192 17.97 27.33 -32.36
N SER B 193 18.12 27.30 -31.03
CA SER B 193 16.96 27.24 -30.15
C SER B 193 16.90 28.41 -29.17
N ALA B 194 15.68 28.73 -28.77
CA ALA B 194 15.42 29.76 -27.78
C ALA B 194 14.39 29.22 -26.80
N LEU B 195 14.58 29.56 -25.53
CA LEU B 195 13.63 29.24 -24.47
C LEU B 195 12.62 30.39 -24.37
N VAL B 196 11.33 30.06 -24.27
CA VAL B 196 10.27 31.06 -24.09
C VAL B 196 9.41 30.74 -22.86
N ASP B 197 8.74 31.76 -22.34
CA ASP B 197 7.96 31.65 -21.10
C ASP B 197 6.99 32.83 -20.98
N SER B 198 5.69 32.55 -20.96
CA SER B 198 4.66 33.60 -20.86
C SER B 198 4.51 34.20 -19.45
N THR B 199 5.00 33.49 -18.43
CA THR B 199 4.91 33.94 -17.03
C THR B 199 5.21 35.45 -16.92
N PRO B 200 4.33 36.23 -16.23
CA PRO B 200 3.14 35.83 -15.46
C PRO B 200 1.85 35.63 -16.27
N LEU B 201 1.84 35.84 -17.58
CA LEU B 201 0.60 35.74 -18.36
C LEU B 201 0.09 34.29 -18.44
N PRO B 202 -1.10 34.03 -17.87
CA PRO B 202 -1.71 32.74 -18.17
C PRO B 202 -2.45 32.83 -19.50
N VAL B 203 -1.87 32.21 -20.52
CA VAL B 203 -2.44 32.27 -21.87
C VAL B 203 -3.70 31.40 -22.03
N CYS B 204 -3.89 30.43 -21.15
CA CYS B 204 -5.08 29.59 -21.25
C CYS B 204 -5.50 28.99 -19.91
N ARG B 205 -6.61 28.27 -19.97
CA ARG B 205 -7.26 27.70 -18.82
C ARG B 205 -8.16 26.57 -19.34
N ILE B 206 -8.26 25.49 -18.58
CA ILE B 206 -9.13 24.36 -18.90
C ILE B 206 -10.39 24.53 -18.02
N PRO B 207 -11.51 25.00 -18.63
CA PRO B 207 -12.69 25.38 -17.84
C PRO B 207 -13.58 24.21 -17.43
N SER B 208 -13.80 24.06 -16.12
CA SER B 208 -14.78 23.09 -15.63
C SER B 208 -16.18 23.51 -16.06
N LEU B 209 -17.07 22.52 -16.19
CA LEU B 209 -18.47 22.78 -16.46
C LEU B 209 -19.17 23.06 -15.13
N ALA B 210 -20.06 24.05 -15.11
CA ALA B 210 -20.79 24.39 -13.89
C ALA B 210 -21.62 23.19 -13.44
N PRO B 211 -21.68 22.92 -12.11
CA PRO B 211 -22.46 21.77 -11.61
C PRO B 211 -23.97 21.88 -11.84
N HIS B 212 -24.43 23.06 -12.22
CA HIS B 212 -25.84 23.34 -12.52
C HIS B 212 -26.38 22.45 -13.63
N PHE B 213 -25.52 22.07 -14.58
CA PHE B 213 -25.90 21.22 -15.72
C PHE B 213 -26.07 19.72 -15.38
N GLY B 214 -25.68 19.31 -14.17
CA GLY B 214 -25.98 17.98 -13.65
C GLY B 214 -24.90 16.98 -14.02
N LYS B 215 -25.35 15.81 -14.51
CA LYS B 215 -24.47 14.66 -14.76
C LYS B 215 -23.30 14.92 -15.71
N PRO B 216 -23.49 15.71 -16.78
CA PRO B 216 -22.35 16.10 -17.63
C PRO B 216 -21.21 16.81 -16.90
N ALA B 217 -21.52 17.53 -15.82
CA ALA B 217 -20.52 18.21 -15.00
C ALA B 217 -19.74 17.30 -14.03
N GLU B 218 -20.10 16.02 -13.92
CA GLU B 218 -19.45 15.10 -12.99
C GLU B 218 -18.28 14.40 -13.67
N GLY B 219 -17.13 14.37 -13.00
CA GLY B 219 -15.92 13.73 -13.54
C GLY B 219 -15.97 12.21 -13.44
N PRO B 220 -14.95 11.52 -13.99
CA PRO B 220 -13.78 12.05 -14.69
C PRO B 220 -14.10 12.49 -16.11
N PHE B 221 -13.24 13.32 -16.70
CA PHE B 221 -13.48 13.91 -18.01
C PHE B 221 -12.55 13.33 -19.07
N ASP B 222 -13.04 13.29 -20.31
CA ASP B 222 -12.28 12.76 -21.45
C ASP B 222 -11.09 13.68 -21.73
N LYS B 223 -9.88 13.12 -21.72
CA LYS B 223 -8.66 13.91 -21.88
C LYS B 223 -8.47 14.46 -23.31
N GLU B 224 -9.19 13.93 -24.29
CA GLU B 224 -9.11 14.41 -25.67
C GLU B 224 -10.20 15.42 -25.99
N ASP B 225 -11.43 15.14 -25.58
CA ASP B 225 -12.60 15.94 -25.98
C ASP B 225 -13.07 16.96 -24.97
N GLN B 226 -12.76 16.78 -23.69
CA GLN B 226 -13.30 17.64 -22.63
C GLN B 226 -12.28 18.52 -21.90
N THR B 227 -11.05 18.06 -21.71
CA THR B 227 -10.03 18.86 -21.01
C THR B 227 -9.11 19.57 -22.00
N ILE B 228 -9.70 20.47 -22.79
CA ILE B 228 -9.01 21.20 -23.85
C ILE B 228 -8.79 22.65 -23.37
N PRO B 229 -7.53 23.13 -23.36
CA PRO B 229 -7.29 24.51 -22.93
C PRO B 229 -7.92 25.56 -23.84
N VAL B 230 -8.60 26.54 -23.23
CA VAL B 230 -9.19 27.67 -23.95
C VAL B 230 -8.19 28.81 -23.91
N ILE B 231 -7.73 29.23 -25.09
CA ILE B 231 -6.63 30.18 -25.20
C ILE B 231 -7.10 31.63 -25.50
N GLY B 232 -8.27 31.80 -26.09
CA GLY B 232 -8.79 33.15 -26.37
C GLY B 232 -10.22 33.19 -26.90
N PHE B 233 -10.71 34.41 -27.11
CA PHE B 233 -11.92 34.69 -27.88
C PHE B 233 -11.68 35.92 -28.76
N PRO B 234 -10.99 35.74 -29.90
CA PRO B 234 -10.59 36.89 -30.72
C PRO B 234 -11.76 37.61 -31.42
N THR B 235 -11.55 38.88 -31.76
CA THR B 235 -12.53 39.72 -32.45
C THR B 235 -11.96 40.23 -33.77
N PRO B 236 -12.85 40.68 -34.69
CA PRO B 236 -12.38 41.28 -35.95
C PRO B 236 -12.03 42.76 -35.77
N GLU B 242 -4.97 40.81 -37.58
CA GLU B 242 -4.57 40.90 -38.98
C GLU B 242 -4.37 39.49 -39.57
N PRO B 243 -4.73 39.29 -40.86
CA PRO B 243 -4.47 37.99 -41.49
C PRO B 243 -2.97 37.72 -41.73
N PRO B 244 -2.60 36.44 -42.02
CA PRO B 244 -1.19 36.12 -42.26
C PRO B 244 -0.55 36.80 -43.48
N THR B 245 0.66 37.32 -43.31
CA THR B 245 1.41 37.92 -44.43
C THR B 245 2.09 36.83 -45.25
N ASP B 246 2.57 37.18 -46.44
CA ASP B 246 3.30 36.24 -47.30
C ASP B 246 4.57 35.69 -46.65
N ASP B 247 5.28 36.53 -45.90
CA ASP B 247 6.47 36.11 -45.17
C ASP B 247 6.15 35.09 -44.06
N GLU B 248 5.09 35.35 -43.30
CA GLU B 248 4.63 34.43 -42.25
C GLU B 248 4.26 33.05 -42.80
N LYS B 249 3.66 33.03 -43.99
CA LYS B 249 3.32 31.78 -44.69
C LYS B 249 4.53 30.94 -45.14
N LYS B 250 5.72 31.55 -45.19
CA LYS B 250 6.96 30.82 -45.46
C LYS B 250 7.47 29.99 -44.27
N SER B 251 6.91 30.19 -43.09
CA SER B 251 7.26 29.38 -41.91
C SER B 251 6.86 27.91 -42.10
N PRO B 252 7.78 26.97 -41.79
CA PRO B 252 7.41 25.55 -41.66
C PRO B 252 6.22 25.28 -40.72
N LEU B 253 6.06 26.10 -39.68
CA LEU B 253 4.97 25.94 -38.72
C LEU B 253 3.67 26.63 -39.10
N PHE B 254 3.63 27.32 -40.24
CA PHE B 254 2.36 27.90 -40.72
C PHE B 254 1.39 26.76 -41.03
N GLY B 255 0.16 26.88 -40.53
CA GLY B 255 -0.84 25.82 -40.66
C GLY B 255 -0.85 24.83 -39.51
N LYS B 256 0.28 24.65 -38.84
CA LYS B 256 0.41 23.73 -37.71
C LYS B 256 -0.05 24.35 -36.40
N HIS B 257 0.05 25.67 -36.29
CA HIS B 257 -0.37 26.39 -35.09
C HIS B 257 -1.05 27.67 -35.49
N CYS B 258 -1.99 28.11 -34.65
CA CYS B 258 -2.70 29.37 -34.81
C CYS B 258 -1.71 30.52 -35.04
N ILE B 259 -2.01 31.38 -36.02
CA ILE B 259 -1.14 32.53 -36.34
C ILE B 259 -0.91 33.47 -35.14
N HIS B 260 -1.91 33.62 -34.28
CA HIS B 260 -1.76 34.42 -33.06
C HIS B 260 -0.69 33.78 -32.16
N LEU B 261 -0.76 32.47 -31.95
CA LEU B 261 0.23 31.75 -31.13
C LEU B 261 1.66 31.89 -31.68
N LEU B 262 1.82 31.63 -32.97
CA LEU B 262 3.12 31.76 -33.63
C LEU B 262 3.71 33.18 -33.51
N ARG B 263 2.85 34.18 -33.69
CA ARG B 263 3.25 35.58 -33.47
C ARG B 263 3.72 35.80 -32.04
N TYR B 264 2.97 35.25 -31.09
CA TYR B 264 3.27 35.46 -29.67
C TYR B 264 4.61 34.83 -29.25
N VAL B 265 4.81 33.55 -29.53
CA VAL B 265 6.06 32.87 -29.18
C VAL B 265 7.29 33.44 -29.91
N ALA B 266 7.10 33.85 -31.16
CA ALA B 266 8.14 34.55 -31.93
C ALA B 266 8.55 35.89 -31.29
N LYS B 267 7.57 36.67 -30.83
CA LYS B 267 7.84 37.94 -30.13
C LYS B 267 8.59 37.71 -28.82
N LEU B 268 8.19 36.70 -28.06
CA LEU B 268 8.91 36.30 -26.84
C LEU B 268 10.37 35.90 -27.13
N ALA B 269 10.58 35.17 -28.22
CA ALA B 269 11.92 34.71 -28.62
C ALA B 269 12.77 35.77 -29.33
N GLY B 270 12.13 36.83 -29.83
CA GLY B 270 12.81 37.87 -30.58
C GLY B 270 13.21 37.43 -31.98
N VAL B 271 12.34 36.65 -32.63
CA VAL B 271 12.56 36.18 -34.00
C VAL B 271 11.28 36.40 -34.83
N GLU B 272 11.39 36.16 -36.13
CA GLU B 272 10.26 36.29 -37.05
C GLU B 272 9.51 34.97 -37.12
N VAL B 273 8.20 35.06 -37.39
CA VAL B 273 7.36 33.88 -37.59
C VAL B 273 7.93 32.98 -38.70
N SER B 274 8.38 33.59 -39.80
CA SER B 274 9.00 32.87 -40.93
C SER B 274 10.21 32.02 -40.54
N GLU B 275 10.93 32.46 -39.51
CA GLU B 275 12.11 31.76 -39.01
C GLU B 275 11.83 30.54 -38.10
N LEU B 276 10.59 30.37 -37.62
CA LEU B 276 10.25 29.25 -36.72
C LEU B 276 10.25 27.91 -37.46
N ILE B 277 11.02 26.96 -36.93
CA ILE B 277 11.21 25.63 -37.55
C ILE B 277 10.34 24.59 -36.86
N GLN B 278 10.50 24.49 -35.54
CA GLN B 278 9.71 23.59 -34.70
C GLN B 278 9.57 24.13 -33.28
N MET B 279 8.74 23.47 -32.48
CA MET B 279 8.64 23.82 -31.07
C MET B 279 8.16 22.67 -30.19
N ASP B 280 8.57 22.76 -28.93
CA ASP B 280 8.26 21.80 -27.88
C ASP B 280 7.82 22.63 -26.67
N LEU B 281 6.51 22.87 -26.56
CA LEU B 281 5.98 23.79 -25.55
C LEU B 281 5.10 23.09 -24.52
N ASP B 282 5.28 23.50 -23.26
CA ASP B 282 4.46 23.05 -22.14
C ASP B 282 3.38 24.05 -21.78
N LEU B 283 2.31 23.53 -21.18
CA LEU B 283 1.40 24.35 -20.36
C LEU B 283 1.64 23.96 -18.91
N PHE B 284 1.67 24.97 -18.04
CA PHE B 284 2.04 24.79 -16.64
C PHE B 284 1.33 25.83 -15.77
N ASP B 285 1.18 25.52 -14.49
CA ASP B 285 0.59 26.44 -13.52
C ASP B 285 1.53 27.62 -13.31
N VAL B 286 1.04 28.84 -13.53
CA VAL B 286 1.83 30.06 -13.27
C VAL B 286 1.67 30.62 -11.86
N GLN B 287 0.87 29.97 -10.99
CA GLN B 287 0.77 30.42 -9.60
C GLN B 287 2.11 30.19 -8.91
N LYS B 288 2.72 31.29 -8.49
CA LYS B 288 4.00 31.24 -7.79
C LYS B 288 3.85 30.51 -6.47
N GLY B 289 4.87 29.76 -6.09
CA GLY B 289 4.88 29.04 -4.83
C GLY B 289 4.86 29.98 -3.63
N THR B 290 4.53 29.45 -2.46
CA THR B 290 4.51 30.27 -1.25
C THR B 290 4.70 29.45 0.02
N ILE B 291 5.21 30.11 1.05
CA ILE B 291 5.25 29.54 2.38
C ILE B 291 3.83 29.66 2.92
N GLY B 292 3.38 28.64 3.64
CA GLY B 292 2.01 28.59 4.16
C GLY B 292 1.89 27.75 5.42
N GLY B 293 0.65 27.64 5.89
CA GLY B 293 0.35 27.09 7.20
C GLY B 293 0.25 28.24 8.19
N ILE B 294 -0.55 28.07 9.23
CA ILE B 294 -0.72 29.12 10.23
C ILE B 294 0.58 29.46 11.00
N GLY B 295 1.49 28.49 11.08
CA GLY B 295 2.84 28.71 11.64
C GLY B 295 3.95 28.66 10.60
N LYS B 296 3.61 28.85 9.33
CA LYS B 296 4.55 28.79 8.20
C LYS B 296 5.40 27.50 8.15
N HIS B 297 4.77 26.37 8.48
CA HIS B 297 5.43 25.06 8.48
C HIS B 297 5.48 24.42 7.09
N PHE B 298 4.72 24.96 6.13
CA PHE B 298 4.62 24.36 4.79
C PHE B 298 5.16 25.25 3.69
N LEU B 299 5.46 24.62 2.56
CA LEU B 299 5.79 25.27 1.30
C LEU B 299 4.88 24.68 0.24
N PHE B 300 4.09 25.54 -0.41
CA PHE B 300 3.17 25.11 -1.48
C PHE B 300 3.75 25.54 -2.83
N ALA B 301 3.89 24.60 -3.76
CA ALA B 301 4.49 24.89 -5.07
C ALA B 301 4.19 23.80 -6.09
N PRO B 302 4.18 24.18 -7.39
CA PRO B 302 3.99 23.20 -8.45
C PRO B 302 5.29 22.44 -8.76
N ARG B 303 5.14 21.22 -9.29
CA ARG B 303 6.23 20.49 -9.92
C ARG B 303 7.37 20.11 -8.97
N LEU B 304 7.01 19.75 -7.73
CA LEU B 304 7.97 19.32 -6.72
C LEU B 304 8.63 17.98 -7.08
N ASP B 305 7.84 17.09 -7.67
CA ASP B 305 8.32 15.79 -8.13
C ASP B 305 8.98 15.95 -9.53
N ASP B 306 10.31 15.93 -9.67
CA ASP B 306 11.32 15.75 -8.62
C ASP B 306 12.32 16.92 -8.63
N ARG B 307 11.81 18.12 -8.94
CA ARG B 307 12.66 19.31 -8.94
C ARG B 307 13.07 19.71 -7.51
N LEU B 308 12.28 19.29 -6.53
CA LEU B 308 12.63 19.46 -5.11
C LEU B 308 13.96 18.79 -4.75
N CYS B 309 14.09 17.49 -5.02
CA CYS B 309 15.36 16.79 -4.74
C CYS B 309 16.47 17.23 -5.68
N SER B 310 16.12 17.50 -6.94
CA SER B 310 17.10 17.96 -7.93
C SER B 310 17.77 19.27 -7.47
N PHE B 311 16.95 20.23 -7.06
CA PHE B 311 17.44 21.50 -6.54
C PHE B 311 18.33 21.31 -5.31
N ALA B 312 17.83 20.58 -4.32
CA ALA B 312 18.56 20.33 -3.07
C ALA B 312 19.89 19.63 -3.28
N ALA B 313 19.90 18.63 -4.18
CA ALA B 313 21.13 17.89 -4.51
C ALA B 313 22.15 18.77 -5.26
N MET B 314 21.68 19.54 -6.24
CA MET B 314 22.57 20.45 -6.98
C MET B 314 23.17 21.55 -6.08
N ILE B 315 22.36 22.15 -5.22
CA ILE B 315 22.86 23.18 -4.30
C ILE B 315 23.85 22.57 -3.31
N ALA B 316 23.55 21.38 -2.81
CA ALA B 316 24.49 20.64 -1.96
C ALA B 316 25.82 20.43 -2.67
N LEU B 317 25.79 20.00 -3.93
CA LEU B 317 27.01 19.81 -4.72
C LEU B 317 27.83 21.10 -4.84
N ILE B 318 27.14 22.21 -5.11
CA ILE B 318 27.77 23.51 -5.27
C ILE B 318 28.37 23.98 -3.93
N CYS B 319 27.60 23.83 -2.86
CA CYS B 319 28.07 24.16 -1.49
C CYS B 319 29.30 23.36 -1.09
N TYR B 320 29.23 22.05 -1.34
CA TYR B 320 30.36 21.14 -1.12
C TYR B 320 31.57 21.52 -1.98
N ALA B 321 31.31 21.81 -3.26
CA ALA B 321 32.36 22.16 -4.23
C ALA B 321 33.17 23.41 -3.84
N LYS B 322 32.53 24.36 -3.16
CA LYS B 322 33.21 25.60 -2.74
C LYS B 322 34.47 25.35 -1.92
N ASP B 323 34.45 24.33 -1.06
CA ASP B 323 35.58 23.99 -0.21
C ASP B 323 36.39 22.76 -0.67
N VAL B 324 36.28 22.40 -1.95
CA VAL B 324 37.03 21.30 -2.53
C VAL B 324 38.14 21.85 -3.44
N ASN B 325 39.39 21.62 -3.05
CA ASN B 325 40.52 21.75 -3.96
C ASN B 325 40.72 20.41 -4.68
N THR B 326 40.44 20.38 -5.98
CA THR B 326 40.56 19.15 -6.77
C THR B 326 42.00 18.64 -6.91
N GLU B 327 42.98 19.53 -6.77
CA GLU B 327 44.40 19.15 -6.73
C GLU B 327 44.76 18.27 -5.53
N GLU B 328 44.03 18.41 -4.42
CA GLU B 328 44.26 17.60 -3.20
C GLU B 328 43.22 16.50 -2.94
N SER B 329 42.06 16.56 -3.59
CA SER B 329 40.97 15.62 -3.34
C SER B 329 41.23 14.25 -3.98
N ASP B 330 40.75 13.20 -3.34
CA ASP B 330 40.82 11.84 -3.87
C ASP B 330 39.45 11.26 -4.22
N LEU B 331 38.48 12.14 -4.47
CA LEU B 331 37.07 11.75 -4.65
C LEU B 331 36.56 12.03 -6.05
N PHE B 332 35.52 11.29 -6.43
CA PHE B 332 34.78 11.50 -7.67
C PHE B 332 33.30 11.64 -7.23
N SER B 333 32.77 12.85 -7.40
CA SER B 333 31.41 13.19 -6.97
C SER B 333 30.58 13.67 -8.15
N THR B 334 29.29 13.33 -8.18
CA THR B 334 28.40 13.77 -9.25
C THR B 334 26.94 13.89 -8.81
N VAL B 335 26.27 14.90 -9.35
CA VAL B 335 24.81 14.92 -9.43
C VAL B 335 24.48 14.79 -10.91
N THR B 336 23.64 13.80 -11.23
CA THR B 336 23.15 13.58 -12.57
C THR B 336 21.62 13.71 -12.57
N LEU B 337 21.11 14.56 -13.47
CA LEU B 337 19.69 14.90 -13.56
C LEU B 337 19.10 14.33 -14.85
N TYR B 338 18.08 13.49 -14.72
CA TYR B 338 17.47 12.79 -15.85
C TYR B 338 16.12 13.36 -16.30
N ASP B 339 15.80 13.11 -17.57
CA ASP B 339 14.50 13.45 -18.15
C ASP B 339 13.68 12.16 -18.20
N ASN B 340 12.39 12.27 -18.52
CA ASN B 340 11.53 11.12 -18.83
C ASN B 340 11.40 10.04 -17.76
N GLU B 341 11.63 10.37 -16.49
CA GLU B 341 11.43 9.42 -15.40
C GLU B 341 9.95 9.15 -15.19
N GLU B 342 9.11 10.17 -15.39
CA GLU B 342 7.67 10.01 -15.24
C GLU B 342 7.03 9.09 -16.30
N ILE B 343 7.74 8.85 -17.40
CA ILE B 343 7.26 7.94 -18.45
C ILE B 343 8.06 6.62 -18.54
N GLY B 344 8.84 6.31 -17.51
CA GLY B 344 9.52 5.01 -17.36
C GLY B 344 11.01 4.96 -17.65
N SER B 345 11.61 6.11 -18.00
CA SER B 345 13.06 6.29 -18.14
C SER B 345 13.72 5.65 -19.38
N LEU B 346 12.95 4.99 -20.24
CA LEU B 346 13.49 4.34 -21.44
C LEU B 346 13.56 5.30 -22.63
N THR B 347 14.40 6.32 -22.50
CA THR B 347 14.81 7.21 -23.58
C THR B 347 16.29 7.49 -23.40
N ARG B 348 16.92 8.08 -24.41
CA ARG B 348 18.34 8.45 -24.33
C ARG B 348 18.63 9.50 -23.27
N GLN B 349 17.66 10.35 -22.96
CA GLN B 349 17.81 11.39 -21.92
C GLN B 349 17.26 10.97 -20.54
N GLY B 350 16.74 9.74 -20.46
CA GLY B 350 16.32 9.14 -19.18
C GLY B 350 17.41 8.31 -18.54
N ALA B 351 17.14 7.79 -17.35
CA ALA B 351 18.13 7.01 -16.59
C ALA B 351 18.67 5.79 -17.32
N LYS B 352 17.82 5.13 -18.11
CA LYS B 352 18.23 3.98 -18.92
C LYS B 352 19.14 4.35 -20.10
N GLY B 353 19.22 5.64 -20.45
CA GLY B 353 20.13 6.12 -21.49
C GLY B 353 21.60 6.20 -21.11
N GLY B 354 21.88 6.08 -19.81
CA GLY B 354 23.23 5.88 -19.32
C GLY B 354 24.15 7.08 -19.25
N LEU B 355 23.64 8.28 -19.07
CA LEU B 355 24.52 9.47 -18.99
C LEU B 355 25.55 9.35 -17.86
N LEU B 356 25.11 8.88 -16.69
CA LEU B 356 26.01 8.65 -15.55
C LEU B 356 27.19 7.76 -15.91
N GLU B 357 26.87 6.59 -16.46
CA GLU B 357 27.88 5.57 -16.80
C GLU B 357 28.86 6.11 -17.84
N SER B 358 28.31 6.81 -18.83
CA SER B 358 29.08 7.47 -19.88
C SER B 358 30.04 8.50 -19.31
N VAL B 359 29.55 9.37 -18.42
CA VAL B 359 30.36 10.41 -17.79
C VAL B 359 31.52 9.79 -16.99
N VAL B 360 31.23 8.76 -16.22
CA VAL B 360 32.25 8.12 -15.39
C VAL B 360 33.30 7.41 -16.25
N GLU B 361 32.85 6.72 -17.31
CA GLU B 361 33.76 6.06 -18.25
C GLU B 361 34.65 7.06 -19.01
N ARG B 362 34.02 8.09 -19.59
CA ARG B 362 34.75 9.09 -20.39
C ARG B 362 35.76 9.88 -19.56
N SER B 363 35.32 10.34 -18.39
CA SER B 363 36.15 11.13 -17.48
C SER B 363 37.36 10.34 -17.00
N SER B 364 37.12 9.14 -16.49
CA SER B 364 38.20 8.31 -15.96
C SER B 364 39.22 7.93 -17.04
N SER B 365 38.75 7.66 -18.27
CA SER B 365 39.64 7.42 -19.42
C SER B 365 40.50 8.63 -19.74
N ALA B 366 39.88 9.80 -19.82
CA ALA B 366 40.56 11.07 -20.07
C ALA B 366 41.51 11.45 -18.92
N PHE B 367 41.10 11.14 -17.69
CA PHE B 367 41.85 11.44 -16.48
C PHE B 367 43.18 10.69 -16.37
N THR B 368 43.11 9.36 -16.35
CA THR B 368 44.30 8.52 -16.17
C THR B 368 45.08 8.27 -17.46
N LYS B 369 44.39 8.30 -18.61
CA LYS B 369 44.98 7.91 -19.91
C LYS B 369 45.67 6.53 -19.83
N LYS B 370 45.01 5.63 -19.10
CA LYS B 370 45.51 4.30 -18.80
C LYS B 370 44.27 3.45 -18.52
N PRO B 371 44.40 2.10 -18.54
CA PRO B 371 43.20 1.26 -18.44
C PRO B 371 42.51 1.35 -17.07
N VAL B 372 41.29 1.91 -17.04
CA VAL B 372 40.48 2.00 -15.84
C VAL B 372 39.52 0.82 -15.77
N ASP B 373 39.49 0.14 -14.62
CA ASP B 373 38.58 -0.96 -14.37
C ASP B 373 37.28 -0.39 -13.78
N LEU B 374 36.30 -0.17 -14.65
CA LEU B 374 35.01 0.40 -14.24
C LEU B 374 34.18 -0.50 -13.33
N HIS B 375 34.40 -1.82 -13.41
CA HIS B 375 33.74 -2.77 -12.50
C HIS B 375 34.21 -2.60 -11.05
N THR B 376 35.50 -2.31 -10.86
CA THR B 376 36.02 -1.95 -9.55
C THR B 376 35.48 -0.59 -9.11
N VAL B 377 35.39 0.36 -10.06
CA VAL B 377 34.85 1.70 -9.77
C VAL B 377 33.45 1.59 -9.19
N TRP B 378 32.56 0.89 -9.89
CA TRP B 378 31.16 0.80 -9.50
C TRP B 378 30.93 -0.07 -8.26
N ALA B 379 31.74 -1.11 -8.08
CA ALA B 379 31.68 -1.93 -6.86
C ALA B 379 31.99 -1.14 -5.58
N ASN B 380 32.78 -0.07 -5.70
CA ASN B 380 33.13 0.80 -4.57
C ASN B 380 32.29 2.10 -4.47
N SER B 381 31.23 2.20 -5.26
CA SER B 381 30.43 3.41 -5.36
C SER B 381 29.15 3.33 -4.54
N ILE B 382 28.57 4.49 -4.23
CA ILE B 382 27.25 4.61 -3.63
C ILE B 382 26.46 5.56 -4.50
N ILE B 383 25.26 5.13 -4.90
CA ILE B 383 24.34 5.97 -5.66
C ILE B 383 23.15 6.26 -4.77
N LEU B 384 22.90 7.53 -4.52
CA LEU B 384 21.63 7.95 -3.93
C LEU B 384 20.68 8.23 -5.08
N SER B 385 19.65 7.39 -5.21
CA SER B 385 18.52 7.69 -6.09
C SER B 385 17.59 8.60 -5.29
N ALA B 386 17.73 9.91 -5.51
CA ALA B 386 17.03 10.92 -4.73
C ALA B 386 15.74 11.29 -5.45
N ASP B 387 14.62 10.76 -4.97
CA ASP B 387 13.33 11.10 -5.54
C ASP B 387 12.31 11.29 -4.43
N VAL B 388 11.48 12.33 -4.56
CA VAL B 388 10.45 12.62 -3.58
C VAL B 388 9.58 11.39 -3.27
N ASN B 389 9.25 11.23 -1.99
CA ASN B 389 8.34 10.16 -1.53
C ASN B 389 7.19 10.84 -0.78
N HIS B 390 6.35 10.06 -0.10
CA HIS B 390 5.03 10.52 0.33
C HIS B 390 4.96 10.89 1.81
N LEU B 391 4.79 12.18 2.09
CA LEU B 391 4.42 12.62 3.43
C LEU B 391 3.12 11.97 3.86
N TYR B 392 3.05 11.60 5.12
CA TYR B 392 1.81 11.20 5.76
C TYR B 392 0.72 12.24 5.47
N ASN B 393 -0.41 11.78 4.98
CA ASN B 393 -1.56 12.64 4.76
C ASN B 393 -2.57 12.21 5.83
N PRO B 394 -2.83 13.09 6.82
CA PRO B 394 -3.71 12.72 7.94
C PRO B 394 -5.15 12.43 7.57
N ASN B 395 -5.59 12.83 6.37
CA ASN B 395 -6.95 12.55 5.92
C ASN B 395 -7.11 11.19 5.23
N PHE B 396 -5.99 10.49 5.00
CA PHE B 396 -6.00 9.14 4.42
C PHE B 396 -5.09 8.19 5.21
N PRO B 397 -5.34 8.02 6.53
CA PRO B 397 -4.45 7.19 7.37
C PRO B 397 -4.39 5.74 6.93
N GLU B 398 -5.50 5.25 6.36
CA GLU B 398 -5.62 3.88 5.86
C GLU B 398 -4.65 3.46 4.74
N VAL B 399 -3.98 4.41 4.08
CA VAL B 399 -2.98 4.06 3.05
C VAL B 399 -1.53 4.17 3.52
N TYR B 400 -1.31 4.66 4.75
CA TYR B 400 0.05 4.81 5.27
C TYR B 400 0.38 3.72 6.28
N LEU B 401 1.58 3.16 6.17
CA LEU B 401 2.02 2.06 7.01
C LEU B 401 2.55 2.60 8.32
N LYS B 402 1.97 2.17 9.44
CA LYS B 402 2.43 2.56 10.77
C LYS B 402 3.93 2.32 10.93
N ASN B 403 4.62 3.31 11.50
CA ASN B 403 6.08 3.31 11.68
C ASN B 403 6.91 3.42 10.40
N HIS B 404 6.26 3.65 9.25
CA HIS B 404 6.95 3.73 7.96
C HIS B 404 6.37 4.85 7.12
N PHE B 405 6.14 6.00 7.74
CA PHE B 405 5.82 7.21 7.00
C PHE B 405 6.62 8.38 7.57
N PRO B 406 6.94 9.37 6.72
CA PRO B 406 7.59 10.59 7.18
C PRO B 406 6.60 11.71 7.48
N VAL B 407 7.07 12.69 8.25
CA VAL B 407 6.33 13.90 8.58
C VAL B 407 7.18 15.12 8.19
N PRO B 408 6.57 16.33 8.14
CA PRO B 408 7.31 17.50 7.65
C PRO B 408 8.42 17.97 8.58
N ASN B 409 9.43 18.62 7.99
CA ASN B 409 10.46 19.36 8.70
C ASN B 409 11.32 18.53 9.67
N VAL B 410 11.54 17.26 9.33
CA VAL B 410 12.34 16.37 10.17
C VAL B 410 13.66 16.02 9.48
N GLY B 411 13.57 15.49 8.27
CA GLY B 411 14.78 15.18 7.50
C GLY B 411 14.49 14.29 6.31
N ILE B 412 15.55 13.77 5.71
CA ILE B 412 15.44 12.92 4.52
C ILE B 412 14.69 11.62 4.85
N THR B 413 13.97 11.08 3.88
CA THR B 413 13.19 9.85 4.05
C THR B 413 13.73 8.73 3.16
N LEU B 414 14.06 7.59 3.77
CA LEU B 414 14.45 6.39 2.99
C LEU B 414 13.19 5.77 2.40
N SER B 415 13.26 5.39 1.12
CA SER B 415 12.19 4.62 0.48
C SER B 415 12.61 3.16 0.51
N LEU B 416 11.82 2.35 1.21
CA LEU B 416 12.12 0.94 1.43
C LEU B 416 11.02 0.12 0.79
N ASP B 417 11.38 -0.97 0.15
CA ASP B 417 10.42 -1.86 -0.48
C ASP B 417 11.07 -3.22 -0.73
N PRO B 418 10.43 -4.30 -0.27
CA PRO B 418 10.99 -5.65 -0.48
C PRO B 418 10.71 -6.28 -1.86
N ASN B 419 9.89 -5.64 -2.70
CA ASN B 419 9.54 -6.18 -4.02
C ASN B 419 10.15 -5.46 -5.25
N GLY B 420 11.29 -4.80 -5.05
CA GLY B 420 12.05 -4.23 -6.16
C GLY B 420 11.57 -2.91 -6.74
N HIS B 421 10.60 -2.25 -6.10
CA HIS B 421 10.18 -0.93 -6.55
C HIS B 421 11.24 0.13 -6.21
N MET B 422 12.00 -0.13 -5.14
CA MET B 422 13.14 0.69 -4.72
C MET B 422 14.36 -0.22 -4.64
N ALA B 423 15.56 0.37 -4.77
CA ALA B 423 16.81 -0.40 -4.75
C ALA B 423 17.44 -0.53 -3.36
N THR B 424 16.88 0.15 -2.38
CA THR B 424 17.41 0.21 -1.01
C THR B 424 17.55 -1.20 -0.42
N ASP B 425 18.70 -1.46 0.19
CA ASP B 425 18.94 -2.73 0.89
C ASP B 425 19.38 -2.45 2.33
N VAL B 426 19.62 -3.50 3.11
CA VAL B 426 19.98 -3.39 4.53
C VAL B 426 21.29 -2.60 4.79
N VAL B 427 22.31 -2.82 3.95
CA VAL B 427 23.57 -2.08 4.06
C VAL B 427 23.39 -0.59 3.73
N GLY B 428 22.62 -0.29 2.68
CA GLY B 428 22.34 1.10 2.31
C GLY B 428 21.56 1.86 3.36
N THR B 429 20.57 1.20 3.95
CA THR B 429 19.84 1.75 5.10
C THR B 429 20.81 2.06 6.24
N ALA B 430 21.66 1.09 6.56
CA ALA B 430 22.68 1.26 7.62
C ALA B 430 23.68 2.37 7.30
N LEU B 431 24.07 2.48 6.03
CA LEU B 431 24.99 3.54 5.58
C LEU B 431 24.38 4.91 5.81
N VAL B 432 23.13 5.09 5.36
CA VAL B 432 22.46 6.39 5.51
C VAL B 432 22.24 6.75 6.99
N GLU B 433 21.83 5.76 7.79
CA GLU B 433 21.62 5.98 9.22
C GLU B 433 22.92 6.32 9.95
N GLU B 434 24.02 5.66 9.56
CA GLU B 434 25.33 6.01 10.07
C GLU B 434 25.76 7.42 9.66
N LEU B 435 25.60 7.74 8.37
CA LEU B 435 25.88 9.10 7.85
C LEU B 435 25.18 10.18 8.65
N ALA B 436 23.89 9.97 8.88
CA ALA B 436 23.03 10.91 9.59
C ALA B 436 23.45 11.12 11.05
N ARG B 437 23.75 10.02 11.75
CA ARG B 437 24.24 10.09 13.13
C ARG B 437 25.55 10.88 13.24
N ARG B 438 26.44 10.68 12.28
CA ARG B 438 27.69 11.42 12.21
C ARG B 438 27.49 12.91 11.95
N ASN B 439 26.59 13.23 11.02
CA ASN B 439 26.39 14.61 10.56
C ASN B 439 25.27 15.37 11.27
N GLY B 440 24.60 14.72 12.22
CA GLY B 440 23.50 15.34 12.96
C GLY B 440 22.22 15.50 12.18
N ASP B 441 21.98 14.63 11.20
CA ASP B 441 20.72 14.61 10.44
C ASP B 441 19.77 13.58 11.02
N LYS B 442 18.48 13.79 10.79
CA LYS B 442 17.45 12.81 11.13
C LYS B 442 17.03 12.08 9.86
N VAL B 443 16.67 10.80 10.01
CA VAL B 443 16.25 9.97 8.88
C VAL B 443 14.87 9.37 9.18
N GLN B 444 14.01 9.37 8.17
CA GLN B 444 12.66 8.84 8.28
C GLN B 444 12.52 7.66 7.32
N TYR B 445 11.41 6.93 7.46
CA TYR B 445 11.12 5.78 6.62
C TYR B 445 9.83 5.98 5.83
N PHE B 446 9.83 5.46 4.61
CA PHE B 446 8.60 5.20 3.89
C PHE B 446 8.63 3.79 3.28
N GLN B 447 7.56 3.03 3.56
CA GLN B 447 7.30 1.75 2.88
C GLN B 447 5.78 1.62 2.74
N ILE B 448 5.30 0.97 1.68
CA ILE B 448 3.85 0.80 1.49
C ILE B 448 3.28 -0.26 2.43
N LYS B 449 1.97 -0.18 2.68
CA LYS B 449 1.25 -1.26 3.36
C LYS B 449 1.22 -2.49 2.45
N ASN B 450 1.17 -3.68 3.03
CA ASN B 450 1.14 -4.93 2.25
C ASN B 450 -0.07 -5.03 1.29
N ASN B 451 -1.17 -4.37 1.64
CA ASN B 451 -2.39 -4.32 0.82
C ASN B 451 -2.48 -3.10 -0.12
N SER B 452 -1.39 -2.37 -0.29
CA SER B 452 -1.35 -1.12 -1.07
C SER B 452 -0.53 -1.35 -2.35
N ARG B 453 -0.05 -0.27 -2.97
CA ARG B 453 0.81 -0.35 -4.15
C ARG B 453 1.83 0.78 -4.20
N SER B 454 2.96 0.51 -4.85
CA SER B 454 4.12 1.40 -4.85
C SER B 454 4.36 2.00 -6.22
N GLY B 455 4.85 3.24 -6.23
CA GLY B 455 5.52 3.80 -7.39
C GLY B 455 6.88 3.13 -7.59
N GLY B 456 7.51 3.38 -8.73
CA GLY B 456 8.89 2.93 -8.99
C GLY B 456 9.75 4.12 -9.39
N THR B 457 11.02 4.11 -8.96
CA THR B 457 11.96 5.20 -9.24
C THR B 457 13.03 4.71 -10.23
N ILE B 458 13.98 5.59 -10.56
CA ILE B 458 15.17 5.21 -11.33
C ILE B 458 16.14 4.28 -10.59
N GLY B 459 16.03 4.21 -9.26
CA GLY B 459 16.99 3.49 -8.41
C GLY B 459 17.37 2.09 -8.88
N PRO B 460 16.36 1.22 -9.06
CA PRO B 460 16.61 -0.13 -9.61
C PRO B 460 17.34 -0.13 -10.97
N SER B 461 17.00 0.82 -11.84
CA SER B 461 17.68 0.96 -13.14
C SER B 461 19.16 1.30 -13.00
N LEU B 462 19.48 2.28 -12.16
CA LEU B 462 20.88 2.69 -11.95
C LEU B 462 21.72 1.59 -11.29
N ALA B 463 21.12 0.89 -10.32
CA ALA B 463 21.78 -0.22 -9.63
C ALA B 463 22.12 -1.35 -10.59
N SER B 464 21.16 -1.71 -11.43
CA SER B 464 21.33 -2.75 -12.45
C SER B 464 22.37 -2.36 -13.51
N GLN B 465 22.27 -1.13 -14.00
CA GLN B 465 23.18 -0.64 -15.05
C GLN B 465 24.64 -0.52 -14.58
N THR B 466 24.84 -0.11 -13.33
CA THR B 466 26.19 0.08 -12.77
C THR B 466 26.73 -1.14 -12.03
N GLY B 467 25.84 -1.90 -11.40
CA GLY B 467 26.24 -2.89 -10.40
C GLY B 467 26.57 -2.30 -9.03
N ALA B 468 26.33 -1.01 -8.83
CA ALA B 468 26.70 -0.31 -7.59
C ALA B 468 25.56 -0.31 -6.59
N ARG B 469 25.89 -0.35 -5.30
CA ARG B 469 24.88 -0.22 -4.23
C ARG B 469 24.13 1.11 -4.40
N THR B 470 22.81 1.02 -4.51
CA THR B 470 21.96 2.17 -4.77
C THR B 470 20.91 2.28 -3.65
N ILE B 471 20.74 3.50 -3.15
CA ILE B 471 19.85 3.77 -2.03
C ILE B 471 18.77 4.75 -2.51
N ASP B 472 17.50 4.31 -2.45
CA ASP B 472 16.39 5.18 -2.79
C ASP B 472 15.99 5.99 -1.56
N LEU B 473 15.98 7.30 -1.70
CA LEU B 473 15.57 8.20 -0.63
C LEU B 473 15.09 9.51 -1.23
N GLY B 474 14.61 10.43 -0.38
CA GLY B 474 14.14 11.71 -0.86
C GLY B 474 13.51 12.60 0.20
N ILE B 475 13.13 13.79 -0.26
CA ILE B 475 12.39 14.73 0.57
C ILE B 475 10.93 14.41 0.34
N ALA B 476 10.21 14.15 1.43
CA ALA B 476 8.81 13.73 1.35
C ALA B 476 7.91 14.92 1.03
N GLN B 477 6.81 14.67 0.33
CA GLN B 477 5.84 15.70 -0.02
C GLN B 477 4.41 15.17 0.04
N LEU B 478 3.46 16.09 0.25
CA LEU B 478 2.04 15.79 0.07
C LEU B 478 1.66 15.97 -1.39
N SER B 479 0.60 15.28 -1.81
CA SER B 479 -0.08 15.56 -3.08
C SER B 479 0.81 15.46 -4.32
N MET B 480 1.67 14.44 -4.32
CA MET B 480 2.54 14.18 -5.46
C MET B 480 1.67 13.95 -6.70
N HIS B 481 2.11 14.53 -7.83
CA HIS B 481 1.37 14.55 -9.11
C HIS B 481 0.18 15.52 -9.18
N SER B 482 -0.08 16.28 -8.13
CA SER B 482 -1.02 17.38 -8.25
C SER B 482 -0.37 18.46 -9.12
N ILE B 483 -1.19 19.39 -9.59
CA ILE B 483 -0.66 20.59 -10.24
C ILE B 483 0.03 21.52 -9.22
N ARG B 484 -0.35 21.42 -7.95
CA ARG B 484 0.27 22.20 -6.88
C ARG B 484 0.41 21.33 -5.64
N ALA B 485 1.64 21.03 -5.25
CA ALA B 485 1.93 20.10 -4.15
C ALA B 485 2.39 20.86 -2.91
N ALA B 486 2.71 20.12 -1.85
CA ALA B 486 3.22 20.70 -0.60
C ALA B 486 4.32 19.84 0.04
N THR B 487 5.29 20.53 0.66
CA THR B 487 6.28 19.90 1.54
C THR B 487 6.50 20.82 2.74
N GLY B 488 7.39 20.44 3.65
CA GLY B 488 7.71 21.29 4.80
C GLY B 488 8.55 22.49 4.37
N SER B 489 8.36 23.62 5.05
CA SER B 489 9.12 24.84 4.76
C SER B 489 10.62 24.70 5.08
N LYS B 490 10.98 23.83 6.02
CA LYS B 490 12.39 23.52 6.35
C LYS B 490 13.01 22.42 5.48
N ASP B 491 12.21 21.72 4.69
CA ASP B 491 12.68 20.49 4.04
C ASP B 491 13.66 20.71 2.88
N VAL B 492 13.58 21.85 2.21
CA VAL B 492 14.57 22.19 1.17
C VAL B 492 15.94 22.30 1.83
N GLY B 493 16.03 23.11 2.88
CA GLY B 493 17.28 23.28 3.62
C GLY B 493 17.78 22.01 4.27
N LEU B 494 16.86 21.24 4.87
CA LEU B 494 17.23 19.97 5.50
C LEU B 494 17.74 18.95 4.48
N GLY B 495 17.20 18.97 3.27
CA GLY B 495 17.70 18.15 2.17
C GLY B 495 19.09 18.55 1.72
N VAL B 496 19.31 19.86 1.56
CA VAL B 496 20.61 20.40 1.20
C VAL B 496 21.66 19.95 2.23
N LYS B 497 21.35 20.17 3.49
CA LYS B 497 22.17 19.74 4.62
C LYS B 497 22.55 18.25 4.54
N PHE B 498 21.56 17.38 4.31
CA PHE B 498 21.82 15.94 4.25
C PHE B 498 22.73 15.57 3.07
N PHE B 499 22.41 16.06 1.88
CA PHE B 499 23.18 15.75 0.68
C PHE B 499 24.60 16.32 0.74
N ASN B 500 24.76 17.48 1.39
CA ASN B 500 26.09 18.06 1.62
C ASN B 500 26.95 17.13 2.50
N GLY B 501 26.34 16.62 3.56
CA GLY B 501 26.97 15.62 4.43
C GLY B 501 27.31 14.31 3.71
N PHE B 502 26.44 13.90 2.79
CA PHE B 502 26.70 12.73 1.94
C PHE B 502 28.00 12.91 1.17
N PHE B 503 28.12 14.01 0.43
CA PHE B 503 29.34 14.29 -0.34
C PHE B 503 30.59 14.38 0.54
N LYS B 504 30.47 15.01 1.71
CA LYS B 504 31.60 15.12 2.63
C LYS B 504 32.03 13.78 3.22
N HIS B 505 31.07 12.90 3.54
CA HIS B 505 31.36 11.77 4.45
C HIS B 505 31.04 10.34 3.98
N TRP B 506 30.41 10.18 2.82
CA TRP B 506 30.01 8.83 2.36
C TRP B 506 31.20 7.86 2.26
N ARG B 507 32.33 8.33 1.76
CA ARG B 507 33.51 7.47 1.53
C ARG B 507 34.02 6.90 2.84
N SER B 508 34.18 7.79 3.82
CA SER B 508 34.60 7.42 5.17
C SER B 508 33.62 6.45 5.85
N VAL B 509 32.32 6.73 5.72
CA VAL B 509 31.29 5.87 6.32
C VAL B 509 31.22 4.50 5.64
N TYR B 510 31.27 4.46 4.31
CA TYR B 510 31.23 3.18 3.58
C TYR B 510 32.44 2.29 3.91
N ASP B 511 33.57 2.93 4.22
CA ASP B 511 34.78 2.21 4.66
C ASP B 511 34.60 1.43 5.98
N GLU B 512 33.65 1.82 6.82
CA GLU B 512 33.32 1.04 8.04
C GLU B 512 32.80 -0.36 7.71
N PHE B 513 32.14 -0.51 6.57
CA PHE B 513 31.50 -1.77 6.16
C PHE B 513 32.46 -2.79 5.52
N GLY B 514 33.68 -2.37 5.19
CA GLY B 514 34.68 -3.26 4.59
C GLY B 514 35.26 -4.24 5.59
N LYS C 37 9.25 -43.03 40.20
CA LYS C 37 7.87 -43.11 40.77
C LYS C 37 7.32 -41.73 41.13
N LYS C 38 8.07 -40.99 41.93
CA LYS C 38 7.68 -39.64 42.33
C LYS C 38 7.92 -38.64 41.20
N GLU C 39 9.11 -38.72 40.57
CA GLU C 39 9.43 -37.92 39.37
C GLU C 39 8.43 -38.13 38.23
N ASN C 40 7.92 -39.37 38.12
CA ASN C 40 6.85 -39.69 37.19
C ASN C 40 5.53 -38.99 37.54
N GLU C 41 5.14 -39.04 38.82
CA GLU C 41 3.92 -38.38 39.31
C GLU C 41 3.93 -36.85 39.11
N ASN C 42 5.05 -36.21 39.46
CA ASN C 42 5.20 -34.76 39.30
C ASN C 42 5.12 -34.30 37.84
N SER C 43 5.70 -35.09 36.93
CA SER C 43 5.68 -34.77 35.49
C SER C 43 4.29 -34.92 34.86
N TRP C 44 3.67 -36.07 35.10
CA TRP C 44 2.35 -36.37 34.51
C TRP C 44 1.20 -35.60 35.18
N CYS C 45 1.27 -35.43 36.51
CA CYS C 45 0.19 -34.80 37.28
C CYS C 45 0.46 -33.36 37.77
N ILE C 46 1.51 -32.74 37.22
CA ILE C 46 1.84 -31.31 37.45
C ILE C 46 1.77 -30.92 38.94
N LEU C 47 2.57 -31.61 39.74
CA LEU C 47 2.59 -31.41 41.20
C LEU C 47 3.62 -30.35 41.64
N GLU C 48 4.76 -30.27 40.95
CA GLU C 48 5.83 -29.30 41.25
C GLU C 48 5.97 -28.19 40.20
N HIS C 49 4.83 -27.75 39.64
CA HIS C 49 4.79 -26.67 38.63
C HIS C 49 5.57 -26.93 37.32
N ASN C 50 5.73 -28.21 36.95
CA ASN C 50 6.39 -28.61 35.70
C ASN C 50 5.32 -28.83 34.63
N TYR C 51 5.28 -27.96 33.63
CA TYR C 51 4.31 -28.02 32.53
C TYR C 51 4.92 -28.49 31.19
N GLU C 52 6.25 -28.53 31.09
CA GLU C 52 6.92 -28.91 29.84
C GLU C 52 6.76 -30.39 29.50
N ASP C 53 6.87 -31.25 30.50
CA ASP C 53 6.87 -32.70 30.26
C ASP C 53 5.53 -33.22 29.77
N ILE C 54 4.45 -32.79 30.40
CA ILE C 54 3.11 -33.20 29.99
C ILE C 54 2.77 -32.67 28.58
N ALA C 55 3.23 -31.46 28.27
CA ALA C 55 3.07 -30.89 26.93
C ALA C 55 3.77 -31.73 25.88
N GLN C 56 4.99 -32.18 26.19
CA GLN C 56 5.73 -33.06 25.28
C GLN C 56 5.06 -34.44 25.18
N GLU C 57 4.54 -34.95 26.29
CA GLU C 57 3.81 -36.20 26.29
C GLU C 57 2.56 -36.12 25.41
N PHE C 58 1.87 -34.98 25.44
CA PHE C 58 0.71 -34.74 24.57
C PHE C 58 1.10 -34.77 23.09
N ILE C 59 2.21 -34.10 22.75
CA ILE C 59 2.77 -34.11 21.38
C ILE C 59 3.11 -35.54 20.92
N ASP C 60 3.77 -36.29 21.79
CA ASP C 60 4.11 -37.68 21.51
C ASP C 60 2.86 -38.52 21.31
N PHE C 61 1.86 -38.30 22.18
CA PHE C 61 0.55 -38.95 22.06
C PHE C 61 -0.12 -38.69 20.70
N ILE C 62 -0.16 -37.41 20.29
CA ILE C 62 -0.77 -37.03 19.00
C ILE C 62 -0.02 -37.67 17.80
N TYR C 63 1.31 -37.63 17.85
CA TYR C 63 2.18 -38.15 16.80
C TYR C 63 2.08 -39.68 16.66
N LYS C 64 2.08 -40.38 17.79
CA LYS C 64 2.06 -41.85 17.80
C LYS C 64 0.67 -42.46 17.61
N ASN C 65 -0.39 -41.65 17.69
CA ASN C 65 -1.76 -42.16 17.62
C ASN C 65 -2.63 -41.33 16.67
N PRO C 66 -2.37 -41.45 15.35
CA PRO C 66 -2.98 -40.53 14.38
C PRO C 66 -4.48 -40.71 14.16
N THR C 67 -4.98 -41.94 14.24
CA THR C 67 -6.41 -42.21 14.04
C THR C 67 -7.14 -42.38 15.37
N THR C 68 -8.46 -42.29 15.30
CA THR C 68 -9.31 -42.49 16.48
C THR C 68 -9.10 -43.88 17.09
N TYR C 69 -8.93 -44.89 16.22
CA TYR C 69 -8.61 -46.24 16.67
C TYR C 69 -7.34 -46.28 17.52
N HIS C 70 -6.29 -45.60 17.07
CA HIS C 70 -5.03 -45.53 17.82
C HIS C 70 -5.23 -44.82 19.16
N VAL C 71 -5.97 -43.72 19.16
CA VAL C 71 -6.20 -42.92 20.37
C VAL C 71 -6.88 -43.76 21.45
N VAL C 72 -7.93 -44.49 21.06
CA VAL C 72 -8.66 -45.36 21.99
C VAL C 72 -7.80 -46.53 22.47
N SER C 73 -6.96 -47.07 21.59
CA SER C 73 -6.03 -48.11 21.97
C SER C 73 -4.98 -47.61 22.97
N PHE C 74 -4.50 -46.38 22.77
CA PHE C 74 -3.54 -45.74 23.68
C PHE C 74 -4.13 -45.63 25.09
N PHE C 75 -5.33 -45.06 25.17
CA PHE C 75 -6.00 -44.91 26.47
C PHE C 75 -6.31 -46.25 27.13
N ALA C 76 -6.71 -47.25 26.33
CA ALA C 76 -6.91 -48.61 26.82
C ALA C 76 -5.64 -49.18 27.46
N GLU C 77 -4.51 -49.05 26.77
CA GLU C 77 -3.22 -49.49 27.31
C GLU C 77 -2.82 -48.70 28.57
N LEU C 78 -3.03 -47.40 28.56
CA LEU C 78 -2.76 -46.57 29.74
C LEU C 78 -3.62 -47.02 30.93
N LEU C 79 -4.91 -47.20 30.70
CA LEU C 79 -5.82 -47.69 31.75
C LEU C 79 -5.42 -49.06 32.31
N ASP C 80 -5.01 -49.99 31.43
CA ASP C 80 -4.47 -51.30 31.86
C ASP C 80 -3.28 -51.14 32.81
N LYS C 81 -2.34 -50.26 32.45
CA LYS C 81 -1.16 -49.98 33.28
C LYS C 81 -1.50 -49.40 34.66
N HIS C 82 -2.64 -48.72 34.78
CA HIS C 82 -3.09 -48.19 36.07
C HIS C 82 -4.20 -49.02 36.74
N ASN C 83 -4.22 -50.32 36.44
CA ASN C 83 -5.07 -51.32 37.10
C ASN C 83 -6.58 -51.14 36.91
N PHE C 84 -6.98 -50.56 35.78
CA PHE C 84 -8.39 -50.55 35.37
C PHE C 84 -8.70 -51.87 34.64
N LYS C 85 -9.80 -52.52 35.03
CA LYS C 85 -10.20 -53.81 34.44
C LYS C 85 -11.10 -53.58 33.22
N TYR C 86 -10.75 -54.20 32.09
CA TYR C 86 -11.58 -54.14 30.90
C TYR C 86 -12.85 -54.98 31.08
N LEU C 87 -13.99 -54.41 30.72
CA LEU C 87 -15.27 -55.12 30.68
C LEU C 87 -15.82 -55.03 29.26
N SER C 88 -16.18 -56.18 28.69
CA SER C 88 -16.81 -56.23 27.37
C SER C 88 -18.28 -55.82 27.48
N GLU C 89 -18.74 -55.01 26.52
CA GLU C 89 -20.17 -54.69 26.36
C GLU C 89 -21.04 -55.90 26.04
N LYS C 90 -20.45 -56.92 25.41
CA LYS C 90 -21.18 -58.08 24.90
C LYS C 90 -21.58 -59.12 25.95
N SER C 91 -21.17 -58.92 27.21
CA SER C 91 -21.57 -59.80 28.31
C SER C 91 -22.08 -59.00 29.49
N ASN C 92 -22.96 -59.61 30.28
CA ASN C 92 -23.55 -58.97 31.45
C ASN C 92 -22.49 -58.77 32.56
N TRP C 93 -22.54 -57.63 33.24
CA TRP C 93 -21.51 -57.25 34.22
C TRP C 93 -21.80 -57.65 35.68
N GLN C 94 -22.96 -58.23 35.96
CA GLN C 94 -23.37 -58.57 37.35
C GLN C 94 -22.26 -59.22 38.18
N ASP C 95 -21.57 -60.19 37.60
CA ASP C 95 -20.53 -60.94 38.30
C ASP C 95 -19.12 -60.35 38.18
N SER C 96 -18.95 -59.27 37.42
CA SER C 96 -17.65 -58.60 37.24
C SER C 96 -17.42 -57.41 38.18
N ILE C 97 -18.49 -56.87 38.76
CA ILE C 97 -18.42 -55.74 39.68
C ILE C 97 -19.00 -56.16 41.03
N GLY C 98 -18.14 -56.21 42.04
CA GLY C 98 -18.51 -56.69 43.38
C GLY C 98 -18.78 -55.57 44.35
N GLU C 99 -18.94 -55.96 45.62
CA GLU C 99 -19.23 -55.04 46.73
C GLU C 99 -18.21 -53.90 46.88
N ASP C 100 -16.94 -54.17 46.58
CA ASP C 100 -15.87 -53.17 46.69
C ASP C 100 -15.86 -52.13 45.56
N GLY C 101 -16.61 -52.36 44.49
CA GLY C 101 -16.59 -51.49 43.31
C GLY C 101 -15.27 -51.70 42.59
N GLY C 102 -14.69 -50.61 42.09
CA GLY C 102 -13.36 -50.68 41.50
C GLY C 102 -13.17 -49.79 40.30
N LYS C 103 -12.09 -50.07 39.57
CA LYS C 103 -11.66 -49.29 38.43
C LYS C 103 -11.86 -50.13 37.18
N PHE C 104 -12.66 -49.61 36.25
CA PHE C 104 -13.07 -50.35 35.07
C PHE C 104 -13.10 -49.47 33.80
N TYR C 105 -13.08 -50.12 32.65
CA TYR C 105 -13.39 -49.45 31.40
C TYR C 105 -14.02 -50.39 30.37
N THR C 106 -14.74 -49.80 29.41
CA THR C 106 -15.30 -50.56 28.28
C THR C 106 -15.06 -49.78 26.98
N ILE C 107 -15.17 -50.47 25.86
CA ILE C 107 -14.97 -49.89 24.53
C ILE C 107 -16.09 -50.35 23.59
N ARG C 108 -16.63 -49.41 22.81
CA ARG C 108 -17.62 -49.73 21.75
C ARG C 108 -17.02 -49.36 20.40
N ASN C 109 -17.11 -50.28 19.42
CA ASN C 109 -16.72 -50.02 18.03
C ASN C 109 -15.21 -49.74 17.82
N GLY C 110 -14.38 -49.95 18.84
CA GLY C 110 -12.98 -49.55 18.83
C GLY C 110 -12.70 -48.04 18.85
N THR C 111 -13.75 -47.21 18.97
CA THR C 111 -13.63 -45.75 18.86
C THR C 111 -14.36 -44.94 19.96
N ASN C 112 -14.93 -45.61 20.96
CA ASN C 112 -15.82 -45.01 21.94
C ASN C 112 -15.52 -45.72 23.27
N LEU C 113 -14.88 -45.00 24.19
CA LEU C 113 -14.36 -45.58 25.42
C LEU C 113 -14.95 -44.88 26.64
N SER C 114 -15.30 -45.66 27.67
CA SER C 114 -15.68 -45.10 28.98
C SER C 114 -14.83 -45.75 30.06
N ALA C 115 -14.09 -44.93 30.80
CA ALA C 115 -13.33 -45.36 31.96
C ALA C 115 -14.07 -44.88 33.20
N PHE C 116 -14.18 -45.72 34.22
CA PHE C 116 -14.88 -45.32 35.44
C PHE C 116 -14.35 -45.93 36.73
N ILE C 117 -14.58 -45.18 37.82
CA ILE C 117 -14.16 -45.53 39.17
C ILE C 117 -15.43 -45.53 40.03
N LEU C 118 -15.75 -46.68 40.62
CA LEU C 118 -16.97 -46.85 41.40
C LEU C 118 -16.62 -47.18 42.84
N GLY C 119 -17.03 -46.31 43.76
CA GLY C 119 -16.70 -46.46 45.18
C GLY C 119 -17.56 -47.49 45.90
N LYS C 120 -16.95 -48.20 46.83
CA LYS C 120 -17.62 -49.20 47.69
C LYS C 120 -18.82 -48.63 48.43
N ASN C 121 -18.74 -47.36 48.81
CA ASN C 121 -19.79 -46.66 49.56
C ASN C 121 -20.65 -45.73 48.70
N TRP C 122 -20.63 -45.94 47.38
CA TRP C 122 -21.45 -45.15 46.49
C TRP C 122 -22.93 -45.50 46.67
N ARG C 123 -23.78 -44.49 46.49
CA ARG C 123 -25.21 -44.69 46.37
C ARG C 123 -25.75 -43.67 45.39
N ALA C 124 -27.01 -43.86 44.96
CA ALA C 124 -27.63 -43.05 43.91
C ALA C 124 -27.54 -41.54 44.18
N GLU C 125 -27.71 -41.14 45.43
CA GLU C 125 -27.73 -39.72 45.80
C GLU C 125 -26.37 -39.00 45.67
N LYS C 126 -25.28 -39.76 45.62
CA LYS C 126 -23.95 -39.22 45.33
C LYS C 126 -23.77 -38.77 43.89
N GLY C 127 -24.58 -39.32 42.98
CA GLY C 127 -24.53 -38.98 41.56
C GLY C 127 -23.28 -39.50 40.89
N VAL C 128 -22.99 -38.95 39.71
CA VAL C 128 -21.79 -39.27 38.95
C VAL C 128 -21.09 -37.98 38.56
N GLY C 129 -19.77 -37.96 38.72
CA GLY C 129 -18.90 -36.90 38.20
C GLY C 129 -18.34 -37.33 36.86
N VAL C 130 -18.83 -36.72 35.79
CA VAL C 130 -18.53 -37.12 34.40
C VAL C 130 -17.71 -36.06 33.66
N ILE C 131 -16.74 -36.52 32.87
CA ILE C 131 -16.18 -35.70 31.80
C ILE C 131 -16.40 -36.42 30.49
N GLY C 132 -17.10 -35.74 29.57
CA GLY C 132 -17.36 -36.23 28.22
C GLY C 132 -16.62 -35.40 27.18
N SER C 133 -15.82 -36.05 26.36
CA SER C 133 -15.05 -35.42 25.28
C SER C 133 -15.15 -36.29 24.05
N HIS C 134 -14.67 -35.79 22.91
CA HIS C 134 -14.62 -36.62 21.70
C HIS C 134 -13.21 -36.88 21.20
N VAL C 135 -13.04 -38.07 20.65
CA VAL C 135 -11.74 -38.52 20.17
C VAL C 135 -11.63 -38.54 18.64
N ASP C 136 -12.74 -38.34 17.93
CA ASP C 136 -12.70 -38.09 16.49
C ASP C 136 -12.17 -36.68 16.21
N ALA C 137 -11.41 -36.58 15.12
CA ALA C 137 -10.95 -35.30 14.60
C ALA C 137 -11.13 -35.26 13.08
N LEU C 138 -11.26 -34.06 12.54
CA LEU C 138 -11.31 -33.87 11.08
C LEU C 138 -10.17 -34.63 10.40
N THR C 139 -10.51 -35.37 9.36
CA THR C 139 -9.54 -36.22 8.69
C THR C 139 -10.03 -36.50 7.27
N VAL C 140 -9.25 -37.30 6.56
CA VAL C 140 -9.59 -37.73 5.21
C VAL C 140 -9.62 -39.26 5.22
N LYS C 141 -10.71 -39.84 4.74
CA LYS C 141 -10.92 -41.29 4.75
C LYS C 141 -10.69 -41.85 3.36
N LEU C 142 -10.03 -43.00 3.27
CA LEU C 142 -10.02 -43.75 2.01
C LEU C 142 -11.44 -44.17 1.70
N LYS C 143 -11.81 -44.06 0.43
CA LYS C 143 -13.11 -44.56 0.00
C LYS C 143 -13.13 -46.08 0.06
N PRO C 144 -14.34 -46.68 0.18
CA PRO C 144 -14.49 -48.13 0.15
C PRO C 144 -13.71 -48.80 -0.99
N VAL C 145 -13.76 -48.17 -2.17
CA VAL C 145 -12.88 -48.49 -3.28
C VAL C 145 -12.00 -47.25 -3.49
N SER C 146 -10.74 -47.34 -3.09
CA SER C 146 -9.80 -46.24 -3.28
C SER C 146 -9.12 -46.27 -4.64
N PHE C 147 -9.29 -47.35 -5.39
CA PHE C 147 -8.58 -47.53 -6.66
C PHE C 147 -8.90 -46.42 -7.66
N LYS C 148 -7.85 -45.89 -8.28
CA LYS C 148 -7.98 -44.97 -9.40
C LYS C 148 -7.03 -45.43 -10.51
N ASP C 149 -7.46 -45.30 -11.76
CA ASP C 149 -6.58 -45.54 -12.90
C ASP C 149 -5.43 -44.53 -12.84
N THR C 150 -4.24 -44.95 -13.24
CA THR C 150 -3.10 -44.03 -13.29
C THR C 150 -3.39 -42.91 -14.29
N ALA C 151 -2.93 -41.72 -13.97
CA ALA C 151 -3.24 -40.51 -14.73
C ALA C 151 -1.92 -39.95 -15.23
N GLU C 152 -1.62 -40.24 -16.50
CA GLU C 152 -0.32 -39.91 -17.11
C GLU C 152 0.83 -40.47 -16.29
N GLY C 153 0.63 -41.64 -15.69
CA GLY C 153 1.64 -42.30 -14.85
C GLY C 153 1.54 -42.07 -13.34
N TYR C 154 0.78 -41.05 -12.92
CA TYR C 154 0.62 -40.78 -11.49
C TYR C 154 -0.34 -41.76 -10.84
N GLY C 155 0.07 -42.31 -9.70
CA GLY C 155 -0.80 -43.06 -8.82
C GLY C 155 -1.56 -42.12 -7.89
N ARG C 156 -2.88 -42.27 -7.83
CA ARG C 156 -3.74 -41.50 -6.92
C ARG C 156 -4.66 -42.46 -6.17
N ILE C 157 -5.19 -42.01 -5.03
CA ILE C 157 -6.18 -42.78 -4.28
C ILE C 157 -7.44 -41.95 -4.09
N ALA C 158 -8.59 -42.62 -4.22
CA ALA C 158 -9.88 -42.00 -4.04
C ALA C 158 -10.18 -41.93 -2.55
N VAL C 159 -10.51 -40.72 -2.08
CA VAL C 159 -10.77 -40.45 -0.66
C VAL C 159 -12.01 -39.58 -0.48
N ALA C 160 -12.45 -39.45 0.77
CA ALA C 160 -13.58 -38.60 1.14
C ALA C 160 -13.28 -37.80 2.39
N PRO C 161 -13.80 -36.56 2.48
CA PRO C 161 -13.57 -35.76 3.69
C PRO C 161 -14.41 -36.25 4.88
N TYR C 162 -13.79 -36.34 6.04
CA TYR C 162 -14.49 -36.53 7.31
C TYR C 162 -14.55 -35.15 7.97
N GLY C 163 -15.74 -34.54 7.97
CA GLY C 163 -15.90 -33.13 8.33
C GLY C 163 -15.30 -32.24 7.25
N GLY C 164 -14.95 -31.00 7.62
CA GLY C 164 -14.54 -29.97 6.67
C GLY C 164 -13.07 -29.96 6.26
N THR C 165 -12.59 -31.09 5.74
CA THR C 165 -11.21 -31.22 5.26
C THR C 165 -11.19 -31.07 3.73
N LEU C 166 -10.04 -31.36 3.11
CA LEU C 166 -9.85 -31.26 1.66
C LEU C 166 -10.04 -29.83 1.16
N ASN C 167 -9.57 -28.88 1.96
CA ASN C 167 -9.60 -27.47 1.62
C ASN C 167 -8.15 -27.01 1.48
N GLU C 168 -7.94 -25.69 1.41
CA GLU C 168 -6.63 -25.13 1.12
C GLU C 168 -5.59 -25.46 2.18
N LEU C 169 -6.02 -25.63 3.44
CA LEU C 169 -5.13 -25.97 4.55
C LEU C 169 -4.61 -27.41 4.46
N TRP C 170 -5.33 -28.28 3.74
CA TRP C 170 -4.90 -29.65 3.49
C TRP C 170 -3.96 -29.80 2.29
N LEU C 171 -3.80 -28.76 1.48
CA LEU C 171 -2.87 -28.79 0.35
C LEU C 171 -1.41 -28.71 0.81
N ASP C 172 -0.56 -29.44 0.12
CA ASP C 172 0.89 -29.36 0.30
C ASP C 172 1.32 -29.69 1.73
N ARG C 173 0.68 -30.73 2.28
CA ARG C 173 0.96 -31.24 3.60
C ARG C 173 1.39 -32.70 3.43
N ASP C 174 2.36 -33.12 4.24
CA ASP C 174 2.86 -34.49 4.21
C ASP C 174 1.83 -35.42 4.87
N LEU C 175 1.19 -36.29 4.08
CA LEU C 175 0.12 -37.16 4.58
C LEU C 175 0.53 -38.62 4.70
N GLY C 176 0.44 -39.12 5.93
CA GLY C 176 0.62 -40.54 6.22
C GLY C 176 -0.72 -41.23 6.12
N ILE C 177 -0.65 -42.56 6.16
CA ILE C 177 -1.83 -43.41 6.09
C ILE C 177 -1.81 -44.36 7.28
N GLY C 178 -2.99 -44.63 7.83
CA GLY C 178 -3.13 -45.48 8.99
C GLY C 178 -4.58 -45.73 9.37
N GLY C 179 -4.80 -46.71 10.24
CA GLY C 179 -6.14 -47.08 10.71
C GLY C 179 -6.30 -48.57 10.92
N ARG C 180 -7.53 -49.06 10.76
CA ARG C 180 -7.89 -50.43 11.09
C ARG C 180 -7.93 -51.31 9.85
N LEU C 181 -7.22 -52.45 9.89
CA LEU C 181 -7.39 -53.54 8.91
C LEU C 181 -8.16 -54.68 9.55
N LEU C 182 -9.15 -55.22 8.84
CA LEU C 182 -9.77 -56.49 9.24
C LEU C 182 -9.15 -57.60 8.37
N TYR C 183 -8.80 -58.71 8.99
CA TYR C 183 -8.19 -59.84 8.27
C TYR C 183 -8.64 -61.18 8.83
N LYS C 184 -8.51 -62.22 8.01
CA LYS C 184 -8.80 -63.60 8.39
C LYS C 184 -7.56 -64.42 8.02
N LYS C 185 -6.84 -64.96 9.02
CA LYS C 185 -5.65 -65.79 8.74
C LYS C 185 -6.05 -67.06 8.00
N LYS C 186 -5.21 -67.49 7.06
CA LYS C 186 -5.46 -68.70 6.26
C LYS C 186 -5.79 -69.90 7.15
N GLY C 187 -6.79 -70.68 6.73
CA GLY C 187 -7.22 -71.86 7.47
C GLY C 187 -7.98 -71.60 8.77
N THR C 188 -8.49 -70.39 8.95
CA THR C 188 -9.35 -70.06 10.09
C THR C 188 -10.63 -69.38 9.61
N ASN C 189 -11.63 -69.29 10.49
CA ASN C 189 -12.86 -68.52 10.24
C ASN C 189 -13.05 -67.39 11.24
N GLU C 190 -11.95 -66.82 11.73
CA GLU C 190 -12.04 -65.70 12.68
C GLU C 190 -11.49 -64.42 12.06
N ILE C 191 -12.31 -63.36 12.11
CA ILE C 191 -11.95 -62.05 11.60
C ILE C 191 -11.30 -61.30 12.75
N LYS C 192 -10.06 -60.88 12.54
CA LYS C 192 -9.30 -60.14 13.55
C LYS C 192 -9.01 -58.76 13.04
N SER C 193 -8.57 -57.91 13.96
CA SER C 193 -8.31 -56.51 13.69
C SER C 193 -6.80 -56.23 13.87
N ALA C 194 -6.23 -55.42 12.97
CA ALA C 194 -4.86 -54.90 13.14
C ALA C 194 -4.86 -53.40 12.89
N LEU C 195 -4.08 -52.68 13.69
CA LEU C 195 -3.89 -51.24 13.51
C LEU C 195 -2.57 -51.03 12.74
N VAL C 196 -2.59 -50.16 11.74
CA VAL C 196 -1.39 -49.83 10.95
C VAL C 196 -1.19 -48.32 10.87
N ASP C 197 0.05 -47.92 10.62
CA ASP C 197 0.45 -46.51 10.61
C ASP C 197 1.76 -46.36 9.80
N SER C 198 1.71 -45.54 8.77
CA SER C 198 2.88 -45.30 7.91
C SER C 198 3.93 -44.36 8.52
N THR C 199 3.56 -43.61 9.56
CA THR C 199 4.45 -42.62 10.19
C THR C 199 5.82 -43.24 10.48
N PRO C 200 6.93 -42.56 10.11
CA PRO C 200 7.06 -41.21 9.55
C PRO C 200 6.84 -41.05 8.03
N LEU C 201 6.62 -42.14 7.29
CA LEU C 201 6.53 -42.03 5.83
C LEU C 201 5.25 -41.31 5.41
N PRO C 202 5.37 -40.14 4.72
CA PRO C 202 4.18 -39.59 4.11
C PRO C 202 3.93 -40.26 2.76
N VAL C 203 2.92 -41.10 2.69
CA VAL C 203 2.60 -41.83 1.45
C VAL C 203 1.90 -40.95 0.41
N CYS C 204 1.26 -39.87 0.86
CA CYS C 204 0.39 -39.04 0.03
C CYS C 204 0.69 -37.56 0.17
N ARG C 205 0.21 -36.81 -0.80
CA ARG C 205 0.24 -35.35 -0.78
C ARG C 205 -0.80 -34.85 -1.77
N ILE C 206 -1.52 -33.78 -1.40
CA ILE C 206 -2.53 -33.16 -2.28
C ILE C 206 -1.90 -31.89 -2.87
N PRO C 207 -1.48 -31.95 -4.15
CA PRO C 207 -0.66 -30.85 -4.69
C PRO C 207 -1.46 -29.62 -5.14
N SER C 208 -1.15 -28.46 -4.56
CA SER C 208 -1.64 -27.19 -5.10
C SER C 208 -1.15 -27.00 -6.54
N LEU C 209 -1.97 -26.32 -7.34
CA LEU C 209 -1.56 -25.87 -8.67
C LEU C 209 -0.77 -24.58 -8.54
N ALA C 210 0.31 -24.46 -9.30
CA ALA C 210 1.15 -23.25 -9.25
C ALA C 210 0.34 -22.03 -9.69
N PRO C 211 0.54 -20.87 -9.01
CA PRO C 211 -0.25 -19.67 -9.34
C PRO C 211 0.06 -19.09 -10.72
N HIS C 212 1.17 -19.54 -11.31
CA HIS C 212 1.58 -19.22 -12.68
C HIS C 212 0.47 -19.47 -13.71
N PHE C 213 -0.36 -20.50 -13.48
CA PHE C 213 -1.44 -20.85 -14.40
C PHE C 213 -2.67 -19.93 -14.31
N GLY C 214 -2.72 -19.04 -13.33
CA GLY C 214 -3.75 -18.01 -13.24
C GLY C 214 -4.99 -18.51 -12.52
N LYS C 215 -6.16 -18.19 -13.09
CA LYS C 215 -7.46 -18.43 -12.46
C LYS C 215 -7.72 -19.86 -11.98
N PRO C 216 -7.33 -20.89 -12.76
CA PRO C 216 -7.44 -22.28 -12.27
C PRO C 216 -6.74 -22.55 -10.92
N ALA C 217 -5.68 -21.82 -10.62
CA ALA C 217 -4.96 -21.97 -9.34
C ALA C 217 -5.59 -21.22 -8.15
N GLU C 218 -6.69 -20.50 -8.37
CA GLU C 218 -7.39 -19.81 -7.27
C GLU C 218 -8.47 -20.70 -6.66
N GLY C 219 -8.44 -20.87 -5.34
CA GLY C 219 -9.43 -21.66 -4.64
C GLY C 219 -10.78 -20.96 -4.54
N PRO C 220 -11.79 -21.64 -3.98
CA PRO C 220 -11.79 -23.00 -3.44
C PRO C 220 -11.80 -24.09 -4.50
N PHE C 221 -11.41 -25.30 -4.10
CA PHE C 221 -11.23 -26.41 -5.01
C PHE C 221 -12.29 -27.50 -4.81
N ASP C 222 -12.66 -28.14 -5.91
CA ASP C 222 -13.63 -29.25 -5.89
C ASP C 222 -13.04 -30.43 -5.10
N LYS C 223 -13.79 -30.90 -4.10
CA LYS C 223 -13.30 -31.96 -3.21
C LYS C 223 -13.29 -33.35 -3.84
N GLU C 224 -14.04 -33.53 -4.93
CA GLU C 224 -14.03 -34.80 -5.66
C GLU C 224 -12.96 -34.85 -6.75
N ASP C 225 -12.89 -33.78 -7.55
CA ASP C 225 -12.08 -33.73 -8.78
C ASP C 225 -10.70 -33.09 -8.65
N GLN C 226 -10.51 -32.23 -7.65
CA GLN C 226 -9.29 -31.42 -7.57
C GLN C 226 -8.39 -31.70 -6.38
N THR C 227 -8.95 -32.05 -5.23
CA THR C 227 -8.15 -32.27 -4.02
C THR C 227 -7.95 -33.77 -3.82
N ILE C 228 -7.23 -34.39 -4.74
CA ILE C 228 -7.04 -35.83 -4.75
C ILE C 228 -5.59 -36.17 -4.35
N PRO C 229 -5.40 -37.03 -3.32
CA PRO C 229 -4.04 -37.37 -2.92
C PRO C 229 -3.25 -38.11 -4.00
N VAL C 230 -2.05 -37.62 -4.28
CA VAL C 230 -1.09 -38.29 -5.17
C VAL C 230 -0.22 -39.20 -4.32
N ILE C 231 -0.27 -40.50 -4.60
CA ILE C 231 0.40 -41.51 -3.79
C ILE C 231 1.72 -42.02 -4.40
N GLY C 232 1.91 -41.89 -5.71
CA GLY C 232 3.13 -42.37 -6.35
C GLY C 232 3.28 -42.05 -7.83
N PHE C 233 4.41 -42.45 -8.38
CA PHE C 233 4.63 -42.49 -9.82
C PHE C 233 5.44 -43.76 -10.15
N PRO C 234 4.75 -44.91 -10.30
CA PRO C 234 5.47 -46.19 -10.49
C PRO C 234 6.23 -46.33 -11.81
N THR C 235 7.16 -47.28 -11.86
CA THR C 235 8.01 -47.52 -13.03
C THR C 235 7.98 -49.01 -13.42
N PRO C 236 8.25 -49.33 -14.70
CA PRO C 236 8.28 -50.73 -15.12
C PRO C 236 9.57 -51.43 -14.70
N GLU C 242 5.53 -55.53 -9.42
CA GLU C 242 5.25 -56.88 -9.89
C GLU C 242 3.74 -57.07 -10.12
N PRO C 243 3.35 -57.93 -11.09
CA PRO C 243 1.93 -58.26 -11.25
C PRO C 243 1.33 -59.03 -10.05
N PRO C 244 -0.01 -59.09 -9.96
CA PRO C 244 -0.61 -59.78 -8.80
C PRO C 244 -0.47 -61.30 -8.89
N THR C 245 -0.13 -61.94 -7.78
CA THR C 245 -0.03 -63.40 -7.72
C THR C 245 -1.43 -64.00 -7.61
N ASP C 246 -1.52 -65.32 -7.83
CA ASP C 246 -2.79 -66.04 -7.69
C ASP C 246 -3.36 -65.95 -6.28
N ASP C 247 -2.49 -65.99 -5.27
CA ASP C 247 -2.91 -65.87 -3.87
C ASP C 247 -3.48 -64.49 -3.55
N GLU C 248 -2.80 -63.44 -4.02
CA GLU C 248 -3.26 -62.06 -3.81
C GLU C 248 -4.62 -61.79 -4.43
N LYS C 249 -4.87 -62.39 -5.61
CA LYS C 249 -6.19 -62.30 -6.26
C LYS C 249 -7.35 -62.89 -5.43
N LYS C 250 -7.04 -63.82 -4.53
CA LYS C 250 -8.05 -64.39 -3.63
C LYS C 250 -8.54 -63.45 -2.53
N SER C 251 -7.88 -62.31 -2.32
CA SER C 251 -8.31 -61.33 -1.32
C SER C 251 -9.65 -60.69 -1.71
N PRO C 252 -10.59 -60.60 -0.76
CA PRO C 252 -11.80 -59.79 -0.94
C PRO C 252 -11.54 -58.33 -1.36
N LEU C 253 -10.38 -57.78 -0.98
CA LEU C 253 -9.99 -56.43 -1.37
C LEU C 253 -9.28 -56.28 -2.71
N PHE C 254 -9.00 -57.38 -3.41
CA PHE C 254 -8.36 -57.28 -4.72
C PHE C 254 -9.31 -56.60 -5.70
N GLY C 255 -8.80 -55.62 -6.43
CA GLY C 255 -9.62 -54.79 -7.31
C GLY C 255 -10.30 -53.59 -6.66
N LYS C 256 -10.30 -53.53 -5.32
CA LYS C 256 -10.87 -52.40 -4.59
C LYS C 256 -9.82 -51.37 -4.21
N HIS C 257 -8.57 -51.82 -4.07
CA HIS C 257 -7.44 -50.95 -3.77
C HIS C 257 -6.25 -51.37 -4.62
N CYS C 258 -5.44 -50.39 -5.01
CA CYS C 258 -4.16 -50.60 -5.68
C CYS C 258 -3.38 -51.75 -5.04
N ILE C 259 -2.85 -52.68 -5.85
CA ILE C 259 -2.04 -53.81 -5.34
C ILE C 259 -0.84 -53.33 -4.51
N HIS C 260 -0.21 -52.22 -4.91
CA HIS C 260 0.91 -51.64 -4.14
C HIS C 260 0.44 -51.24 -2.74
N LEU C 261 -0.74 -50.63 -2.65
CA LEU C 261 -1.31 -50.23 -1.34
C LEU C 261 -1.65 -51.44 -0.48
N LEU C 262 -2.30 -52.44 -1.08
CA LEU C 262 -2.65 -53.67 -0.35
C LEU C 262 -1.41 -54.36 0.20
N ARG C 263 -0.39 -54.50 -0.66
CA ARG C 263 0.91 -55.02 -0.26
C ARG C 263 1.56 -54.24 0.88
N TYR C 264 1.45 -52.91 0.83
CA TYR C 264 2.05 -52.05 1.85
C TYR C 264 1.38 -52.20 3.21
N VAL C 265 0.05 -52.10 3.26
CA VAL C 265 -0.66 -52.24 4.54
C VAL C 265 -0.58 -53.67 5.10
N ALA C 266 -0.53 -54.66 4.21
CA ALA C 266 -0.31 -56.05 4.62
C ALA C 266 1.04 -56.21 5.33
N LYS C 267 2.09 -55.61 4.77
CA LYS C 267 3.42 -55.63 5.40
C LYS C 267 3.44 -54.91 6.75
N LEU C 268 2.76 -53.78 6.85
CA LEU C 268 2.65 -53.07 8.14
C LEU C 268 1.96 -53.91 9.23
N ALA C 269 0.91 -54.63 8.86
CA ALA C 269 0.17 -55.48 9.80
C ALA C 269 0.83 -56.84 10.05
N GLY C 270 1.70 -57.28 9.15
CA GLY C 270 2.33 -58.59 9.25
C GLY C 270 1.41 -59.72 8.85
N VAL C 271 0.57 -59.47 7.84
CA VAL C 271 -0.34 -60.49 7.32
C VAL C 271 -0.18 -60.56 5.81
N GLU C 272 -0.86 -61.52 5.18
CA GLU C 272 -0.82 -61.70 3.73
C GLU C 272 -1.92 -60.85 3.08
N VAL C 273 -1.68 -60.44 1.84
CA VAL C 273 -2.66 -59.69 1.05
C VAL C 273 -3.97 -60.50 0.92
N SER C 274 -3.85 -61.80 0.66
CA SER C 274 -4.99 -62.73 0.57
C SER C 274 -5.89 -62.76 1.82
N GLU C 275 -5.31 -62.47 2.98
CA GLU C 275 -6.02 -62.47 4.25
C GLU C 275 -6.75 -61.15 4.55
N LEU C 276 -6.50 -60.10 3.78
CA LEU C 276 -7.17 -58.80 3.99
C LEU C 276 -8.64 -58.90 3.59
N ILE C 277 -9.51 -58.49 4.52
CA ILE C 277 -10.96 -58.57 4.36
C ILE C 277 -11.60 -57.20 4.14
N GLN C 278 -11.23 -56.23 4.97
CA GLN C 278 -11.70 -54.85 4.83
C GLN C 278 -10.73 -53.88 5.50
N MET C 279 -10.91 -52.58 5.26
CA MET C 279 -10.14 -51.57 5.98
C MET C 279 -10.86 -50.23 6.11
N ASP C 280 -10.46 -49.51 7.14
CA ASP C 280 -10.97 -48.19 7.47
C ASP C 280 -9.73 -47.36 7.76
N LEU C 281 -9.24 -46.67 6.74
CA LEU C 281 -7.96 -45.95 6.80
C LEU C 281 -8.13 -44.44 6.65
N ASP C 282 -7.34 -43.71 7.43
CA ASP C 282 -7.26 -42.25 7.37
C ASP C 282 -6.01 -41.81 6.61
N LEU C 283 -6.08 -40.61 6.05
CA LEU C 283 -4.91 -39.80 5.76
C LEU C 283 -4.83 -38.67 6.79
N PHE C 284 -3.63 -38.35 7.23
CA PHE C 284 -3.43 -37.40 8.33
C PHE C 284 -2.06 -36.75 8.23
N ASP C 285 -1.90 -35.59 8.85
CA ASP C 285 -0.64 -34.87 8.83
C ASP C 285 0.38 -35.65 9.66
N VAL C 286 1.52 -35.99 9.06
CA VAL C 286 2.60 -36.65 9.81
C VAL C 286 3.63 -35.69 10.41
N GLN C 287 3.40 -34.37 10.33
CA GLN C 287 4.33 -33.43 10.96
C GLN C 287 4.15 -33.50 12.48
N LYS C 288 5.20 -33.93 13.17
CA LYS C 288 5.19 -34.00 14.62
C LYS C 288 4.92 -32.61 15.21
N GLY C 289 4.16 -32.57 16.30
CA GLY C 289 3.89 -31.32 17.00
C GLY C 289 5.15 -30.73 17.60
N THR C 290 5.10 -29.45 17.98
CA THR C 290 6.25 -28.80 18.59
C THR C 290 5.84 -27.66 19.51
N ILE C 291 6.72 -27.39 20.46
CA ILE C 291 6.65 -26.19 21.28
C ILE C 291 7.18 -25.06 20.42
N GLY C 292 6.52 -23.90 20.48
CA GLY C 292 6.84 -22.79 19.61
C GLY C 292 6.56 -21.43 20.20
N GLY C 293 6.90 -20.42 19.42
CA GLY C 293 6.90 -19.04 19.87
C GLY C 293 8.29 -18.69 20.35
N ILE C 294 8.63 -17.41 20.25
CA ILE C 294 9.95 -16.92 20.67
C ILE C 294 10.21 -17.10 22.18
N GLY C 295 9.14 -17.12 22.98
CA GLY C 295 9.23 -17.46 24.41
C GLY C 295 8.72 -18.86 24.75
N LYS C 296 8.59 -19.73 23.74
CA LYS C 296 8.01 -21.06 23.90
C LYS C 296 6.66 -21.08 24.64
N HIS C 297 5.79 -20.12 24.31
CA HIS C 297 4.45 -20.01 24.91
C HIS C 297 3.39 -20.85 24.21
N PHE C 298 3.70 -21.42 23.04
CA PHE C 298 2.72 -22.15 22.24
C PHE C 298 3.07 -23.62 22.04
N LEU C 299 2.04 -24.39 21.72
CA LEU C 299 2.18 -25.76 21.28
C LEU C 299 1.45 -25.86 19.94
N PHE C 300 2.18 -26.22 18.89
CA PHE C 300 1.64 -26.43 17.55
C PHE C 300 1.51 -27.93 17.30
N ALA C 301 0.33 -28.39 16.89
CA ALA C 301 0.08 -29.81 16.65
C ALA C 301 -1.23 -30.04 15.90
N PRO C 302 -1.32 -31.17 15.18
CA PRO C 302 -2.55 -31.52 14.50
C PRO C 302 -3.59 -32.11 15.45
N ARG C 303 -4.84 -32.07 15.03
CA ARG C 303 -5.91 -32.87 15.61
C ARG C 303 -6.22 -32.55 17.09
N LEU C 304 -6.07 -31.27 17.45
CA LEU C 304 -6.31 -30.79 18.83
C LEU C 304 -7.78 -30.96 19.22
N ASP C 305 -8.67 -30.68 18.28
CA ASP C 305 -10.10 -30.79 18.47
C ASP C 305 -10.54 -32.25 18.24
N ASP C 306 -10.82 -33.05 19.28
CA ASP C 306 -10.85 -32.71 20.71
C ASP C 306 -9.94 -33.66 21.51
N ARG C 307 -8.86 -34.12 20.88
CA ARG C 307 -7.89 -34.99 21.55
C ARG C 307 -7.10 -34.25 22.64
N LEU C 308 -7.05 -32.92 22.54
CA LEU C 308 -6.53 -32.07 23.61
C LEU C 308 -7.28 -32.22 24.95
N CYS C 309 -8.60 -32.02 24.97
CA CYS C 309 -9.37 -32.20 26.21
C CYS C 309 -9.46 -33.69 26.60
N SER C 310 -9.53 -34.58 25.60
CA SER C 310 -9.60 -36.02 25.87
C SER C 310 -8.37 -36.49 26.63
N PHE C 311 -7.19 -36.09 26.15
CA PHE C 311 -5.93 -36.42 26.80
C PHE C 311 -5.90 -35.83 28.23
N ALA C 312 -6.13 -34.53 28.34
CA ALA C 312 -6.11 -33.84 29.65
C ALA C 312 -7.08 -34.46 30.68
N ALA C 313 -8.28 -34.81 30.23
CA ALA C 313 -9.29 -35.44 31.08
C ALA C 313 -8.86 -36.84 31.51
N MET C 314 -8.38 -37.66 30.56
CA MET C 314 -7.94 -39.02 30.88
C MET C 314 -6.75 -39.04 31.83
N ILE C 315 -5.78 -38.15 31.61
CA ILE C 315 -4.61 -38.06 32.47
C ILE C 315 -5.05 -37.60 33.87
N ALA C 316 -5.97 -36.64 33.93
CA ALA C 316 -6.53 -36.18 35.21
C ALA C 316 -7.17 -37.34 35.98
N LEU C 317 -7.99 -38.13 35.28
CA LEU C 317 -8.61 -39.31 35.88
C LEU C 317 -7.57 -40.30 36.43
N ILE C 318 -6.53 -40.58 35.65
CA ILE C 318 -5.46 -41.49 36.07
C ILE C 318 -4.71 -40.92 37.29
N CYS C 319 -4.37 -39.64 37.22
CA CYS C 319 -3.73 -38.92 38.35
C CYS C 319 -4.59 -38.97 39.62
N TYR C 320 -5.88 -38.69 39.46
CA TYR C 320 -6.86 -38.79 40.56
C TYR C 320 -6.94 -40.22 41.10
N ALA C 321 -7.03 -41.20 40.19
CA ALA C 321 -7.19 -42.62 40.55
C ALA C 321 -6.02 -43.20 41.34
N LYS C 322 -4.82 -42.65 41.15
CA LYS C 322 -3.62 -43.16 41.85
C LYS C 322 -3.80 -43.13 43.38
N ASP C 323 -4.47 -42.10 43.89
CA ASP C 323 -4.73 -41.94 45.33
C ASP C 323 -6.12 -42.39 45.78
N VAL C 324 -6.92 -42.94 44.88
CA VAL C 324 -8.22 -43.50 45.22
C VAL C 324 -8.08 -45.01 45.41
N ASN C 325 -8.50 -45.48 46.58
CA ASN C 325 -8.85 -46.88 46.80
C ASN C 325 -10.37 -46.90 46.88
N THR C 326 -11.00 -47.71 46.02
CA THR C 326 -12.46 -47.70 45.89
C THR C 326 -13.18 -48.21 47.13
N GLU C 327 -12.49 -48.99 47.96
CA GLU C 327 -13.02 -49.43 49.26
C GLU C 327 -13.31 -48.27 50.24
N GLU C 328 -12.57 -47.17 50.11
CA GLU C 328 -12.76 -45.97 50.95
C GLU C 328 -13.43 -44.80 50.21
N SER C 329 -14.03 -45.07 49.05
CA SER C 329 -14.66 -44.04 48.23
C SER C 329 -16.18 -44.21 48.22
N ASP C 330 -16.88 -43.09 48.17
CA ASP C 330 -18.33 -43.08 47.96
C ASP C 330 -18.73 -42.38 46.65
N LEU C 331 -17.77 -42.30 45.71
CA LEU C 331 -17.96 -41.56 44.46
C LEU C 331 -18.05 -42.49 43.25
N PHE C 332 -18.66 -41.96 42.19
CA PHE C 332 -18.71 -42.60 40.88
C PHE C 332 -18.16 -41.55 39.92
N SER C 333 -16.98 -41.82 39.37
CA SER C 333 -16.30 -40.89 38.47
C SER C 333 -16.06 -41.56 37.13
N THR C 334 -16.18 -40.80 36.04
CA THR C 334 -15.93 -41.35 34.70
C THR C 334 -15.44 -40.31 33.70
N VAL C 335 -14.59 -40.77 32.78
CA VAL C 335 -14.28 -40.05 31.56
C VAL C 335 -14.79 -40.95 30.43
N THR C 336 -15.70 -40.40 29.64
CA THR C 336 -16.22 -41.09 28.46
C THR C 336 -15.82 -40.33 27.20
N LEU C 337 -15.26 -41.07 26.24
CA LEU C 337 -14.70 -40.51 25.02
C LEU C 337 -15.52 -40.99 23.83
N TYR C 338 -16.06 -40.04 23.07
CA TYR C 338 -17.00 -40.32 21.99
C TYR C 338 -16.36 -40.19 20.62
N ASP C 339 -16.93 -40.94 19.68
CA ASP C 339 -16.62 -40.84 18.27
C ASP C 339 -17.70 -39.96 17.62
N ASN C 340 -17.46 -39.56 16.37
CA ASN C 340 -18.46 -38.95 15.48
C ASN C 340 -19.11 -37.66 15.96
N GLU C 341 -18.43 -36.92 16.83
CA GLU C 341 -18.92 -35.62 17.28
C GLU C 341 -18.86 -34.58 16.16
N GLU C 342 -17.85 -34.70 15.29
CA GLU C 342 -17.69 -33.75 14.20
C GLU C 342 -18.76 -33.87 13.11
N ILE C 343 -19.53 -34.96 13.12
CA ILE C 343 -20.62 -35.18 12.16
C ILE C 343 -22.00 -35.25 12.84
N GLY C 344 -22.12 -34.72 14.06
CA GLY C 344 -23.42 -34.54 14.74
C GLY C 344 -23.79 -35.55 15.82
N SER C 345 -22.93 -36.55 16.06
CA SER C 345 -23.03 -37.49 17.20
C SER C 345 -24.13 -38.54 17.13
N LEU C 346 -24.90 -38.60 16.03
CA LEU C 346 -26.00 -39.56 15.90
C LEU C 346 -25.49 -40.86 15.27
N THR C 347 -24.63 -41.54 16.02
CA THR C 347 -24.21 -42.92 15.69
C THR C 347 -24.16 -43.69 17.01
N ARG C 348 -24.04 -45.01 16.94
CA ARG C 348 -23.96 -45.82 18.17
C ARG C 348 -22.71 -45.51 19.00
N GLN C 349 -21.63 -45.10 18.33
CA GLN C 349 -20.35 -44.75 19.00
C GLN C 349 -20.21 -43.26 19.33
N GLY C 350 -21.24 -42.47 19.03
CA GLY C 350 -21.29 -41.04 19.36
C GLY C 350 -22.09 -40.79 20.61
N ALA C 351 -22.11 -39.53 21.05
CA ALA C 351 -22.79 -39.15 22.31
C ALA C 351 -24.26 -39.56 22.37
N LYS C 352 -24.95 -39.50 21.24
CA LYS C 352 -26.36 -39.89 21.16
C LYS C 352 -26.59 -41.41 21.27
N GLY C 353 -25.51 -42.20 21.14
CA GLY C 353 -25.56 -43.65 21.32
C GLY C 353 -25.58 -44.15 22.75
N GLY C 354 -25.38 -43.26 23.72
CA GLY C 354 -25.65 -43.55 25.11
C GLY C 354 -24.67 -44.44 25.87
N LEU C 355 -23.40 -44.49 25.48
CA LEU C 355 -22.43 -45.31 26.24
C LEU C 355 -22.33 -44.89 27.71
N LEU C 356 -22.30 -43.59 27.98
CA LEU C 356 -22.29 -43.07 29.36
C LEU C 356 -23.45 -43.63 30.18
N GLU C 357 -24.66 -43.46 29.65
CA GLU C 357 -25.89 -43.90 30.32
C GLU C 357 -25.89 -45.42 30.53
N SER C 358 -25.41 -46.15 29.53
CA SER C 358 -25.30 -47.61 29.61
C SER C 358 -24.35 -48.05 30.72
N VAL C 359 -23.16 -47.44 30.75
CA VAL C 359 -22.15 -47.74 31.78
C VAL C 359 -22.69 -47.51 33.20
N VAL C 360 -23.38 -46.40 33.41
CA VAL C 360 -23.93 -46.06 34.73
C VAL C 360 -25.05 -47.00 35.14
N GLU C 361 -25.93 -47.33 34.20
CA GLU C 361 -27.01 -48.30 34.46
C GLU C 361 -26.46 -49.70 34.76
N ARG C 362 -25.59 -50.21 33.89
CA ARG C 362 -25.02 -51.55 34.05
C ARG C 362 -24.19 -51.66 35.33
N SER C 363 -23.31 -50.68 35.56
CA SER C 363 -22.47 -50.64 36.77
C SER C 363 -23.28 -50.61 38.07
N SER C 364 -24.19 -49.65 38.17
CA SER C 364 -25.01 -49.50 39.37
C SER C 364 -25.90 -50.73 39.61
N SER C 365 -26.43 -51.31 38.54
CA SER C 365 -27.21 -52.56 38.63
C SER C 365 -26.37 -53.75 39.13
N ALA C 366 -25.19 -53.93 38.54
CA ALA C 366 -24.25 -54.99 38.95
C ALA C 366 -23.68 -54.78 40.36
N PHE C 367 -23.41 -53.52 40.72
CA PHE C 367 -22.78 -53.17 41.99
C PHE C 367 -23.69 -53.43 43.19
N THR C 368 -24.89 -52.86 43.17
CA THR C 368 -25.87 -53.03 44.26
C THR C 368 -26.71 -54.31 44.18
N LYS C 369 -26.71 -54.99 43.04
CA LYS C 369 -27.55 -56.18 42.77
C LYS C 369 -29.07 -55.93 42.99
N LYS C 370 -29.50 -54.70 42.80
CA LYS C 370 -30.89 -54.30 43.01
C LYS C 370 -31.23 -53.19 42.02
N PRO C 371 -32.53 -52.92 41.79
CA PRO C 371 -32.90 -51.79 40.94
C PRO C 371 -32.43 -50.46 41.53
N VAL C 372 -31.74 -49.66 40.74
CA VAL C 372 -31.26 -48.34 41.16
C VAL C 372 -32.15 -47.27 40.54
N ASP C 373 -32.46 -46.23 41.31
CA ASP C 373 -33.20 -45.09 40.82
C ASP C 373 -32.24 -44.21 40.03
N LEU C 374 -32.20 -44.44 38.72
CA LEU C 374 -31.30 -43.71 37.81
C LEU C 374 -31.69 -42.25 37.63
N HIS C 375 -32.96 -41.93 37.81
CA HIS C 375 -33.40 -40.53 37.76
C HIS C 375 -32.80 -39.74 38.92
N THR C 376 -32.76 -40.35 40.10
CA THR C 376 -32.09 -39.78 41.27
C THR C 376 -30.58 -39.69 41.06
N VAL C 377 -29.99 -40.71 40.43
CA VAL C 377 -28.56 -40.68 40.11
C VAL C 377 -28.24 -39.43 39.29
N TRP C 378 -28.93 -39.26 38.16
CA TRP C 378 -28.63 -38.16 37.23
C TRP C 378 -28.99 -36.78 37.78
N ALA C 379 -30.04 -36.70 38.58
CA ALA C 379 -30.39 -35.46 39.27
C ALA C 379 -29.28 -34.95 40.20
N ASN C 380 -28.45 -35.84 40.75
CA ASN C 380 -27.33 -35.46 41.62
C ASN C 380 -25.95 -35.43 40.93
N SER C 381 -25.95 -35.50 39.60
CA SER C 381 -24.73 -35.63 38.80
C SER C 381 -24.29 -34.31 38.18
N ILE C 382 -23.00 -34.23 37.84
CA ILE C 382 -22.46 -33.12 37.08
C ILE C 382 -21.70 -33.72 35.90
N ILE C 383 -22.02 -33.24 34.70
CA ILE C 383 -21.30 -33.61 33.48
C ILE C 383 -20.55 -32.38 33.00
N LEU C 384 -19.22 -32.50 32.92
CA LEU C 384 -18.42 -31.55 32.16
C LEU C 384 -18.34 -32.07 30.73
N SER C 385 -18.95 -31.34 29.81
CA SER C 385 -18.78 -31.56 28.38
C SER C 385 -17.53 -30.81 27.97
N ALA C 386 -16.41 -31.52 27.93
CA ALA C 386 -15.10 -30.91 27.76
C ALA C 386 -14.74 -30.92 26.30
N ASP C 387 -14.88 -29.77 25.64
CA ASP C 387 -14.53 -29.64 24.24
C ASP C 387 -13.80 -28.35 24.00
N VAL C 388 -12.78 -28.42 23.14
CA VAL C 388 -12.00 -27.24 22.80
C VAL C 388 -12.87 -26.08 22.29
N ASN C 389 -12.56 -24.88 22.76
CA ASN C 389 -13.22 -23.64 22.30
C ASN C 389 -12.13 -22.72 21.73
N HIS C 390 -12.48 -21.48 21.41
CA HIS C 390 -11.64 -20.66 20.54
C HIS C 390 -10.82 -19.62 21.30
N LEU C 391 -9.50 -19.76 21.28
CA LEU C 391 -8.60 -18.68 21.69
C LEU C 391 -8.82 -17.46 20.83
N TYR C 392 -8.74 -16.29 21.47
CA TYR C 392 -8.69 -15.01 20.77
C TYR C 392 -7.60 -15.04 19.72
N ASN C 393 -7.97 -14.69 18.48
CA ASN C 393 -7.06 -14.55 17.38
C ASN C 393 -6.93 -13.05 17.13
N PRO C 394 -5.75 -12.48 17.43
CA PRO C 394 -5.56 -11.03 17.34
C PRO C 394 -5.67 -10.46 15.94
N ASN C 395 -5.59 -11.30 14.91
CA ASN C 395 -5.79 -10.84 13.54
C ASN C 395 -7.24 -10.75 13.09
N PHE C 396 -8.17 -11.24 13.91
CA PHE C 396 -9.62 -11.21 13.62
C PHE C 396 -10.39 -10.72 14.85
N PRO C 397 -10.05 -9.53 15.37
CA PRO C 397 -10.73 -9.05 16.59
C PRO C 397 -12.24 -8.90 16.44
N GLU C 398 -12.69 -8.59 15.22
CA GLU C 398 -14.09 -8.39 14.90
C GLU C 398 -15.02 -9.61 15.10
N VAL C 399 -14.48 -10.83 15.20
CA VAL C 399 -15.31 -12.02 15.52
C VAL C 399 -15.26 -12.48 16.98
N TYR C 400 -14.53 -11.78 17.85
CA TYR C 400 -14.48 -12.14 19.27
C TYR C 400 -15.22 -11.12 20.14
N LEU C 401 -16.00 -11.64 21.10
CA LEU C 401 -16.83 -10.81 21.96
C LEU C 401 -15.99 -10.27 23.10
N LYS C 402 -15.95 -8.95 23.25
CA LYS C 402 -15.19 -8.32 24.34
C LYS C 402 -15.63 -8.88 25.70
N ASN C 403 -14.65 -9.18 26.54
CA ASN C 403 -14.85 -9.80 27.88
C ASN C 403 -15.30 -11.26 27.87
N HIS C 404 -15.39 -11.86 26.68
CA HIS C 404 -15.84 -13.24 26.54
C HIS C 404 -14.93 -13.98 25.56
N PHE C 405 -13.62 -13.79 25.69
CA PHE C 405 -12.65 -14.62 24.96
C PHE C 405 -11.51 -15.06 25.89
N PRO C 406 -10.97 -16.26 25.66
CA PRO C 406 -9.82 -16.72 26.41
C PRO C 406 -8.50 -16.39 25.72
N VAL C 407 -7.43 -16.39 26.52
CA VAL C 407 -6.06 -16.19 26.06
C VAL C 407 -5.22 -17.41 26.50
N PRO C 408 -4.02 -17.59 25.92
CA PRO C 408 -3.24 -18.80 26.24
C PRO C 408 -2.64 -18.81 27.65
N ASN C 409 -2.43 -20.01 28.18
CA ASN C 409 -1.70 -20.24 29.42
C ASN C 409 -2.29 -19.63 30.69
N VAL C 410 -3.62 -19.55 30.75
CA VAL C 410 -4.33 -19.02 31.92
C VAL C 410 -5.09 -20.14 32.62
N GLY C 411 -6.00 -20.79 31.91
CA GLY C 411 -6.75 -21.90 32.46
C GLY C 411 -7.93 -22.31 31.59
N ILE C 412 -8.76 -23.20 32.15
CA ILE C 412 -9.93 -23.74 31.45
C ILE C 412 -10.90 -22.59 31.06
N THR C 413 -11.60 -22.78 29.94
CA THR C 413 -12.53 -21.78 29.42
C THR C 413 -13.96 -22.33 29.42
N LEU C 414 -14.85 -21.63 30.11
CA LEU C 414 -16.29 -21.93 30.05
C LEU C 414 -16.85 -21.50 28.70
N SER C 415 -17.61 -22.39 28.06
CA SER C 415 -18.36 -22.05 26.86
C SER C 415 -19.77 -21.66 27.27
N LEU C 416 -20.14 -20.42 26.97
CA LEU C 416 -21.46 -19.88 27.34
C LEU C 416 -22.24 -19.53 26.08
N ASP C 417 -23.52 -19.86 26.07
CA ASP C 417 -24.39 -19.53 24.96
C ASP C 417 -25.86 -19.54 25.41
N PRO C 418 -26.60 -18.45 25.16
CA PRO C 418 -27.99 -18.41 25.62
C PRO C 418 -29.02 -19.05 24.67
N ASN C 419 -28.59 -19.55 23.52
CA ASN C 419 -29.48 -20.17 22.53
C ASN C 419 -29.26 -21.69 22.32
N GLY C 420 -28.77 -22.38 23.35
CA GLY C 420 -28.77 -23.85 23.36
C GLY C 420 -27.67 -24.56 22.59
N HIS C 421 -26.66 -23.81 22.11
CA HIS C 421 -25.49 -24.43 21.46
C HIS C 421 -24.58 -25.10 22.48
N MET C 422 -24.63 -24.59 23.72
CA MET C 422 -23.96 -25.14 24.89
C MET C 422 -25.00 -25.40 25.99
N ALA C 423 -24.68 -26.31 26.91
CA ALA C 423 -25.58 -26.71 28.00
C ALA C 423 -25.37 -25.88 29.29
N THR C 424 -24.30 -25.10 29.33
CA THR C 424 -23.92 -24.32 30.50
C THR C 424 -25.03 -23.38 30.98
N ASP C 425 -25.32 -23.45 32.27
CA ASP C 425 -26.32 -22.58 32.91
C ASP C 425 -25.68 -21.82 34.08
N VAL C 426 -26.45 -20.97 34.73
CA VAL C 426 -25.93 -20.10 35.80
C VAL C 426 -25.33 -20.85 37.00
N VAL C 427 -25.97 -21.96 37.38
CA VAL C 427 -25.51 -22.80 38.49
C VAL C 427 -24.20 -23.50 38.13
N GLY C 428 -24.13 -24.03 36.90
CA GLY C 428 -22.91 -24.68 36.40
C GLY C 428 -21.71 -23.75 36.35
N THR C 429 -21.93 -22.53 35.85
CA THR C 429 -20.92 -21.47 35.85
C THR C 429 -20.42 -21.19 37.27
N ALA C 430 -21.36 -21.02 38.21
CA ALA C 430 -21.01 -20.77 39.61
C ALA C 430 -20.27 -21.95 40.25
N LEU C 431 -20.67 -23.17 39.90
CA LEU C 431 -20.00 -24.38 40.38
C LEU C 431 -18.55 -24.44 39.91
N VAL C 432 -18.32 -24.19 38.62
CA VAL C 432 -16.98 -24.18 38.05
C VAL C 432 -16.11 -23.06 38.66
N GLU C 433 -16.70 -21.89 38.83
CA GLU C 433 -16.00 -20.75 39.44
C GLU C 433 -15.64 -21.04 40.89
N GLU C 434 -16.58 -21.61 41.64
CA GLU C 434 -16.36 -22.00 43.04
C GLU C 434 -15.31 -23.10 43.16
N LEU C 435 -15.41 -24.11 42.29
CA LEU C 435 -14.42 -25.18 42.22
C LEU C 435 -13.01 -24.63 41.96
N ALA C 436 -12.92 -23.68 41.03
CA ALA C 436 -11.66 -23.06 40.67
C ALA C 436 -11.06 -22.20 41.80
N ARG C 437 -11.89 -21.42 42.48
CA ARG C 437 -11.43 -20.65 43.65
C ARG C 437 -10.88 -21.59 44.74
N ARG C 438 -11.53 -22.73 44.94
CA ARG C 438 -11.07 -23.71 45.94
C ARG C 438 -9.75 -24.36 45.56
N ASN C 439 -9.59 -24.69 44.28
CA ASN C 439 -8.42 -25.45 43.81
C ASN C 439 -7.26 -24.61 43.29
N GLY C 440 -7.43 -23.29 43.23
CA GLY C 440 -6.40 -22.38 42.73
C GLY C 440 -6.29 -22.33 41.22
N ASP C 441 -7.38 -22.65 40.52
CA ASP C 441 -7.43 -22.60 39.06
C ASP C 441 -8.03 -21.28 38.63
N LYS C 442 -7.64 -20.81 37.44
CA LYS C 442 -8.28 -19.66 36.81
C LYS C 442 -9.28 -20.13 35.77
N VAL C 443 -10.36 -19.37 35.60
CA VAL C 443 -11.42 -19.70 34.65
C VAL C 443 -11.62 -18.53 33.69
N GLN C 444 -11.72 -18.85 32.40
CA GLN C 444 -11.97 -17.87 31.35
C GLN C 444 -13.36 -18.10 30.78
N TYR C 445 -13.82 -17.15 29.97
CA TYR C 445 -15.13 -17.24 29.30
C TYR C 445 -15.00 -17.23 27.78
N PHE C 446 -15.86 -17.99 27.11
CA PHE C 446 -16.08 -17.83 25.67
C PHE C 446 -17.58 -17.77 25.37
N GLN C 447 -17.98 -16.71 24.66
CA GLN C 447 -19.31 -16.59 24.09
C GLN C 447 -19.24 -15.84 22.76
N ILE C 448 -20.09 -16.23 21.81
CA ILE C 448 -20.13 -15.55 20.51
C ILE C 448 -20.71 -14.15 20.60
N LYS C 449 -20.35 -13.30 19.64
CA LYS C 449 -21.00 -12.00 19.47
C LYS C 449 -22.42 -12.24 18.96
N ASN C 450 -23.32 -11.28 19.22
CA ASN C 450 -24.73 -11.42 18.80
C ASN C 450 -24.93 -11.50 17.28
N ASN C 451 -24.01 -10.91 16.52
CA ASN C 451 -24.03 -10.93 15.05
C ASN C 451 -23.14 -12.02 14.44
N SER C 452 -22.79 -13.04 15.23
CA SER C 452 -21.83 -14.07 14.84
C SER C 452 -22.51 -15.44 14.79
N ARG C 453 -21.72 -16.51 14.83
CA ARG C 453 -22.19 -17.86 14.63
C ARG C 453 -21.52 -18.77 15.65
N SER C 454 -22.26 -19.75 16.17
CA SER C 454 -21.73 -20.71 17.14
C SER C 454 -21.71 -22.14 16.58
N GLY C 455 -20.68 -22.90 17.00
CA GLY C 455 -20.68 -24.35 16.86
C GLY C 455 -21.50 -24.96 18.00
N GLY C 456 -21.82 -26.25 17.88
CA GLY C 456 -22.52 -26.98 18.94
C GLY C 456 -21.67 -28.16 19.39
N THR C 457 -21.79 -28.52 20.66
CA THR C 457 -21.06 -29.64 21.26
C THR C 457 -22.00 -30.79 21.59
N ILE C 458 -21.46 -31.87 22.17
CA ILE C 458 -22.27 -32.95 22.75
C ILE C 458 -23.01 -32.55 24.05
N GLY C 459 -22.68 -31.40 24.64
CA GLY C 459 -23.22 -31.00 25.93
C GLY C 459 -24.72 -31.08 26.05
N PRO C 460 -25.46 -30.38 25.16
CA PRO C 460 -26.92 -30.43 25.16
C PRO C 460 -27.51 -31.83 24.98
N SER C 461 -26.85 -32.67 24.17
CA SER C 461 -27.27 -34.07 24.00
C SER C 461 -27.16 -34.83 25.32
N LEU C 462 -26.00 -34.74 25.96
CA LEU C 462 -25.77 -35.45 27.22
C LEU C 462 -26.72 -34.97 28.31
N ALA C 463 -26.93 -33.66 28.38
CA ALA C 463 -27.86 -33.05 29.35
C ALA C 463 -29.29 -33.55 29.16
N SER C 464 -29.75 -33.58 27.91
CA SER C 464 -31.11 -34.02 27.59
C SER C 464 -31.30 -35.51 27.84
N GLN C 465 -30.31 -36.29 27.44
CA GLN C 465 -30.35 -37.74 27.60
C GLN C 465 -30.29 -38.20 29.05
N THR C 466 -29.55 -37.48 29.90
CA THR C 466 -29.42 -37.85 31.31
C THR C 466 -30.39 -37.10 32.22
N GLY C 467 -30.75 -35.87 31.86
CA GLY C 467 -31.41 -34.95 32.79
C GLY C 467 -30.46 -34.28 33.78
N ALA C 468 -29.15 -34.50 33.63
CA ALA C 468 -28.14 -34.01 34.55
C ALA C 468 -27.65 -32.61 34.13
N ARG C 469 -27.39 -31.77 35.12
CA ARG C 469 -26.72 -30.49 34.89
C ARG C 469 -25.40 -30.75 34.17
N THR C 470 -25.24 -30.10 33.02
CA THR C 470 -24.09 -30.29 32.14
C THR C 470 -23.46 -28.93 31.92
N ILE C 471 -22.14 -28.89 31.98
CA ILE C 471 -21.36 -27.66 31.85
C ILE C 471 -20.39 -27.82 30.68
N ASP C 472 -20.55 -26.97 29.67
CA ASP C 472 -19.66 -26.98 28.51
C ASP C 472 -18.44 -26.12 28.81
N LEU C 473 -17.27 -26.71 28.67
CA LEU C 473 -16.01 -26.01 28.85
C LEU C 473 -14.93 -26.73 28.07
N GLY C 474 -13.72 -26.17 28.10
CA GLY C 474 -12.57 -26.83 27.53
C GLY C 474 -11.33 -25.98 27.53
N ILE C 475 -10.29 -26.53 26.93
CA ILE C 475 -9.03 -25.85 26.73
C ILE C 475 -9.13 -25.13 25.39
N ALA C 476 -8.89 -23.82 25.40
CA ALA C 476 -9.01 -23.01 24.18
C ALA C 476 -7.83 -23.23 23.24
N GLN C 477 -8.10 -23.10 21.94
CA GLN C 477 -7.08 -23.25 20.89
C GLN C 477 -7.32 -22.25 19.76
N LEU C 478 -6.25 -21.95 19.05
CA LEU C 478 -6.31 -21.23 17.78
C LEU C 478 -6.56 -22.22 16.66
N SER C 479 -7.14 -21.72 15.57
CA SER C 479 -7.17 -22.43 14.28
C SER C 479 -7.84 -23.79 14.34
N MET C 480 -8.96 -23.85 15.06
CA MET C 480 -9.72 -25.07 15.16
C MET C 480 -10.11 -25.51 13.75
N HIS C 481 -10.03 -26.83 13.52
CA HIS C 481 -10.30 -27.45 12.21
C HIS C 481 -9.23 -27.27 11.14
N SER C 482 -8.15 -26.55 11.43
CA SER C 482 -7.01 -26.57 10.53
C SER C 482 -6.41 -27.97 10.58
N ILE C 483 -5.55 -28.28 9.62
CA ILE C 483 -4.76 -29.49 9.69
C ILE C 483 -3.71 -29.41 10.82
N ARG C 484 -3.30 -28.20 11.19
CA ARG C 484 -2.33 -28.02 12.27
C ARG C 484 -2.74 -26.82 13.10
N ALA C 485 -3.14 -27.08 14.33
CA ALA C 485 -3.71 -26.04 15.19
C ALA C 485 -2.68 -25.61 16.23
N ALA C 486 -3.08 -24.70 17.11
CA ALA C 486 -2.19 -24.22 18.17
C ALA C 486 -2.95 -23.93 19.46
N THR C 487 -2.27 -24.15 20.59
CA THR C 487 -2.76 -23.77 21.91
C THR C 487 -1.58 -23.29 22.76
N GLY C 488 -1.84 -22.95 24.02
CA GLY C 488 -0.75 -22.57 24.92
C GLY C 488 0.10 -23.77 25.32
N SER C 489 1.40 -23.55 25.52
CA SER C 489 2.31 -24.61 25.94
C SER C 489 2.07 -25.10 27.37
N LYS C 490 1.46 -24.26 28.22
CA LYS C 490 1.07 -24.65 29.57
C LYS C 490 -0.36 -25.20 29.67
N ASP C 491 -1.14 -25.10 28.60
CA ASP C 491 -2.58 -25.36 28.67
C ASP C 491 -2.95 -26.82 28.86
N VAL C 492 -2.13 -27.75 28.37
CA VAL C 492 -2.34 -29.17 28.64
C VAL C 492 -2.25 -29.39 30.15
N GLY C 493 -1.16 -28.92 30.76
CA GLY C 493 -0.96 -29.04 32.20
C GLY C 493 -2.05 -28.37 33.02
N LEU C 494 -2.41 -27.14 32.63
CA LEU C 494 -3.48 -26.39 33.32
C LEU C 494 -4.82 -27.11 33.23
N GLY C 495 -5.09 -27.72 32.07
CA GLY C 495 -6.28 -28.55 31.87
C GLY C 495 -6.31 -29.76 32.80
N VAL C 496 -5.21 -30.50 32.85
CA VAL C 496 -5.08 -31.67 33.73
C VAL C 496 -5.31 -31.29 35.18
N LYS C 497 -4.69 -30.19 35.61
CA LYS C 497 -4.85 -29.65 36.97
C LYS C 497 -6.33 -29.37 37.29
N PHE C 498 -7.00 -28.65 36.41
CA PHE C 498 -8.43 -28.34 36.60
C PHE C 498 -9.31 -29.59 36.70
N PHE C 499 -9.13 -30.52 35.76
CA PHE C 499 -9.93 -31.75 35.74
C PHE C 499 -9.67 -32.65 36.95
N ASN C 500 -8.42 -32.66 37.43
CA ASN C 500 -8.06 -33.39 38.63
C ASN C 500 -8.76 -32.82 39.87
N GLY C 501 -8.83 -31.49 39.94
CA GLY C 501 -9.59 -30.81 40.98
C GLY C 501 -11.08 -31.07 40.91
N PHE C 502 -11.62 -31.19 39.69
CA PHE C 502 -13.04 -31.55 39.50
C PHE C 502 -13.35 -32.89 40.16
N PHE C 503 -12.59 -33.93 39.84
CA PHE C 503 -12.83 -35.24 40.44
C PHE C 503 -12.68 -35.23 41.96
N LYS C 504 -11.70 -34.49 42.46
CA LYS C 504 -11.48 -34.38 43.91
C LYS C 504 -12.61 -33.66 44.66
N HIS C 505 -13.14 -32.58 44.07
CA HIS C 505 -13.94 -31.62 44.83
C HIS C 505 -15.36 -31.29 44.32
N TRP C 506 -15.77 -31.84 43.17
CA TRP C 506 -17.08 -31.48 42.58
C TRP C 506 -18.25 -31.80 43.52
N ARG C 507 -18.17 -32.95 44.18
CA ARG C 507 -19.25 -33.44 45.05
C ARG C 507 -19.40 -32.49 46.25
N SER C 508 -18.28 -32.16 46.88
CA SER C 508 -18.26 -31.20 47.99
C SER C 508 -18.77 -29.82 47.60
N VAL C 509 -18.32 -29.31 46.44
CA VAL C 509 -18.73 -27.98 45.98
C VAL C 509 -20.21 -27.95 45.55
N TYR C 510 -20.68 -28.98 44.86
CA TYR C 510 -22.10 -29.04 44.43
C TYR C 510 -23.06 -29.14 45.62
N ASP C 511 -22.60 -29.78 46.69
CA ASP C 511 -23.33 -29.80 47.98
C ASP C 511 -23.61 -28.41 48.58
N GLU C 512 -22.81 -27.40 48.22
CA GLU C 512 -23.08 -26.02 48.64
C GLU C 512 -24.40 -25.46 48.10
N PHE C 513 -24.80 -25.94 46.93
CA PHE C 513 -25.99 -25.44 46.22
C PHE C 513 -27.29 -26.11 46.69
N GLY C 514 -27.19 -27.15 47.52
CA GLY C 514 -28.35 -27.88 48.00
C GLY C 514 -29.12 -27.13 49.07
N LYS D 37 36.90 -42.03 -0.26
CA LYS D 37 37.04 -41.09 -1.42
C LYS D 37 36.08 -41.45 -2.56
N LYS D 38 36.12 -42.71 -2.99
CA LYS D 38 35.26 -43.20 -4.08
C LYS D 38 33.78 -43.26 -3.67
N GLU D 39 33.51 -43.62 -2.42
CA GLU D 39 32.14 -43.63 -1.88
C GLU D 39 31.54 -42.21 -1.77
N ASN D 40 32.38 -41.22 -1.46
CA ASN D 40 31.95 -39.82 -1.42
C ASN D 40 31.65 -39.28 -2.82
N GLU D 41 32.56 -39.53 -3.76
CA GLU D 41 32.37 -39.12 -5.16
C GLU D 41 31.15 -39.78 -5.81
N ASN D 42 30.96 -41.07 -5.55
CA ASN D 42 29.80 -41.82 -6.08
C ASN D 42 28.46 -41.34 -5.53
N SER D 43 28.44 -40.87 -4.28
CA SER D 43 27.22 -40.33 -3.65
C SER D 43 26.85 -38.94 -4.18
N TRP D 44 27.83 -38.02 -4.15
CA TRP D 44 27.61 -36.64 -4.59
C TRP D 44 27.44 -36.53 -6.11
N CYS D 45 28.30 -37.23 -6.87
CA CYS D 45 28.31 -37.13 -8.35
C CYS D 45 27.58 -38.26 -9.09
N ILE D 46 26.83 -39.09 -8.36
CA ILE D 46 25.98 -40.16 -8.94
C ILE D 46 26.73 -40.98 -9.99
N LEU D 47 27.86 -41.55 -9.56
CA LEU D 47 28.73 -42.36 -10.41
C LEU D 47 28.48 -43.88 -10.31
N GLU D 48 27.86 -44.31 -9.21
CA GLU D 48 27.46 -45.72 -9.03
C GLU D 48 25.93 -45.85 -8.93
N HIS D 49 25.19 -44.93 -9.55
CA HIS D 49 23.72 -44.88 -9.51
C HIS D 49 23.14 -44.80 -8.09
N ASN D 50 23.69 -43.88 -7.28
CA ASN D 50 23.17 -43.57 -5.94
C ASN D 50 22.45 -42.22 -5.95
N TYR D 51 21.13 -42.27 -6.17
CA TYR D 51 20.29 -41.08 -6.23
C TYR D 51 19.71 -40.66 -4.87
N GLU D 52 19.64 -41.58 -3.92
CA GLU D 52 19.06 -41.28 -2.60
C GLU D 52 19.96 -40.40 -1.72
N ASP D 53 21.27 -40.62 -1.77
CA ASP D 53 22.21 -39.81 -0.98
C ASP D 53 22.16 -38.34 -1.38
N ILE D 54 22.19 -38.06 -2.69
CA ILE D 54 22.17 -36.68 -3.17
C ILE D 54 20.84 -35.98 -2.87
N ALA D 55 19.74 -36.72 -2.93
CA ALA D 55 18.43 -36.22 -2.54
C ALA D 55 18.41 -35.81 -1.06
N GLN D 56 19.02 -36.64 -0.22
CA GLN D 56 19.09 -36.34 1.20
C GLN D 56 20.04 -35.17 1.51
N GLU D 57 21.13 -35.05 0.75
CA GLU D 57 22.01 -33.88 0.86
C GLU D 57 21.27 -32.60 0.48
N PHE D 58 20.43 -32.67 -0.55
CA PHE D 58 19.62 -31.53 -0.96
C PHE D 58 18.65 -31.08 0.14
N ILE D 59 17.94 -32.06 0.72
CA ILE D 59 17.01 -31.83 1.85
C ILE D 59 17.72 -31.18 3.04
N ASP D 60 18.92 -31.69 3.35
CA ASP D 60 19.75 -31.12 4.43
C ASP D 60 20.18 -29.70 4.10
N PHE D 61 20.59 -29.48 2.85
CA PHE D 61 20.97 -28.15 2.35
C PHE D 61 19.82 -27.13 2.50
N ILE D 62 18.62 -27.52 2.08
CA ILE D 62 17.45 -26.65 2.21
C ILE D 62 17.12 -26.34 3.68
N TYR D 63 17.22 -27.35 4.53
CA TYR D 63 16.87 -27.24 5.95
C TYR D 63 17.88 -26.39 6.73
N LYS D 64 19.17 -26.58 6.45
CA LYS D 64 20.24 -25.86 7.14
C LYS D 64 20.50 -24.44 6.60
N ASN D 65 19.94 -24.10 5.43
CA ASN D 65 20.20 -22.83 4.76
C ASN D 65 18.92 -22.15 4.27
N PRO D 66 18.13 -21.60 5.21
CA PRO D 66 16.76 -21.16 4.92
C PRO D 66 16.66 -19.86 4.10
N THR D 67 17.58 -18.92 4.31
CA THR D 67 17.59 -17.63 3.60
C THR D 67 18.59 -17.62 2.45
N THR D 68 18.39 -16.70 1.52
CA THR D 68 19.30 -16.50 0.39
C THR D 68 20.75 -16.29 0.85
N TYR D 69 20.92 -15.52 1.94
CA TYR D 69 22.24 -15.32 2.57
C TYR D 69 22.91 -16.63 2.97
N HIS D 70 22.16 -17.52 3.63
CA HIS D 70 22.70 -18.81 4.05
C HIS D 70 23.08 -19.65 2.82
N VAL D 71 22.24 -19.61 1.80
CA VAL D 71 22.45 -20.40 0.58
C VAL D 71 23.75 -20.01 -0.12
N VAL D 72 23.97 -18.71 -0.28
CA VAL D 72 25.22 -18.20 -0.86
C VAL D 72 26.43 -18.54 0.02
N SER D 73 26.27 -18.45 1.34
CA SER D 73 27.33 -18.82 2.27
C SER D 73 27.67 -20.32 2.21
N PHE D 74 26.63 -21.17 2.12
CA PHE D 74 26.81 -22.61 1.91
C PHE D 74 27.65 -22.89 0.66
N PHE D 75 27.23 -22.35 -0.49
CA PHE D 75 27.98 -22.55 -1.74
C PHE D 75 29.40 -21.99 -1.66
N ALA D 76 29.56 -20.84 -1.01
CA ALA D 76 30.89 -20.24 -0.81
C ALA D 76 31.83 -21.18 -0.03
N GLU D 77 31.32 -21.73 1.07
CA GLU D 77 32.08 -22.71 1.87
C GLU D 77 32.38 -23.99 1.09
N LEU D 78 31.42 -24.43 0.27
CA LEU D 78 31.61 -25.61 -0.59
C LEU D 78 32.71 -25.37 -1.63
N LEU D 79 32.67 -24.21 -2.27
CA LEU D 79 33.68 -23.80 -3.26
C LEU D 79 35.08 -23.70 -2.64
N ASP D 80 35.17 -23.11 -1.44
CA ASP D 80 36.41 -23.05 -0.67
C ASP D 80 37.01 -24.44 -0.46
N LYS D 81 36.17 -25.37 -0.02
CA LYS D 81 36.59 -26.76 0.23
C LYS D 81 37.02 -27.53 -1.02
N HIS D 82 36.57 -27.09 -2.20
CA HIS D 82 37.03 -27.63 -3.48
C HIS D 82 38.03 -26.72 -4.24
N ASN D 83 38.75 -25.90 -3.48
CA ASN D 83 39.90 -25.12 -3.96
C ASN D 83 39.60 -24.05 -5.02
N PHE D 84 38.40 -23.48 -4.95
CA PHE D 84 38.07 -22.28 -5.72
C PHE D 84 38.51 -21.09 -4.87
N LYS D 85 39.18 -20.12 -5.48
CA LYS D 85 39.65 -18.94 -4.77
C LYS D 85 38.60 -17.83 -4.80
N TYR D 86 38.31 -17.23 -3.66
CA TYR D 86 37.39 -16.10 -3.56
C TYR D 86 38.05 -14.82 -4.06
N LEU D 87 37.35 -14.10 -4.95
CA LEU D 87 37.78 -12.79 -5.45
C LEU D 87 36.75 -11.72 -5.04
N SER D 88 37.22 -10.65 -4.40
CA SER D 88 36.37 -9.50 -4.09
C SER D 88 36.09 -8.68 -5.34
N GLU D 89 34.82 -8.29 -5.52
CA GLU D 89 34.44 -7.31 -6.57
C GLU D 89 35.14 -5.95 -6.42
N LYS D 90 35.47 -5.57 -5.18
CA LYS D 90 35.99 -4.24 -4.88
C LYS D 90 37.45 -4.01 -5.29
N SER D 91 38.16 -5.05 -5.73
CA SER D 91 39.55 -4.93 -6.18
C SER D 91 39.73 -5.39 -7.62
N ASN D 92 40.71 -4.79 -8.30
CA ASN D 92 41.04 -5.18 -9.66
C ASN D 92 41.57 -6.62 -9.67
N TRP D 93 41.05 -7.42 -10.59
CA TRP D 93 41.37 -8.85 -10.66
C TRP D 93 42.68 -9.16 -11.41
N GLN D 94 43.35 -8.15 -11.95
CA GLN D 94 44.66 -8.30 -12.60
C GLN D 94 45.70 -9.03 -11.73
N ASP D 95 45.64 -8.79 -10.42
CA ASP D 95 46.60 -9.37 -9.47
C ASP D 95 46.16 -10.73 -8.89
N SER D 96 44.96 -11.17 -9.21
CA SER D 96 44.45 -12.45 -8.71
C SER D 96 44.31 -13.53 -9.80
N ILE D 97 44.04 -13.12 -11.04
CA ILE D 97 43.92 -14.02 -12.18
C ILE D 97 45.07 -13.73 -13.13
N GLY D 98 45.82 -14.78 -13.50
CA GLY D 98 46.92 -14.68 -14.45
C GLY D 98 46.71 -15.59 -15.64
N GLU D 99 47.74 -15.73 -16.45
CA GLU D 99 47.66 -16.53 -17.68
C GLU D 99 47.39 -18.04 -17.47
N ASP D 100 47.67 -18.53 -16.25
CA ASP D 100 47.32 -19.91 -15.88
C ASP D 100 45.82 -20.18 -15.71
N GLY D 101 45.03 -19.11 -15.54
CA GLY D 101 43.60 -19.25 -15.28
C GLY D 101 43.40 -19.81 -13.89
N GLY D 102 42.38 -20.64 -13.72
CA GLY D 102 42.13 -21.30 -12.44
C GLY D 102 40.67 -21.40 -12.10
N LYS D 103 40.42 -21.75 -10.85
CA LYS D 103 39.08 -21.92 -10.29
C LYS D 103 38.81 -20.78 -9.31
N PHE D 104 37.77 -19.99 -9.58
CA PHE D 104 37.48 -18.78 -8.80
C PHE D 104 35.98 -18.62 -8.53
N TYR D 105 35.66 -17.77 -7.56
CA TYR D 105 34.29 -17.27 -7.39
C TYR D 105 34.28 -15.88 -6.76
N THR D 106 33.18 -15.14 -6.98
CA THR D 106 32.98 -13.83 -6.38
C THR D 106 31.53 -13.71 -5.87
N ILE D 107 31.31 -12.77 -4.96
CA ILE D 107 29.97 -12.55 -4.38
C ILE D 107 29.63 -11.07 -4.42
N ARG D 108 28.38 -10.75 -4.76
CA ARG D 108 27.83 -9.40 -4.69
C ARG D 108 26.64 -9.37 -3.72
N ASN D 109 26.67 -8.43 -2.77
CA ASN D 109 25.58 -8.18 -1.83
C ASN D 109 25.28 -9.33 -0.83
N GLY D 110 26.19 -10.31 -0.75
CA GLY D 110 25.93 -11.57 -0.03
C GLY D 110 24.82 -12.48 -0.57
N THR D 111 24.29 -12.21 -1.76
CA THR D 111 23.15 -12.97 -2.32
C THR D 111 23.25 -13.32 -3.81
N ASN D 112 24.38 -12.97 -4.44
CA ASN D 112 24.56 -13.08 -5.89
C ASN D 112 25.99 -13.59 -6.08
N LEU D 113 26.09 -14.86 -6.48
CA LEU D 113 27.36 -15.59 -6.50
C LEU D 113 27.66 -16.07 -7.92
N SER D 114 28.91 -15.92 -8.36
CA SER D 114 29.37 -16.49 -9.63
C SER D 114 30.66 -17.29 -9.42
N ALA D 115 30.58 -18.59 -9.68
CA ALA D 115 31.74 -19.48 -9.62
C ALA D 115 32.18 -19.79 -11.04
N PHE D 116 33.49 -19.83 -11.28
CA PHE D 116 33.98 -20.09 -12.63
C PHE D 116 35.35 -20.76 -12.69
N ILE D 117 35.55 -21.49 -13.78
CA ILE D 117 36.77 -22.24 -14.06
C ILE D 117 37.30 -21.72 -15.39
N LEU D 118 38.50 -21.14 -15.38
CA LEU D 118 39.10 -20.56 -16.57
C LEU D 118 40.34 -21.34 -16.95
N GLY D 119 40.33 -21.94 -18.14
CA GLY D 119 41.45 -22.74 -18.63
C GLY D 119 42.59 -21.89 -19.16
N LYS D 120 43.82 -22.32 -18.91
CA LYS D 120 45.02 -21.68 -19.47
C LYS D 120 44.98 -21.57 -21.00
N ASN D 121 44.43 -22.60 -21.67
CA ASN D 121 44.33 -22.60 -23.13
C ASN D 121 43.05 -21.97 -23.70
N TRP D 122 42.31 -21.24 -22.88
CA TRP D 122 41.08 -20.60 -23.33
C TRP D 122 41.37 -19.45 -24.30
N ARG D 123 40.49 -19.27 -25.27
CA ARG D 123 40.51 -18.12 -26.18
C ARG D 123 39.08 -17.75 -26.53
N ALA D 124 38.88 -16.53 -27.03
CA ALA D 124 37.55 -15.96 -27.27
C ALA D 124 36.64 -16.90 -28.07
N GLU D 125 37.20 -17.60 -29.05
CA GLU D 125 36.41 -18.44 -29.96
C GLU D 125 35.83 -19.71 -29.30
N LYS D 126 36.39 -20.14 -28.17
CA LYS D 126 35.82 -21.21 -27.36
C LYS D 126 34.57 -20.79 -26.56
N GLY D 127 34.39 -19.49 -26.34
CA GLY D 127 33.21 -18.96 -25.65
C GLY D 127 33.13 -19.36 -24.19
N VAL D 128 31.93 -19.29 -23.63
CA VAL D 128 31.68 -19.64 -22.24
C VAL D 128 30.51 -20.61 -22.13
N GLY D 129 30.66 -21.63 -21.27
CA GLY D 129 29.59 -22.56 -20.92
C GLY D 129 28.99 -22.13 -19.60
N VAL D 130 27.75 -21.62 -19.63
CA VAL D 130 27.13 -20.97 -18.48
C VAL D 130 25.85 -21.69 -18.04
N ILE D 131 25.73 -21.92 -16.73
CA ILE D 131 24.43 -22.21 -16.11
C ILE D 131 24.05 -21.02 -15.23
N GLY D 132 22.88 -20.44 -15.50
CA GLY D 132 22.34 -19.32 -14.73
C GLY D 132 21.06 -19.73 -13.99
N SER D 133 21.07 -19.60 -12.67
CA SER D 133 19.92 -19.92 -11.81
C SER D 133 19.70 -18.81 -10.78
N HIS D 134 18.61 -18.89 -10.03
CA HIS D 134 18.38 -17.95 -8.93
C HIS D 134 18.25 -18.62 -7.57
N VAL D 135 18.78 -17.95 -6.54
CA VAL D 135 18.79 -18.47 -5.17
C VAL D 135 17.80 -17.77 -4.24
N ASP D 136 17.17 -16.69 -4.70
CA ASP D 136 16.04 -16.11 -3.96
C ASP D 136 14.83 -17.03 -4.12
N ALA D 137 14.03 -17.12 -3.05
CA ALA D 137 12.76 -17.85 -3.07
C ALA D 137 11.70 -17.02 -2.39
N LEU D 138 10.44 -17.27 -2.76
CA LEU D 138 9.31 -16.62 -2.08
C LEU D 138 9.46 -16.75 -0.56
N THR D 139 9.35 -15.62 0.14
CA THR D 139 9.48 -15.62 1.58
C THR D 139 8.66 -14.47 2.18
N VAL D 140 8.83 -14.28 3.48
CA VAL D 140 8.19 -13.19 4.21
C VAL D 140 9.34 -12.45 4.90
N LYS D 141 9.38 -11.13 4.73
CA LYS D 141 10.46 -10.30 5.24
C LYS D 141 9.96 -9.52 6.44
N LEU D 142 10.78 -9.42 7.50
CA LEU D 142 10.46 -8.47 8.57
C LEU D 142 10.48 -7.06 7.97
N LYS D 143 9.51 -6.25 8.36
CA LYS D 143 9.54 -4.83 8.00
C LYS D 143 10.70 -4.14 8.72
N PRO D 144 11.21 -3.02 8.16
CA PRO D 144 12.26 -2.21 8.79
C PRO D 144 11.99 -1.87 10.26
N VAL D 145 10.71 -1.67 10.60
CA VAL D 145 10.23 -1.57 11.96
C VAL D 145 9.22 -2.72 12.07
N SER D 146 9.60 -3.79 12.76
CA SER D 146 8.72 -4.93 12.95
C SER D 146 7.84 -4.79 14.18
N PHE D 147 8.15 -3.79 15.02
CA PHE D 147 7.42 -3.58 16.28
C PHE D 147 5.92 -3.44 16.04
N LYS D 148 5.13 -4.19 16.80
CA LYS D 148 3.69 -3.94 16.94
C LYS D 148 3.35 -3.88 18.42
N ASP D 149 2.36 -3.07 18.77
CA ASP D 149 1.83 -3.04 20.14
C ASP D 149 1.23 -4.41 20.43
N THR D 150 1.27 -4.85 21.69
CA THR D 150 0.59 -6.09 22.07
C THR D 150 -0.92 -5.92 21.85
N ALA D 151 -1.56 -7.00 21.44
CA ALA D 151 -2.98 -6.98 21.08
C ALA D 151 -3.66 -8.01 21.98
N GLU D 152 -4.27 -7.51 23.06
CA GLU D 152 -4.85 -8.33 24.12
C GLU D 152 -3.84 -9.34 24.73
N GLY D 153 -2.56 -8.94 24.77
CA GLY D 153 -1.48 -9.77 25.29
C GLY D 153 -0.67 -10.50 24.23
N TYR D 154 -1.19 -10.61 23.01
CA TYR D 154 -0.48 -11.30 21.94
C TYR D 154 0.65 -10.44 21.39
N GLY D 155 1.82 -11.05 21.26
CA GLY D 155 2.94 -10.47 20.55
C GLY D 155 2.83 -10.81 19.07
N ARG D 156 2.97 -9.79 18.21
CA ARG D 156 3.01 -9.98 16.75
C ARG D 156 4.17 -9.17 16.17
N ILE D 157 4.62 -9.53 14.97
CA ILE D 157 5.63 -8.75 14.24
C ILE D 157 5.08 -8.30 12.89
N ALA D 158 5.42 -7.06 12.53
CA ALA D 158 5.06 -6.49 11.24
C ALA D 158 6.01 -7.03 10.17
N VAL D 159 5.42 -7.60 9.13
CA VAL D 159 6.18 -8.25 8.04
C VAL D 159 5.60 -7.85 6.69
N ALA D 160 6.34 -8.18 5.64
CA ALA D 160 5.90 -7.93 4.26
C ALA D 160 6.20 -9.14 3.38
N PRO D 161 5.38 -9.36 2.33
CA PRO D 161 5.63 -10.49 1.44
C PRO D 161 6.74 -10.22 0.43
N TYR D 162 7.60 -11.21 0.22
CA TYR D 162 8.55 -11.22 -0.87
C TYR D 162 8.00 -12.22 -1.88
N GLY D 163 7.60 -11.73 -3.05
CA GLY D 163 6.71 -12.45 -3.97
C GLY D 163 5.33 -12.75 -3.39
N GLY D 164 4.62 -13.69 -4.03
CA GLY D 164 3.25 -14.03 -3.66
C GLY D 164 3.09 -14.97 -2.47
N THR D 165 3.56 -14.54 -1.30
CA THR D 165 3.40 -15.27 -0.03
C THR D 165 2.27 -14.62 0.78
N LEU D 166 2.10 -15.02 2.04
CA LEU D 166 1.04 -14.53 2.94
C LEU D 166 -0.35 -14.84 2.41
N ASN D 167 -0.48 -16.03 1.83
CA ASN D 167 -1.75 -16.54 1.32
C ASN D 167 -2.11 -17.73 2.19
N GLU D 168 -3.16 -18.46 1.81
CA GLU D 168 -3.65 -19.58 2.61
C GLU D 168 -2.63 -20.71 2.81
N LEU D 169 -1.67 -20.86 1.90
CA LEU D 169 -0.62 -21.87 2.05
C LEU D 169 0.38 -21.51 3.14
N TRP D 170 0.47 -20.22 3.50
CA TRP D 170 1.34 -19.76 4.59
C TRP D 170 0.66 -19.77 5.97
N LEU D 171 -0.65 -20.01 6.02
CA LEU D 171 -1.36 -20.14 7.30
C LEU D 171 -1.02 -21.46 7.97
N ASP D 172 -0.94 -21.43 9.30
CA ASP D 172 -0.79 -22.64 10.12
C ASP D 172 0.44 -23.49 9.75
N ARG D 173 1.53 -22.79 9.47
CA ARG D 173 2.84 -23.39 9.21
C ARG D 173 3.79 -22.89 10.29
N ASP D 174 4.69 -23.76 10.74
CA ASP D 174 5.66 -23.42 11.78
C ASP D 174 6.75 -22.55 11.17
N LEU D 175 6.81 -21.28 11.55
CA LEU D 175 7.76 -20.34 10.92
C LEU D 175 8.98 -20.01 11.79
N GLY D 176 10.16 -20.31 11.26
CA GLY D 176 11.43 -19.92 11.88
C GLY D 176 11.79 -18.53 11.42
N ILE D 177 12.79 -17.94 12.08
CA ILE D 177 13.32 -16.62 11.73
C ILE D 177 14.82 -16.73 11.50
N GLY D 178 15.32 -15.98 10.51
CA GLY D 178 16.74 -16.02 10.18
C GLY D 178 17.11 -15.01 9.12
N GLY D 179 18.42 -14.82 8.94
CA GLY D 179 18.95 -13.88 7.95
C GLY D 179 20.18 -13.15 8.45
N ARG D 180 20.39 -11.93 7.94
CA ARG D 180 21.60 -11.16 8.18
C ARG D 180 21.38 -10.06 9.24
N LEU D 181 22.22 -10.06 10.27
CA LEU D 181 22.34 -8.95 11.22
C LEU D 181 23.60 -8.15 10.89
N LEU D 182 23.49 -6.82 10.90
CA LEU D 182 24.66 -5.94 10.86
C LEU D 182 24.90 -5.45 12.27
N TYR D 183 26.15 -5.50 12.72
CA TYR D 183 26.52 -5.06 14.07
C TYR D 183 27.87 -4.35 14.09
N LYS D 184 28.11 -3.62 15.17
CA LYS D 184 29.35 -2.88 15.39
C LYS D 184 29.80 -3.13 16.82
N LYS D 185 30.88 -3.90 17.00
CA LYS D 185 31.39 -4.21 18.34
C LYS D 185 31.72 -2.93 19.09
N LYS D 186 31.55 -2.97 20.41
CA LYS D 186 31.74 -1.80 21.27
C LYS D 186 33.21 -1.37 21.23
N GLY D 187 33.44 -0.07 21.07
CA GLY D 187 34.79 0.48 20.95
C GLY D 187 35.46 0.30 19.59
N THR D 188 34.68 0.05 18.54
CA THR D 188 35.18 -0.04 17.17
C THR D 188 34.32 0.80 16.23
N ASN D 189 34.80 0.98 15.00
CA ASN D 189 34.01 1.58 13.91
C ASN D 189 33.91 0.63 12.72
N GLU D 190 33.73 -0.66 13.00
CA GLU D 190 33.64 -1.67 11.96
C GLU D 190 32.25 -2.27 11.98
N ILE D 191 31.52 -2.08 10.87
CA ILE D 191 30.22 -2.70 10.69
C ILE D 191 30.48 -4.09 10.13
N LYS D 192 30.08 -5.11 10.88
CA LYS D 192 30.26 -6.51 10.50
C LYS D 192 28.92 -7.20 10.31
N SER D 193 28.95 -8.33 9.62
CA SER D 193 27.78 -9.10 9.28
C SER D 193 27.78 -10.42 10.06
N ALA D 194 26.61 -10.84 10.53
CA ALA D 194 26.40 -12.16 11.12
C ALA D 194 25.11 -12.77 10.59
N LEU D 195 25.14 -14.08 10.33
CA LEU D 195 23.95 -14.82 9.93
C LEU D 195 23.35 -15.53 11.14
N VAL D 196 22.03 -15.45 11.29
CA VAL D 196 21.31 -16.11 12.39
C VAL D 196 20.20 -17.00 11.85
N ASP D 197 19.77 -17.95 12.67
CA ASP D 197 18.77 -18.95 12.26
C ASP D 197 18.19 -19.60 13.52
N SER D 198 16.87 -19.48 13.70
CA SER D 198 16.18 -20.03 14.87
C SER D 198 15.92 -21.54 14.77
N THR D 199 16.05 -22.13 13.57
CA THR D 199 15.79 -23.56 13.35
C THR D 199 16.51 -24.39 14.42
N PRO D 200 15.81 -25.35 15.07
CA PRO D 200 14.44 -25.85 14.85
C PRO D 200 13.27 -25.04 15.45
N LEU D 201 13.54 -24.00 16.23
CA LEU D 201 12.48 -23.26 16.91
C LEU D 201 11.62 -22.46 15.91
N PRO D 202 10.31 -22.80 15.80
CA PRO D 202 9.43 -21.88 15.10
C PRO D 202 9.01 -20.77 16.05
N VAL D 203 9.51 -19.56 15.79
CA VAL D 203 9.20 -18.39 16.60
C VAL D 203 7.81 -17.80 16.28
N CYS D 204 7.29 -18.10 15.08
CA CYS D 204 6.10 -17.46 14.53
C CYS D 204 5.14 -18.47 13.93
N ARG D 205 3.89 -18.05 13.82
CA ARG D 205 2.87 -18.81 13.14
C ARG D 205 1.75 -17.82 12.78
N ILE D 206 1.26 -17.90 11.55
CA ILE D 206 0.15 -17.07 11.08
C ILE D 206 -1.13 -17.91 11.23
N PRO D 207 -1.98 -17.58 12.23
CA PRO D 207 -3.12 -18.45 12.56
C PRO D 207 -4.36 -18.27 11.69
N SER D 208 -4.84 -19.34 11.06
CA SER D 208 -6.14 -19.29 10.37
C SER D 208 -7.23 -19.05 11.41
N LEU D 209 -8.32 -18.41 10.98
CA LEU D 209 -9.51 -18.27 11.82
C LEU D 209 -10.35 -19.55 11.65
N ALA D 210 -10.89 -20.04 12.76
CA ALA D 210 -11.66 -21.28 12.74
C ALA D 210 -12.93 -21.09 11.88
N PRO D 211 -13.31 -22.11 11.08
CA PRO D 211 -14.47 -22.00 10.17
C PRO D 211 -15.82 -21.78 10.88
N HIS D 212 -15.85 -22.05 12.18
CA HIS D 212 -17.01 -21.89 13.05
C HIS D 212 -17.60 -20.47 12.98
N PHE D 213 -16.72 -19.47 12.83
CA PHE D 213 -17.11 -18.07 12.73
C PHE D 213 -17.78 -17.65 11.40
N GLY D 214 -17.74 -18.53 10.39
CA GLY D 214 -18.48 -18.32 9.15
C GLY D 214 -17.71 -17.50 8.13
N LYS D 215 -18.37 -16.51 7.52
CA LYS D 215 -17.82 -15.73 6.41
C LYS D 215 -16.45 -15.08 6.67
N PRO D 216 -16.23 -14.53 7.90
CA PRO D 216 -14.91 -13.98 8.20
C PRO D 216 -13.74 -14.97 8.03
N ALA D 217 -14.01 -16.26 8.17
CA ALA D 217 -12.97 -17.29 8.02
C ALA D 217 -12.73 -17.75 6.58
N GLU D 218 -13.43 -17.16 5.61
CA GLU D 218 -13.27 -17.52 4.20
C GLU D 218 -12.27 -16.59 3.54
N GLY D 219 -11.26 -17.17 2.91
CA GLY D 219 -10.24 -16.39 2.21
C GLY D 219 -10.76 -15.78 0.92
N PRO D 220 -9.93 -14.95 0.25
CA PRO D 220 -8.56 -14.60 0.60
C PRO D 220 -8.49 -13.58 1.73
N PHE D 221 -7.31 -13.46 2.32
CA PHE D 221 -7.11 -12.64 3.50
C PHE D 221 -6.21 -11.46 3.19
N ASP D 222 -6.46 -10.35 3.89
CA ASP D 222 -5.69 -9.14 3.72
C ASP D 222 -4.27 -9.38 4.21
N LYS D 223 -3.28 -9.10 3.35
CA LYS D 223 -1.87 -9.36 3.65
C LYS D 223 -1.27 -8.39 4.70
N GLU D 224 -1.91 -7.25 4.94
CA GLU D 224 -1.46 -6.28 5.95
C GLU D 224 -2.13 -6.47 7.33
N ASP D 225 -3.44 -6.75 7.33
CA ASP D 225 -4.25 -6.78 8.57
C ASP D 225 -4.62 -8.17 9.09
N GLN D 226 -4.61 -9.18 8.23
CA GLN D 226 -5.10 -10.51 8.62
C GLN D 226 -4.04 -11.60 8.68
N THR D 227 -3.06 -11.58 7.78
CA THR D 227 -2.00 -12.59 7.78
C THR D 227 -0.75 -12.06 8.49
N ILE D 228 -0.88 -11.78 9.79
CA ILE D 228 0.19 -11.22 10.62
C ILE D 228 0.77 -12.31 11.52
N PRO D 229 2.11 -12.51 11.51
CA PRO D 229 2.67 -13.55 12.38
C PRO D 229 2.54 -13.25 13.87
N VAL D 230 2.09 -14.26 14.62
CA VAL D 230 2.00 -14.21 16.07
C VAL D 230 3.28 -14.83 16.62
N ILE D 231 4.04 -14.05 17.38
CA ILE D 231 5.35 -14.44 17.89
C ILE D 231 5.34 -14.91 19.37
N GLY D 232 4.39 -14.43 20.17
CA GLY D 232 4.31 -14.81 21.58
C GLY D 232 3.07 -14.36 22.33
N PHE D 233 3.00 -14.76 23.59
CA PHE D 233 2.06 -14.23 24.56
C PHE D 233 2.81 -14.06 25.90
N PRO D 234 3.58 -12.98 26.04
CA PRO D 234 4.40 -12.81 27.25
C PRO D 234 3.59 -12.68 28.55
N THR D 235 4.17 -13.11 29.66
CA THR D 235 3.60 -12.90 31.00
C THR D 235 4.46 -11.89 31.74
N PRO D 236 3.90 -11.25 32.80
CA PRO D 236 4.65 -10.26 33.58
C PRO D 236 6.07 -10.65 34.00
N ASP D 237 6.22 -11.89 34.49
CA ASP D 237 7.52 -12.40 34.95
C ASP D 237 8.05 -13.45 33.98
N ASN D 241 11.93 -11.04 29.43
CA ASN D 241 10.86 -10.06 29.50
C ASN D 241 11.09 -8.94 30.53
N GLU D 242 12.35 -8.77 30.97
CA GLU D 242 12.72 -7.67 31.87
C GLU D 242 12.66 -6.34 31.10
N PRO D 243 12.62 -5.20 31.81
CA PRO D 243 12.59 -3.92 31.09
C PRO D 243 13.94 -3.63 30.40
N PRO D 244 13.94 -2.75 29.37
CA PRO D 244 15.21 -2.48 28.69
C PRO D 244 16.26 -1.82 29.59
N THR D 245 17.50 -2.30 29.52
CA THR D 245 18.62 -1.68 30.24
C THR D 245 19.10 -0.45 29.47
N ASP D 246 19.92 0.37 30.12
CA ASP D 246 20.46 1.58 29.50
C ASP D 246 21.33 1.29 28.28
N ASP D 247 22.12 0.23 28.35
CA ASP D 247 22.96 -0.18 27.23
C ASP D 247 22.12 -0.61 26.03
N GLU D 248 21.10 -1.44 26.28
CA GLU D 248 20.17 -1.88 25.22
C GLU D 248 19.54 -0.69 24.47
N LYS D 249 19.17 0.35 25.20
CA LYS D 249 18.60 1.59 24.63
C LYS D 249 19.56 2.36 23.70
N LYS D 250 20.86 2.10 23.80
CA LYS D 250 21.84 2.70 22.90
C LYS D 250 21.83 2.09 21.49
N SER D 251 21.21 0.92 21.31
CA SER D 251 21.10 0.32 19.98
C SER D 251 20.34 1.25 19.03
N PRO D 252 20.86 1.46 17.80
CA PRO D 252 20.06 2.08 16.74
C PRO D 252 18.72 1.38 16.47
N LEU D 253 18.66 0.06 16.70
CA LEU D 253 17.44 -0.71 16.52
C LEU D 253 16.46 -0.70 17.70
N PHE D 254 16.84 -0.09 18.84
CA PHE D 254 15.89 0.08 19.94
C PHE D 254 14.73 0.95 19.48
N GLY D 255 13.51 0.51 19.77
CA GLY D 255 12.28 1.15 19.28
C GLY D 255 11.79 0.65 17.94
N LYS D 256 12.66 0.01 17.15
CA LYS D 256 12.28 -0.51 15.82
C LYS D 256 11.82 -1.97 15.85
N HIS D 257 12.29 -2.72 16.85
CA HIS D 257 11.87 -4.09 17.08
C HIS D 257 11.71 -4.26 18.57
N CYS D 258 10.78 -5.11 19.00
CA CYS D 258 10.57 -5.33 20.43
C CYS D 258 11.83 -5.92 21.08
N ILE D 259 12.03 -5.58 22.34
CA ILE D 259 13.27 -5.93 23.05
C ILE D 259 13.52 -7.45 23.13
N HIS D 260 12.47 -8.25 23.25
CA HIS D 260 12.62 -9.72 23.28
C HIS D 260 13.18 -10.27 21.95
N LEU D 261 12.70 -9.74 20.83
CA LEU D 261 13.25 -10.10 19.53
C LEU D 261 14.72 -9.70 19.39
N LEU D 262 15.05 -8.46 19.76
CA LEU D 262 16.44 -7.98 19.72
C LEU D 262 17.39 -8.82 20.57
N ARG D 263 16.95 -9.13 21.79
CA ARG D 263 17.69 -10.02 22.69
C ARG D 263 17.88 -11.41 22.11
N TYR D 264 16.86 -11.94 21.44
CA TYR D 264 16.93 -13.27 20.83
C TYR D 264 17.97 -13.32 19.70
N VAL D 265 17.88 -12.39 18.74
CA VAL D 265 18.82 -12.36 17.60
C VAL D 265 20.26 -12.01 18.03
N ALA D 266 20.39 -11.15 19.04
CA ALA D 266 21.71 -10.87 19.65
C ALA D 266 22.34 -12.12 20.24
N LYS D 267 21.56 -12.88 21.01
CA LYS D 267 22.01 -14.16 21.57
C LYS D 267 22.42 -15.19 20.51
N LEU D 268 21.70 -15.23 19.39
CA LEU D 268 22.04 -16.15 18.28
C LEU D 268 23.36 -15.78 17.59
N ALA D 269 23.58 -14.49 17.37
CA ALA D 269 24.80 -14.00 16.72
C ALA D 269 26.00 -13.91 17.67
N GLY D 270 25.74 -13.92 18.98
CA GLY D 270 26.78 -13.79 20.00
C GLY D 270 27.27 -12.38 20.16
N VAL D 271 26.36 -11.41 20.09
CA VAL D 271 26.70 -9.98 20.25
C VAL D 271 25.75 -9.35 21.28
N GLU D 272 26.00 -8.09 21.63
CA GLU D 272 25.12 -7.34 22.54
C GLU D 272 24.03 -6.62 21.75
N VAL D 273 22.91 -6.35 22.41
CA VAL D 273 21.80 -5.62 21.79
C VAL D 273 22.27 -4.24 21.31
N SER D 274 22.98 -3.52 22.19
CA SER D 274 23.58 -2.21 21.88
C SER D 274 24.44 -2.17 20.60
N GLU D 275 25.03 -3.30 20.25
CA GLU D 275 25.88 -3.41 19.06
C GLU D 275 25.10 -3.66 17.75
N LEU D 276 23.80 -3.95 17.84
CA LEU D 276 22.97 -4.17 16.64
C LEU D 276 22.73 -2.85 15.86
N ILE D 277 23.09 -2.85 14.57
CA ILE D 277 22.94 -1.66 13.69
C ILE D 277 21.70 -1.79 12.79
N GLN D 278 21.57 -2.93 12.11
CA GLN D 278 20.42 -3.20 11.23
C GLN D 278 20.22 -4.70 11.04
N MET D 279 19.11 -5.07 10.40
CA MET D 279 18.88 -6.47 10.05
C MET D 279 17.90 -6.67 8.87
N ASP D 280 18.10 -7.78 8.18
CA ASP D 280 17.30 -8.21 7.04
C ASP D 280 16.95 -9.66 7.33
N LEU D 281 15.76 -9.88 7.89
CA LEU D 281 15.37 -11.19 8.38
C LEU D 281 14.14 -11.74 7.65
N ASP D 282 14.17 -13.05 7.39
CA ASP D 282 13.09 -13.79 6.76
C ASP D 282 12.31 -14.56 7.81
N LEU D 283 11.03 -14.80 7.50
CA LEU D 283 10.27 -15.89 8.12
C LEU D 283 10.13 -17.00 7.09
N PHE D 284 10.32 -18.25 7.52
CA PHE D 284 10.33 -19.40 6.62
C PHE D 284 9.81 -20.66 7.31
N ASP D 285 9.34 -21.62 6.51
CA ASP D 285 8.88 -22.90 7.03
C ASP D 285 10.07 -23.67 7.60
N VAL D 286 9.98 -24.08 8.87
CA VAL D 286 11.04 -24.91 9.48
C VAL D 286 10.79 -26.41 9.37
N GLN D 287 9.76 -26.84 8.62
CA GLN D 287 9.53 -28.27 8.42
C GLN D 287 10.62 -28.82 7.50
N LYS D 288 11.41 -29.74 8.04
CA LYS D 288 12.48 -30.38 7.27
C LYS D 288 11.86 -31.15 6.11
N GLY D 289 12.50 -31.09 4.96
CA GLY D 289 12.06 -31.86 3.80
C GLY D 289 12.08 -33.36 4.04
N THR D 290 11.42 -34.12 3.18
CA THR D 290 11.44 -35.57 3.28
C THR D 290 11.21 -36.28 1.96
N ILE D 291 11.67 -37.52 1.91
CA ILE D 291 11.35 -38.41 0.80
C ILE D 291 9.95 -38.92 1.11
N GLY D 292 9.11 -39.01 0.09
CA GLY D 292 7.72 -39.41 0.29
C GLY D 292 7.13 -40.15 -0.88
N GLY D 293 5.84 -40.46 -0.76
CA GLY D 293 5.16 -41.37 -1.68
C GLY D 293 5.28 -42.80 -1.19
N ILE D 294 4.28 -43.62 -1.51
CA ILE D 294 4.26 -45.02 -1.06
C ILE D 294 5.45 -45.84 -1.58
N GLY D 295 6.00 -45.46 -2.73
CA GLY D 295 7.22 -46.07 -3.29
C GLY D 295 8.45 -45.17 -3.17
N LYS D 296 8.40 -44.16 -2.31
CA LYS D 296 9.47 -43.17 -2.16
C LYS D 296 9.90 -42.51 -3.48
N HIS D 297 8.92 -42.20 -4.34
CA HIS D 297 9.18 -41.58 -5.64
C HIS D 297 9.27 -40.05 -5.57
N PHE D 298 8.90 -39.46 -4.43
CA PHE D 298 8.83 -38.00 -4.30
C PHE D 298 9.78 -37.44 -3.26
N LEU D 299 10.06 -36.15 -3.40
CA LEU D 299 10.77 -35.37 -2.42
C LEU D 299 9.93 -34.14 -2.11
N PHE D 300 9.55 -33.97 -0.84
CA PHE D 300 8.78 -32.82 -0.39
C PHE D 300 9.70 -31.88 0.35
N ALA D 301 9.71 -30.61 -0.02
CA ALA D 301 10.59 -29.62 0.65
C ALA D 301 10.20 -28.20 0.32
N PRO D 302 10.56 -27.24 1.19
CA PRO D 302 10.26 -25.85 0.92
C PRO D 302 11.29 -25.23 -0.02
N ARG D 303 10.88 -24.16 -0.71
CA ARG D 303 11.80 -23.24 -1.40
C ARG D 303 12.54 -23.89 -2.59
N LEU D 304 11.85 -24.76 -3.32
CA LEU D 304 12.48 -25.49 -4.45
C LEU D 304 12.78 -24.54 -5.61
N ASP D 305 11.91 -23.56 -5.81
CA ASP D 305 12.08 -22.53 -6.82
C ASP D 305 13.01 -21.41 -6.27
N ASP D 306 14.28 -21.30 -6.66
CA ASP D 306 15.00 -22.14 -7.65
C ASP D 306 16.28 -22.73 -7.02
N ARG D 307 16.23 -23.01 -5.72
CA ARG D 307 17.34 -23.65 -5.05
C ARG D 307 17.57 -25.10 -5.50
N LEU D 308 16.51 -25.73 -6.03
CA LEU D 308 16.64 -27.05 -6.66
C LEU D 308 17.65 -27.06 -7.83
N CYS D 309 17.45 -26.17 -8.82
CA CYS D 309 18.36 -26.09 -9.97
C CYS D 309 19.72 -25.49 -9.59
N SER D 310 19.73 -24.55 -8.65
CA SER D 310 20.99 -23.96 -8.19
C SER D 310 21.89 -25.01 -7.55
N PHE D 311 21.34 -25.79 -6.63
CA PHE D 311 22.05 -26.88 -5.96
C PHE D 311 22.59 -27.89 -6.99
N ALA D 312 21.70 -28.37 -7.86
CA ALA D 312 22.05 -29.35 -8.89
C ALA D 312 23.13 -28.84 -9.86
N ALA D 313 23.03 -27.57 -10.25
CA ALA D 313 24.03 -26.95 -11.11
C ALA D 313 25.38 -26.80 -10.40
N MET D 314 25.36 -26.32 -9.16
CA MET D 314 26.59 -26.10 -8.38
C MET D 314 27.34 -27.40 -8.07
N ILE D 315 26.61 -28.45 -7.70
CA ILE D 315 27.22 -29.76 -7.46
C ILE D 315 27.79 -30.32 -8.77
N ALA D 316 27.07 -30.15 -9.88
CA ALA D 316 27.61 -30.52 -11.19
C ALA D 316 28.93 -29.80 -11.49
N LEU D 317 29.01 -28.51 -11.16
CA LEU D 317 30.24 -27.74 -11.36
C LEU D 317 31.40 -28.31 -10.55
N ILE D 318 31.16 -28.58 -9.27
CA ILE D 318 32.20 -29.10 -8.37
C ILE D 318 32.62 -30.52 -8.79
N CYS D 319 31.64 -31.37 -9.11
CA CYS D 319 31.91 -32.73 -9.62
C CYS D 319 32.77 -32.69 -10.88
N TYR D 320 32.35 -31.84 -11.82
CA TYR D 320 33.10 -31.56 -13.04
C TYR D 320 34.50 -31.03 -12.77
N ALA D 321 34.60 -30.03 -11.87
CA ALA D 321 35.86 -29.38 -11.52
C ALA D 321 36.92 -30.30 -10.90
N LYS D 322 36.48 -31.40 -10.28
CA LYS D 322 37.38 -32.39 -9.70
C LYS D 322 38.38 -32.98 -10.71
N ASP D 323 37.93 -33.15 -11.97
CA ASP D 323 38.75 -33.75 -13.03
C ASP D 323 39.29 -32.75 -14.06
N VAL D 324 39.10 -31.45 -13.82
CA VAL D 324 39.63 -30.40 -14.68
C VAL D 324 40.97 -29.94 -14.12
N ASN D 325 42.01 -30.02 -14.95
CA ASN D 325 43.26 -29.32 -14.70
C ASN D 325 43.27 -28.08 -15.58
N THR D 326 43.17 -26.90 -14.95
CA THR D 326 43.11 -25.62 -15.67
C THR D 326 44.37 -25.29 -16.50
N GLU D 327 45.50 -25.89 -16.12
CA GLU D 327 46.73 -25.82 -16.94
C GLU D 327 46.54 -26.47 -18.32
N GLU D 328 45.64 -27.45 -18.39
CA GLU D 328 45.37 -28.25 -19.59
C GLU D 328 44.08 -27.85 -20.35
N SER D 329 43.13 -27.22 -19.67
CA SER D 329 41.82 -26.94 -20.26
C SER D 329 41.83 -25.72 -21.19
N ASP D 330 40.97 -25.77 -22.22
CA ASP D 330 40.75 -24.64 -23.11
C ASP D 330 39.32 -24.05 -22.98
N LEU D 331 38.67 -24.32 -21.84
CA LEU D 331 37.28 -23.95 -21.64
C LEU D 331 37.13 -22.88 -20.55
N PHE D 332 36.02 -22.15 -20.61
CA PHE D 332 35.60 -21.18 -19.58
C PHE D 332 34.19 -21.62 -19.19
N SER D 333 34.03 -22.08 -17.94
CA SER D 333 32.74 -22.59 -17.43
C SER D 333 32.29 -21.80 -16.20
N THR D 334 30.98 -21.59 -16.04
CA THR D 334 30.46 -20.88 -14.87
C THR D 334 29.04 -21.27 -14.47
N VAL D 335 28.83 -21.32 -13.15
CA VAL D 335 27.49 -21.30 -12.57
C VAL D 335 27.37 -19.94 -11.90
N THR D 336 26.40 -19.14 -12.35
CA THR D 336 26.12 -17.85 -11.75
C THR D 336 24.73 -17.89 -11.11
N LEU D 337 24.66 -17.48 -9.84
CA LEU D 337 23.46 -17.58 -9.02
C LEU D 337 22.97 -16.17 -8.67
N TYR D 338 21.71 -15.88 -9.03
CA TYR D 338 21.15 -14.54 -8.89
C TYR D 338 20.12 -14.40 -7.77
N ASP D 339 20.00 -13.18 -7.28
CA ASP D 339 18.99 -12.78 -6.32
C ASP D 339 17.86 -12.12 -7.12
N ASN D 340 16.73 -11.87 -6.46
CA ASN D 340 15.67 -11.01 -6.97
C ASN D 340 15.01 -11.42 -8.30
N GLU D 341 15.13 -12.69 -8.69
CA GLU D 341 14.45 -13.20 -9.88
C GLU D 341 12.93 -13.21 -9.68
N GLU D 342 12.49 -13.49 -8.45
CA GLU D 342 11.05 -13.56 -8.16
C GLU D 342 10.37 -12.19 -8.20
N ILE D 343 11.14 -11.10 -8.19
CA ILE D 343 10.59 -9.75 -8.29
C ILE D 343 10.99 -8.99 -9.56
N GLY D 344 11.51 -9.71 -10.57
CA GLY D 344 11.75 -9.17 -11.92
C GLY D 344 13.19 -8.98 -12.34
N SER D 345 14.15 -9.31 -11.46
CA SER D 345 15.58 -9.28 -11.73
C SER D 345 16.26 -7.91 -11.92
N LEU D 346 15.51 -6.80 -11.79
CA LEU D 346 16.08 -5.47 -12.02
C LEU D 346 16.63 -4.88 -10.70
N THR D 347 17.70 -5.50 -10.22
CA THR D 347 18.50 -4.97 -9.12
C THR D 347 19.95 -5.28 -9.46
N ARG D 348 20.90 -4.70 -8.71
CA ARG D 348 22.31 -4.98 -8.95
C ARG D 348 22.68 -6.44 -8.69
N GLN D 349 21.92 -7.12 -7.81
CA GLN D 349 22.20 -8.53 -7.47
C GLN D 349 21.33 -9.53 -8.25
N GLY D 350 20.48 -9.02 -9.15
CA GLY D 350 19.69 -9.85 -10.05
C GLY D 350 20.34 -9.99 -11.41
N ALA D 351 19.75 -10.83 -12.25
CA ALA D 351 20.24 -11.11 -13.61
C ALA D 351 20.54 -9.85 -14.41
N LYS D 352 19.68 -8.83 -14.28
CA LYS D 352 19.85 -7.59 -15.02
C LYS D 352 21.01 -6.72 -14.50
N GLY D 353 21.55 -7.04 -13.32
CA GLY D 353 22.74 -6.39 -12.77
C GLY D 353 24.07 -6.84 -13.37
N GLY D 354 24.05 -7.88 -14.19
CA GLY D 354 25.18 -8.19 -15.05
C GLY D 354 26.41 -8.81 -14.42
N LEU D 355 26.26 -9.57 -13.34
CA LEU D 355 27.42 -10.21 -12.69
C LEU D 355 28.15 -11.18 -13.63
N LEU D 356 27.38 -11.93 -14.43
CA LEU D 356 27.97 -12.84 -15.43
C LEU D 356 28.87 -12.07 -16.40
N GLU D 357 28.30 -11.06 -17.04
CA GLU D 357 29.00 -10.23 -18.03
C GLU D 357 30.26 -9.63 -17.42
N SER D 358 30.12 -9.11 -16.19
CA SER D 358 31.23 -8.56 -15.43
C SER D 358 32.33 -9.61 -15.18
N VAL D 359 31.94 -10.80 -14.75
CA VAL D 359 32.89 -11.89 -14.47
C VAL D 359 33.73 -12.24 -15.70
N VAL D 360 33.06 -12.42 -16.83
CA VAL D 360 33.72 -12.78 -18.09
C VAL D 360 34.63 -11.65 -18.60
N GLU D 361 34.18 -10.40 -18.49
CA GLU D 361 34.97 -9.23 -18.91
C GLU D 361 36.23 -9.05 -18.03
N ARG D 362 36.05 -9.07 -16.71
CA ARG D 362 37.17 -8.91 -15.76
C ARG D 362 38.16 -10.07 -15.87
N SER D 363 37.66 -11.30 -15.90
CA SER D 363 38.49 -12.50 -16.06
C SER D 363 39.33 -12.46 -17.32
N SER D 364 38.66 -12.25 -18.46
CA SER D 364 39.33 -12.24 -19.75
C SER D 364 40.37 -11.10 -19.90
N SER D 365 40.10 -9.95 -19.29
CA SER D 365 41.07 -8.82 -19.25
C SER D 365 42.32 -9.18 -18.45
N ALA D 366 42.12 -9.72 -17.24
CA ALA D 366 43.23 -10.14 -16.38
C ALA D 366 44.01 -11.33 -16.95
N PHE D 367 43.33 -12.18 -17.71
CA PHE D 367 43.87 -13.42 -18.25
C PHE D 367 44.89 -13.21 -19.38
N THR D 368 44.53 -12.35 -20.34
CA THR D 368 45.29 -12.20 -21.58
C THR D 368 46.24 -11.00 -21.59
N LYS D 369 45.77 -9.82 -21.14
CA LYS D 369 46.50 -8.55 -21.34
C LYS D 369 46.84 -8.23 -22.82
N LYS D 370 46.09 -8.84 -23.74
CA LYS D 370 45.99 -8.43 -25.13
C LYS D 370 44.46 -8.39 -25.32
N PRO D 371 43.91 -7.27 -25.83
CA PRO D 371 42.45 -7.03 -25.73
C PRO D 371 41.57 -8.19 -26.21
N VAL D 372 40.49 -8.46 -25.47
CA VAL D 372 39.60 -9.58 -25.77
C VAL D 372 38.32 -9.08 -26.44
N ASP D 373 37.95 -9.70 -27.54
CA ASP D 373 36.72 -9.38 -28.27
C ASP D 373 35.58 -10.13 -27.57
N LEU D 374 34.88 -9.41 -26.69
CA LEU D 374 33.79 -9.99 -25.91
C LEU D 374 32.59 -10.40 -26.77
N HIS D 375 32.40 -9.73 -27.90
CA HIS D 375 31.32 -10.08 -28.83
C HIS D 375 31.57 -11.44 -29.49
N THR D 376 32.83 -11.72 -29.80
CA THR D 376 33.23 -13.05 -30.28
C THR D 376 33.05 -14.09 -29.19
N VAL D 377 33.45 -13.76 -27.96
CA VAL D 377 33.25 -14.65 -26.81
C VAL D 377 31.79 -15.10 -26.73
N TRP D 378 30.89 -14.14 -26.60
CA TRP D 378 29.46 -14.42 -26.39
C TRP D 378 28.78 -15.05 -27.61
N ALA D 379 29.24 -14.70 -28.83
CA ALA D 379 28.71 -15.33 -30.04
C ALA D 379 28.99 -16.84 -30.09
N ASN D 380 30.07 -17.27 -29.44
CA ASN D 380 30.41 -18.70 -29.31
C ASN D 380 29.98 -19.39 -28.00
N SER D 381 29.09 -18.75 -27.23
CA SER D 381 28.72 -19.22 -25.90
C SER D 381 27.37 -19.91 -25.89
N ILE D 382 27.15 -20.74 -24.87
CA ILE D 382 25.84 -21.31 -24.57
C ILE D 382 25.53 -20.99 -23.11
N ILE D 383 24.35 -20.40 -22.89
CA ILE D 383 23.82 -20.18 -21.54
C ILE D 383 22.61 -21.08 -21.33
N LEU D 384 22.67 -21.91 -20.29
CA LEU D 384 21.50 -22.60 -19.78
C LEU D 384 20.89 -21.73 -18.67
N SER D 385 19.73 -21.16 -18.94
CA SER D 385 18.93 -20.54 -17.89
C SER D 385 18.20 -21.67 -17.18
N ALA D 386 18.75 -22.10 -16.05
CA ALA D 386 18.24 -23.25 -15.32
C ALA D 386 17.30 -22.79 -14.23
N ASP D 387 16.00 -22.88 -14.51
CA ASP D 387 14.97 -22.56 -13.54
C ASP D 387 13.88 -23.61 -13.56
N VAL D 388 13.42 -24.00 -12.38
CA VAL D 388 12.38 -25.00 -12.22
C VAL D 388 11.15 -24.67 -13.08
N ASN D 389 10.58 -25.70 -13.69
CA ASN D 389 9.34 -25.58 -14.45
C ASN D 389 8.30 -26.55 -13.84
N HIS D 390 7.16 -26.72 -14.49
CA HIS D 390 5.99 -27.34 -13.85
C HIS D 390 5.80 -28.80 -14.24
N LEU D 391 5.91 -29.70 -13.25
CA LEU D 391 5.46 -31.08 -13.40
C LEU D 391 3.95 -31.11 -13.67
N TYR D 392 3.55 -32.05 -14.50
CA TYR D 392 2.15 -32.38 -14.68
C TYR D 392 1.50 -32.63 -13.33
N ASN D 393 0.40 -31.93 -13.06
CA ASN D 393 -0.40 -32.14 -11.87
C ASN D 393 -1.64 -32.86 -12.37
N PRO D 394 -1.82 -34.14 -12.00
CA PRO D 394 -2.95 -34.93 -12.52
C PRO D 394 -4.32 -34.45 -12.06
N ASN D 395 -4.38 -33.61 -11.03
CA ASN D 395 -5.65 -33.03 -10.61
C ASN D 395 -6.10 -31.81 -11.41
N PHE D 396 -5.20 -31.26 -12.23
CA PHE D 396 -5.51 -30.09 -13.06
C PHE D 396 -5.08 -30.35 -14.52
N PRO D 397 -5.61 -31.42 -15.16
CA PRO D 397 -5.21 -31.75 -16.54
C PRO D 397 -5.46 -30.62 -17.55
N GLU D 398 -6.51 -29.84 -17.29
CA GLU D 398 -6.95 -28.76 -18.18
C GLU D 398 -5.98 -27.57 -18.37
N VAL D 399 -4.94 -27.44 -17.53
CA VAL D 399 -3.94 -26.37 -17.72
C VAL D 399 -2.62 -26.85 -18.33
N TYR D 400 -2.48 -28.16 -18.58
CA TYR D 400 -1.26 -28.70 -19.17
C TYR D 400 -1.47 -29.06 -20.64
N LEU D 401 -0.46 -28.75 -21.45
CA LEU D 401 -0.51 -28.95 -22.88
C LEU D 401 -0.08 -30.37 -23.20
N LYS D 402 -0.97 -31.12 -23.86
CA LYS D 402 -0.68 -32.49 -24.29
C LYS D 402 0.63 -32.55 -25.08
N ASN D 403 1.45 -33.55 -24.76
CA ASN D 403 2.79 -33.75 -25.32
C ASN D 403 3.82 -32.66 -24.95
N HIS D 404 3.49 -31.79 -24.00
CA HIS D 404 4.37 -30.72 -23.59
C HIS D 404 4.32 -30.53 -22.07
N PHE D 405 4.31 -31.64 -21.34
CA PHE D 405 4.48 -31.61 -19.90
C PHE D 405 5.49 -32.66 -19.47
N PRO D 406 6.23 -32.40 -18.38
CA PRO D 406 7.14 -33.37 -17.81
C PRO D 406 6.50 -34.19 -16.69
N VAL D 407 7.12 -35.32 -16.38
CA VAL D 407 6.73 -36.19 -15.26
C VAL D 407 7.94 -36.46 -14.36
N PRO D 408 7.72 -37.00 -13.14
CA PRO D 408 8.85 -37.14 -12.21
C PRO D 408 9.84 -38.24 -12.59
N ASN D 409 11.09 -38.06 -12.16
CA ASN D 409 12.14 -39.08 -12.23
C ASN D 409 12.55 -39.56 -13.63
N VAL D 410 12.48 -38.64 -14.60
CA VAL D 410 12.83 -38.94 -16.00
C VAL D 410 14.07 -38.14 -16.40
N GLY D 411 14.01 -36.82 -16.25
CA GLY D 411 15.17 -35.98 -16.52
C GLY D 411 14.86 -34.52 -16.66
N ILE D 412 15.83 -33.77 -17.16
CA ILE D 412 15.72 -32.32 -17.31
C ILE D 412 14.58 -31.94 -18.28
N THR D 413 13.92 -30.83 -18.01
CA THR D 413 12.80 -30.37 -18.83
C THR D 413 13.13 -29.05 -19.50
N LEU D 414 13.01 -29.04 -20.83
CA LEU D 414 13.19 -27.85 -21.65
C LEU D 414 11.93 -26.99 -21.50
N SER D 415 12.11 -25.70 -21.27
CA SER D 415 11.00 -24.73 -21.24
C SER D 415 10.95 -24.05 -22.59
N LEU D 416 9.82 -24.21 -23.29
CA LEU D 416 9.66 -23.70 -24.65
C LEU D 416 8.50 -22.71 -24.67
N ASP D 417 8.68 -21.62 -25.41
CA ASP D 417 7.64 -20.60 -25.54
C ASP D 417 7.90 -19.73 -26.77
N PRO D 418 6.92 -19.64 -27.69
CA PRO D 418 7.12 -18.83 -28.88
C PRO D 418 6.83 -17.32 -28.73
N ASN D 419 6.46 -16.85 -27.54
CA ASN D 419 6.18 -15.43 -27.32
C ASN D 419 7.17 -14.74 -26.34
N GLY D 420 8.39 -15.25 -26.26
CA GLY D 420 9.49 -14.57 -25.56
C GLY D 420 9.56 -14.69 -24.03
N HIS D 421 8.69 -15.51 -23.44
CA HIS D 421 8.77 -15.76 -22.00
C HIS D 421 10.00 -16.59 -21.64
N MET D 422 10.44 -17.44 -22.58
CA MET D 422 11.69 -18.20 -22.48
C MET D 422 12.57 -17.82 -23.67
N ALA D 423 13.88 -18.03 -23.52
CA ALA D 423 14.88 -17.71 -24.55
C ALA D 423 15.13 -18.85 -25.54
N THR D 424 14.64 -20.05 -25.20
CA THR D 424 14.87 -21.28 -25.98
C THR D 424 14.49 -21.13 -27.46
N ASP D 425 15.39 -21.54 -28.36
CA ASP D 425 15.14 -21.55 -29.80
C ASP D 425 15.37 -22.96 -30.39
N VAL D 426 15.10 -23.14 -31.68
CA VAL D 426 15.21 -24.45 -32.33
C VAL D 426 16.61 -25.08 -32.25
N VAL D 427 17.65 -24.26 -32.37
CA VAL D 427 19.03 -24.72 -32.27
C VAL D 427 19.35 -25.15 -30.83
N GLY D 428 18.96 -24.33 -29.86
CA GLY D 428 19.11 -24.69 -28.44
C GLY D 428 18.44 -26.00 -28.08
N THR D 429 17.20 -26.18 -28.54
CA THR D 429 16.46 -27.42 -28.36
C THR D 429 17.26 -28.61 -28.92
N ALA D 430 17.76 -28.48 -30.15
CA ALA D 430 18.56 -29.54 -30.80
C ALA D 430 19.88 -29.81 -30.09
N LEU D 431 20.52 -28.76 -29.56
CA LEU D 431 21.77 -28.89 -28.79
C LEU D 431 21.56 -29.77 -27.55
N VAL D 432 20.56 -29.41 -26.75
CA VAL D 432 20.24 -30.15 -25.52
C VAL D 432 19.85 -31.61 -25.82
N GLU D 433 19.06 -31.82 -26.88
CA GLU D 433 18.67 -33.17 -27.27
C GLU D 433 19.89 -33.99 -27.74
N GLU D 434 20.76 -33.38 -28.54
CA GLU D 434 22.03 -33.99 -28.97
C GLU D 434 22.91 -34.37 -27.78
N LEU D 435 23.11 -33.38 -26.91
CA LEU D 435 23.87 -33.52 -25.68
C LEU D 435 23.35 -34.66 -24.80
N ALA D 436 22.02 -34.72 -24.64
CA ALA D 436 21.37 -35.78 -23.86
C ALA D 436 21.57 -37.18 -24.45
N ARG D 437 21.38 -37.30 -25.77
CA ARG D 437 21.62 -38.55 -26.49
C ARG D 437 23.06 -39.06 -26.32
N ARG D 438 24.02 -38.15 -26.33
CA ARG D 438 25.44 -38.50 -26.14
C ARG D 438 25.78 -38.90 -24.71
N ASN D 439 25.20 -38.20 -23.75
CA ASN D 439 25.45 -38.44 -22.31
C ASN D 439 24.51 -39.50 -21.71
N GLY D 440 23.48 -39.93 -22.45
CA GLY D 440 22.51 -40.89 -21.94
C GLY D 440 21.47 -40.29 -20.99
N ASP D 441 21.17 -39.00 -21.17
CA ASP D 441 20.13 -38.32 -20.39
C ASP D 441 18.83 -38.32 -21.18
N LYS D 442 17.72 -38.17 -20.48
CA LYS D 442 16.41 -38.02 -21.10
C LYS D 442 16.01 -36.55 -21.03
N VAL D 443 15.29 -36.07 -22.04
CA VAL D 443 14.83 -34.68 -22.08
C VAL D 443 13.31 -34.63 -22.21
N GLN D 444 12.69 -33.72 -21.46
CA GLN D 444 11.24 -33.53 -21.51
C GLN D 444 10.94 -32.12 -21.98
N TYR D 445 9.67 -31.86 -22.29
CA TYR D 445 9.23 -30.54 -22.75
C TYR D 445 8.22 -29.92 -21.80
N PHE D 446 8.32 -28.61 -21.64
CA PHE D 446 7.22 -27.82 -21.09
C PHE D 446 6.90 -26.63 -21.99
N GLN D 447 5.62 -26.50 -22.35
CA GLN D 447 5.09 -25.31 -23.02
C GLN D 447 3.64 -25.13 -22.60
N ILE D 448 3.19 -23.87 -22.50
CA ILE D 448 1.82 -23.58 -22.06
C ILE D 448 0.82 -23.84 -23.18
N LYS D 449 -0.42 -24.08 -22.80
CA LYS D 449 -1.53 -24.11 -23.76
C LYS D 449 -1.74 -22.70 -24.33
N ASN D 450 -2.27 -22.63 -25.55
CA ASN D 450 -2.53 -21.34 -26.23
C ASN D 450 -3.51 -20.43 -25.46
N ASN D 451 -4.40 -21.05 -24.69
CA ASN D 451 -5.38 -20.34 -23.85
C ASN D 451 -4.97 -20.25 -22.37
N SER D 452 -3.67 -20.38 -22.09
CA SER D 452 -3.17 -20.35 -20.71
C SER D 452 -2.26 -19.12 -20.50
N ARG D 453 -1.42 -19.16 -19.47
CA ARG D 453 -0.58 -18.04 -19.04
C ARG D 453 0.81 -18.59 -18.74
N SER D 454 1.84 -17.81 -19.01
CA SER D 454 3.21 -18.20 -18.73
C SER D 454 3.91 -17.24 -17.76
N GLY D 455 4.80 -17.82 -16.95
CA GLY D 455 5.79 -17.04 -16.20
C GLY D 455 6.97 -16.73 -17.11
N GLY D 456 7.84 -15.83 -16.67
CA GLY D 456 9.10 -15.51 -17.38
C GLY D 456 10.28 -15.76 -16.47
N THR D 457 11.40 -16.17 -17.06
CA THR D 457 12.63 -16.46 -16.33
C THR D 457 13.65 -15.35 -16.59
N ILE D 458 14.87 -15.52 -16.06
CA ILE D 458 16.01 -14.65 -16.41
C ILE D 458 16.55 -14.88 -17.82
N GLY D 459 16.17 -15.99 -18.46
CA GLY D 459 16.71 -16.38 -19.78
C GLY D 459 16.74 -15.29 -20.83
N PRO D 460 15.57 -14.68 -21.14
CA PRO D 460 15.53 -13.57 -22.09
C PRO D 460 16.47 -12.39 -21.75
N SER D 461 16.56 -12.05 -20.46
CA SER D 461 17.48 -11.00 -20.02
C SER D 461 18.93 -11.35 -20.32
N LEU D 462 19.34 -12.55 -19.91
CA LEU D 462 20.72 -13.01 -20.13
C LEU D 462 21.08 -13.11 -21.62
N ALA D 463 20.15 -13.61 -22.43
CA ALA D 463 20.34 -13.72 -23.88
C ALA D 463 20.49 -12.34 -24.52
N SER D 464 19.65 -11.39 -24.11
CA SER D 464 19.70 -10.02 -24.62
C SER D 464 20.96 -9.26 -24.20
N GLN D 465 21.35 -9.41 -22.94
CA GLN D 465 22.49 -8.69 -22.38
C GLN D 465 23.83 -9.19 -22.94
N THR D 466 23.92 -10.49 -23.25
CA THR D 466 25.15 -11.10 -23.77
C THR D 466 25.20 -11.21 -25.30
N GLY D 467 24.04 -11.42 -25.92
CA GLY D 467 23.97 -11.79 -27.34
C GLY D 467 24.17 -13.27 -27.61
N ALA D 468 24.31 -14.07 -26.54
CA ALA D 468 24.64 -15.50 -26.64
C ALA D 468 23.37 -16.33 -26.72
N ARG D 469 23.46 -17.46 -27.42
CA ARG D 469 22.36 -18.42 -27.46
C ARG D 469 22.06 -18.92 -26.05
N THR D 470 20.81 -18.78 -25.63
CA THR D 470 20.37 -19.14 -24.29
C THR D 470 19.21 -20.13 -24.34
N ILE D 471 19.30 -21.14 -23.49
CA ILE D 471 18.34 -22.25 -23.44
C ILE D 471 17.68 -22.27 -22.06
N ASP D 472 16.37 -22.06 -22.01
CA ASP D 472 15.63 -22.17 -20.76
C ASP D 472 15.25 -23.64 -20.54
N LEU D 473 15.68 -24.17 -19.40
CA LEU D 473 15.36 -25.53 -18.98
C LEU D 473 15.38 -25.62 -17.46
N GLY D 474 14.98 -26.77 -16.93
CA GLY D 474 15.05 -26.97 -15.50
C GLY D 474 14.57 -28.33 -15.04
N ILE D 475 14.65 -28.53 -13.72
CA ILE D 475 14.09 -29.70 -13.07
C ILE D 475 12.65 -29.33 -12.73
N ALA D 476 11.69 -30.15 -13.17
CA ALA D 476 10.29 -29.83 -12.96
C ALA D 476 9.85 -30.13 -11.52
N GLN D 477 8.90 -29.34 -11.02
CA GLN D 477 8.31 -29.56 -9.70
C GLN D 477 6.80 -29.35 -9.71
N LEU D 478 6.12 -29.96 -8.75
CA LEU D 478 4.74 -29.64 -8.42
C LEU D 478 4.69 -28.43 -7.51
N SER D 479 3.56 -27.73 -7.52
CA SER D 479 3.21 -26.79 -6.48
C SER D 479 4.23 -25.66 -6.32
N MET D 480 4.70 -25.13 -7.44
CA MET D 480 5.64 -24.02 -7.43
C MET D 480 5.01 -22.84 -6.71
N HIS D 481 5.81 -22.17 -5.89
CA HIS D 481 5.38 -21.05 -5.05
C HIS D 481 4.53 -21.40 -3.82
N SER D 482 4.29 -22.69 -3.58
CA SER D 482 3.77 -23.11 -2.29
C SER D 482 4.85 -22.89 -1.24
N ILE D 483 4.47 -22.95 0.02
CA ILE D 483 5.45 -22.95 1.10
C ILE D 483 6.17 -24.30 1.15
N ARG D 484 5.52 -25.36 0.68
CA ARG D 484 6.12 -26.70 0.65
C ARG D 484 5.79 -27.39 -0.68
N ALA D 485 6.80 -27.57 -1.51
CA ALA D 485 6.62 -28.06 -2.88
C ALA D 485 7.09 -29.52 -3.01
N ALA D 486 7.04 -30.06 -4.23
CA ALA D 486 7.43 -31.45 -4.47
C ALA D 486 8.08 -31.65 -5.82
N THR D 487 9.06 -32.55 -5.85
CA THR D 487 9.66 -33.01 -7.09
C THR D 487 9.91 -34.52 -6.97
N GLY D 488 10.46 -35.12 -8.01
CA GLY D 488 10.81 -36.53 -7.95
C GLY D 488 12.02 -36.73 -7.05
N SER D 489 12.06 -37.85 -6.35
CA SER D 489 13.19 -38.17 -5.47
C SER D 489 14.50 -38.46 -6.23
N LYS D 490 14.39 -38.87 -7.50
CA LYS D 490 15.56 -39.05 -8.37
C LYS D 490 15.97 -37.79 -9.13
N ASP D 491 15.13 -36.75 -9.13
CA ASP D 491 15.33 -35.61 -10.03
C ASP D 491 16.53 -34.72 -9.68
N VAL D 492 16.91 -34.68 -8.40
CA VAL D 492 18.11 -33.94 -7.99
C VAL D 492 19.33 -34.59 -8.66
N GLY D 493 19.50 -35.89 -8.45
CA GLY D 493 20.59 -36.65 -9.09
C GLY D 493 20.58 -36.60 -10.62
N LEU D 494 19.39 -36.77 -11.20
CA LEU D 494 19.21 -36.66 -12.66
C LEU D 494 19.59 -35.26 -13.18
N GLY D 495 19.26 -34.22 -12.41
CA GLY D 495 19.68 -32.86 -12.72
C GLY D 495 21.20 -32.70 -12.69
N VAL D 496 21.83 -33.18 -11.63
CA VAL D 496 23.30 -33.11 -11.48
C VAL D 496 23.98 -33.82 -12.64
N LYS D 497 23.50 -35.02 -12.96
CA LYS D 497 24.03 -35.82 -14.07
C LYS D 497 23.95 -35.07 -15.41
N PHE D 498 22.80 -34.47 -15.70
CA PHE D 498 22.64 -33.71 -16.95
C PHE D 498 23.56 -32.49 -17.01
N PHE D 499 23.61 -31.71 -15.93
CA PHE D 499 24.45 -30.51 -15.88
C PHE D 499 25.94 -30.86 -15.97
N ASN D 500 26.33 -31.95 -15.33
CA ASN D 500 27.70 -32.46 -15.40
C ASN D 500 28.06 -32.82 -16.86
N GLY D 501 27.12 -33.47 -17.55
CA GLY D 501 27.25 -33.76 -18.98
C GLY D 501 27.40 -32.51 -19.84
N PHE D 502 26.64 -31.46 -19.49
CA PHE D 502 26.73 -30.17 -20.19
C PHE D 502 28.15 -29.61 -20.14
N PHE D 503 28.72 -29.49 -18.93
CA PHE D 503 30.08 -28.96 -18.79
C PHE D 503 31.14 -29.82 -19.50
N LYS D 504 30.98 -31.13 -19.46
CA LYS D 504 31.90 -32.03 -20.16
C LYS D 504 31.85 -31.89 -21.69
N HIS D 505 30.65 -31.77 -22.25
CA HIS D 505 30.45 -32.00 -23.69
C HIS D 505 29.83 -30.87 -24.53
N TRP D 506 29.44 -29.74 -23.92
CA TRP D 506 28.73 -28.70 -24.66
C TRP D 506 29.52 -28.11 -25.82
N ARG D 507 30.83 -27.93 -25.62
CA ARG D 507 31.71 -27.33 -26.63
C ARG D 507 31.79 -28.24 -27.85
N SER D 508 32.06 -29.52 -27.60
CA SER D 508 32.15 -30.53 -28.65
C SER D 508 30.82 -30.66 -29.43
N VAL D 509 29.70 -30.70 -28.72
CA VAL D 509 28.38 -30.82 -29.36
C VAL D 509 28.02 -29.56 -30.16
N TYR D 510 28.24 -28.38 -29.58
CA TYR D 510 27.94 -27.12 -30.29
C TYR D 510 28.81 -26.94 -31.56
N ASP D 511 30.02 -27.49 -31.55
CA ASP D 511 30.88 -27.50 -32.75
C ASP D 511 30.25 -28.22 -33.97
N GLU D 512 29.37 -29.19 -33.74
CA GLU D 512 28.65 -29.87 -34.85
C GLU D 512 27.66 -28.96 -35.61
N PHE D 513 27.21 -27.89 -34.94
CA PHE D 513 26.30 -26.90 -35.54
C PHE D 513 27.04 -25.83 -36.36
N GLY D 514 28.36 -25.75 -36.24
CA GLY D 514 29.16 -24.72 -36.91
C GLY D 514 29.34 -24.95 -38.39
ZN ZN E . -25.76 33.13 -8.61
ZN ZN F . -24.40 30.04 -7.55
AS CAC G . -27.23 30.23 -8.12
O1 CAC G . -26.43 31.63 -7.49
O2 CAC G . -25.99 29.13 -8.68
C1 CAC G . -28.26 29.31 -6.73
C2 CAC G . -28.40 30.68 -9.63
AS CAC H . -12.66 7.17 -1.43
O1 CAC H . -11.06 7.20 -0.71
O2 CAC H . -12.77 8.47 -2.57
C1 CAC H . -12.96 5.45 -2.34
C2 CAC H . -14.02 7.43 -0.04
ZN ZN I . 9.37 11.10 -8.71
ZN ZN J . 6.23 11.22 -10.11
AS CAC K . 7.60 8.75 -9.80
O1 CAC K . 8.57 10.14 -10.20
O2 CAC K . 6.07 9.39 -9.28
C1 CAC K . 7.35 7.69 -11.44
C2 CAC K . 8.41 7.64 -8.41
AS CAC L . -18.89 13.21 -18.68
O1 CAC L . -17.57 13.47 -17.57
O2 CAC L . -19.32 14.73 -19.42
C1 CAC L . -18.29 11.94 -20.07
C2 CAC L . -20.42 12.48 -17.71
ZN ZN M . -14.81 -30.13 19.37
ZN ZN N . -14.60 -29.61 15.81
AS CAC O . -17.07 -29.02 17.15
O1 CAC O . -16.08 -30.32 17.73
O2 CAC O . -16.16 -28.03 16.07
C1 CAC O . -18.59 -29.76 16.15
C2 CAC O . -17.77 -27.95 18.64
AS CAC P . -11.08 -23.56 -9.87
O1 CAC P . -9.87 -24.49 -10.70
O2 CAC P . -10.73 -23.61 -8.16
C1 CAC P . -11.04 -21.70 -10.50
C2 CAC P . -12.85 -24.35 -10.17
ZN ZN Q . 11.93 -19.74 -10.73
ZN ZN R . 9.20 -18.56 -8.93
AS CAC S . 9.66 -17.63 -11.70
O1 CAC S . 11.03 -18.12 -10.75
O2 CAC S . 8.31 -18.33 -10.88
C1 CAC S . 9.51 -15.67 -11.72
C2 CAC S . 9.78 -18.27 -13.55
AS CAC T . -12.20 -11.70 5.00
O1 CAC T . -11.06 -12.90 4.48
O2 CAC T . -12.27 -11.71 6.74
C1 CAC T . -11.62 -9.93 4.35
C2 CAC T . -13.97 -12.12 4.26
#